data_6KFE
# 
_entry.id   6KFE 
# 
_audit_conform.dict_name       mmcif_pdbx.dic 
_audit_conform.dict_version    5.398 
_audit_conform.dict_location   http://mmcif.pdb.org/dictionaries/ascii/mmcif_pdbx.dic 
# 
loop_
_database_2.database_id 
_database_2.database_code 
_database_2.pdbx_database_accession 
_database_2.pdbx_DOI 
PDB   6KFE         pdb_00006kfe 10.2210/pdb6kfe/pdb 
WWPDB D_1300012465 ?            ?                   
# 
loop_
_pdbx_audit_revision_history.ordinal 
_pdbx_audit_revision_history.data_content_type 
_pdbx_audit_revision_history.major_revision 
_pdbx_audit_revision_history.minor_revision 
_pdbx_audit_revision_history.revision_date 
1 'Structure model' 1 0 2020-07-08 
2 'Structure model' 1 1 2020-07-29 
3 'Structure model' 1 2 2023-11-22 
4 'Structure model' 1 3 2024-11-13 
# 
loop_
_pdbx_audit_revision_details.ordinal 
_pdbx_audit_revision_details.revision_ordinal 
_pdbx_audit_revision_details.data_content_type 
_pdbx_audit_revision_details.provider 
_pdbx_audit_revision_details.type 
_pdbx_audit_revision_details.description 
_pdbx_audit_revision_details.details 
1 1 'Structure model' repository 'Initial release' ?                          ? 
2 2 'Structure model' repository Remediation       'Carbohydrate remediation' ? 
# 
loop_
_pdbx_audit_revision_group.ordinal 
_pdbx_audit_revision_group.revision_ordinal 
_pdbx_audit_revision_group.data_content_type 
_pdbx_audit_revision_group.group 
1 2 'Structure model' 'Data collection'        
2 2 'Structure model' 'Derived calculations'   
3 2 'Structure model' 'Structure summary'      
4 3 'Structure model' 'Data collection'        
5 3 'Structure model' 'Database references'    
6 3 'Structure model' 'Refinement description' 
7 3 'Structure model' 'Structure summary'      
8 4 'Structure model' 'Structure summary'      
# 
loop_
_pdbx_audit_revision_category.ordinal 
_pdbx_audit_revision_category.revision_ordinal 
_pdbx_audit_revision_category.data_content_type 
_pdbx_audit_revision_category.category 
1  2 'Structure model' chem_comp                     
2  2 'Structure model' entity                        
3  2 'Structure model' pdbx_chem_comp_identifier     
4  2 'Structure model' pdbx_entity_nonpoly           
5  2 'Structure model' struct_conn                   
6  2 'Structure model' struct_site                   
7  2 'Structure model' struct_site_gen               
8  3 'Structure model' chem_comp                     
9  3 'Structure model' chem_comp_atom                
10 3 'Structure model' chem_comp_bond                
11 3 'Structure model' database_2                    
12 3 'Structure model' pdbx_initial_refinement_model 
13 4 'Structure model' pdbx_entry_details            
14 4 'Structure model' pdbx_modification_feature     
# 
loop_
_pdbx_audit_revision_item.ordinal 
_pdbx_audit_revision_item.revision_ordinal 
_pdbx_audit_revision_item.data_content_type 
_pdbx_audit_revision_item.item 
1  2 'Structure model' '_chem_comp.name'                              
2  2 'Structure model' '_entity.pdbx_description'                     
3  2 'Structure model' '_pdbx_entity_nonpoly.name'                    
4  2 'Structure model' '_struct_conn.pdbx_dist_value'                 
5  2 'Structure model' '_struct_conn.pdbx_role'                       
6  2 'Structure model' '_struct_conn.ptnr1_auth_seq_id'               
7  2 'Structure model' '_struct_conn.ptnr1_label_seq_id'              
8  2 'Structure model' '_struct_conn.ptnr2_auth_seq_id'               
9  2 'Structure model' '_struct_conn.ptnr2_label_seq_id'              
10 2 'Structure model' '_struct_conn.ptnr2_symmetry'                  
11 3 'Structure model' '_chem_comp.pdbx_synonyms'                     
12 3 'Structure model' '_database_2.pdbx_DOI'                         
13 3 'Structure model' '_database_2.pdbx_database_accession'          
14 4 'Structure model' '_pdbx_entry_details.has_protein_modification' 
# 
_pdbx_database_status.status_code                     REL 
_pdbx_database_status.status_code_sf                  REL 
_pdbx_database_status.status_code_mr                  ? 
_pdbx_database_status.entry_id                        6KFE 
_pdbx_database_status.recvd_initial_deposition_date   2019-07-07 
_pdbx_database_status.SG_entry                        N 
_pdbx_database_status.deposit_site                    PDBJ 
_pdbx_database_status.process_site                    PDBJ 
_pdbx_database_status.status_code_cs                  ? 
_pdbx_database_status.methods_development_category    ? 
_pdbx_database_status.pdb_format_compatible           Y 
_pdbx_database_status.status_code_nmr_data            ? 
# 
loop_
_audit_author.name 
_audit_author.pdbx_ordinal 
_audit_author.identifier_ORCID 
'Motojima, F.' 1 0000-0003-4461-8673 
'Izumi, A.'    2 ?                   
'Asano, Y.'    3 0000-0003-3645-3952 
# 
_citation.abstract                  ? 
_citation.abstract_id_CAS           ? 
_citation.book_id_ISBN              ? 
_citation.book_publisher            ? 
_citation.book_publisher_city       ? 
_citation.book_title                ? 
_citation.coordinate_linkage        ? 
_citation.country                   ? 
_citation.database_id_Medline       ? 
_citation.details                   ? 
_citation.id                        primary 
_citation.journal_abbrev            'To Be Published' 
_citation.journal_id_ASTM           ? 
_citation.journal_id_CSD            0353 
_citation.journal_id_ISSN           ? 
_citation.journal_full              ? 
_citation.journal_issue             ? 
_citation.journal_volume            ? 
_citation.language                  ? 
_citation.page_first                ? 
_citation.page_last                 ? 
_citation.title                     
'Functional and crystallographic analysis of hydroxynitrile lyase from the millipede, Chamberlinius hualienensis' 
_citation.year                      ? 
_citation.database_id_CSD           ? 
_citation.pdbx_database_id_DOI      ? 
_citation.pdbx_database_id_PubMed   ? 
_citation.unpublished_flag          ? 
# 
loop_
_citation_author.citation_id 
_citation_author.name 
_citation_author.ordinal 
_citation_author.identifier_ORCID 
primary 'Motojima, F.'    1 0000-0003-4461-8673 
primary 'Izumi, A.'       2 ?                   
primary 'Zhai, Z.'        3 ?                   
primary 'Yamaguchi, T.'   4 0000-0002-7533-430X 
primary 'Shichida, S.'    5 ?                   
primary 'Nakano, S.'      6 ?                   
primary 'Dadashipour, M.' 7 ?                   
primary 'Asano, Y.'       8 0000-0003-3645-3952 
# 
loop_
_entity.id 
_entity.type 
_entity.src_method 
_entity.pdbx_description 
_entity.formula_weight 
_entity.pdbx_number_of_molecules 
_entity.pdbx_ec 
_entity.pdbx_mutation 
_entity.pdbx_fragment 
_entity.details 
1 polymer     man 'Hydroxynitrile lyase'                   18241.252 1   ? ? ? ? 
2 non-polymer syn 'ACETATE ION'                            59.044    2   ? ? ? ? 
3 non-polymer man 2-acetamido-2-deoxy-beta-D-glucopyranose 221.208   2   ? ? ? ? 
4 water       nat water                                    18.015    170 ? ? ? ? 
# 
_entity_poly.entity_id                      1 
_entity_poly.type                           'polypeptide(L)' 
_entity_poly.nstd_linkage                   no 
_entity_poly.nstd_monomer                   no 
_entity_poly.pdbx_seq_one_letter_code       
;LTCDQLPKAAINPIQEFIDSNPLEFEYVLTETFECTTRIYVQPARWSTTKAPTALDIKGTQIMAYDFVGGPENSAHLNEC
HTGDKQVWYFQYTNLLTDNGSSYCAYRCNGTEIIEYKCASNNNGTDPLQHQAMEVAKTVPNGDKIHYAKSNCPETHGCFA
FY
;
_entity_poly.pdbx_seq_one_letter_code_can   
;LTCDQLPKAAINPIQEFIDSNPLEFEYVLTETFECTTRIYVQPARWSTTKAPTALDIKGTQIMAYDFVGGPENSAHLNEC
HTGDKQVWYFQYTNLLTDNGSSYCAYRCNGTEIIEYKCASNNNGTDPLQHQAMEVAKTVPNGDKIHYAKSNCPETHGCFA
FY
;
_entity_poly.pdbx_strand_id                 A 
_entity_poly.pdbx_target_identifier         ? 
# 
loop_
_pdbx_entity_nonpoly.entity_id 
_pdbx_entity_nonpoly.name 
_pdbx_entity_nonpoly.comp_id 
2 'ACETATE ION'                            ACT 
3 2-acetamido-2-deoxy-beta-D-glucopyranose NAG 
4 water                                    HOH 
# 
loop_
_entity_poly_seq.entity_id 
_entity_poly_seq.num 
_entity_poly_seq.mon_id 
_entity_poly_seq.hetero 
1 1   LEU n 
1 2   THR n 
1 3   CYS n 
1 4   ASP n 
1 5   GLN n 
1 6   LEU n 
1 7   PRO n 
1 8   LYS n 
1 9   ALA n 
1 10  ALA n 
1 11  ILE n 
1 12  ASN n 
1 13  PRO n 
1 14  ILE n 
1 15  GLN n 
1 16  GLU n 
1 17  PHE n 
1 18  ILE n 
1 19  ASP n 
1 20  SER n 
1 21  ASN n 
1 22  PRO n 
1 23  LEU n 
1 24  GLU n 
1 25  PHE n 
1 26  GLU n 
1 27  TYR n 
1 28  VAL n 
1 29  LEU n 
1 30  THR n 
1 31  GLU n 
1 32  THR n 
1 33  PHE n 
1 34  GLU n 
1 35  CYS n 
1 36  THR n 
1 37  THR n 
1 38  ARG n 
1 39  ILE n 
1 40  TYR n 
1 41  VAL n 
1 42  GLN n 
1 43  PRO n 
1 44  ALA n 
1 45  ARG n 
1 46  TRP n 
1 47  SER n 
1 48  THR n 
1 49  THR n 
1 50  LYS n 
1 51  ALA n 
1 52  PRO n 
1 53  THR n 
1 54  ALA n 
1 55  LEU n 
1 56  ASP n 
1 57  ILE n 
1 58  LYS n 
1 59  GLY n 
1 60  THR n 
1 61  GLN n 
1 62  ILE n 
1 63  MET n 
1 64  ALA n 
1 65  TYR n 
1 66  ASP n 
1 67  PHE n 
1 68  VAL n 
1 69  GLY n 
1 70  GLY n 
1 71  PRO n 
1 72  GLU n 
1 73  ASN n 
1 74  SER n 
1 75  ALA n 
1 76  HIS n 
1 77  LEU n 
1 78  ASN n 
1 79  GLU n 
1 80  CYS n 
1 81  HIS n 
1 82  THR n 
1 83  GLY n 
1 84  ASP n 
1 85  LYS n 
1 86  GLN n 
1 87  VAL n 
1 88  TRP n 
1 89  TYR n 
1 90  PHE n 
1 91  GLN n 
1 92  TYR n 
1 93  THR n 
1 94  ASN n 
1 95  LEU n 
1 96  LEU n 
1 97  THR n 
1 98  ASP n 
1 99  ASN n 
1 100 GLY n 
1 101 SER n 
1 102 SER n 
1 103 TYR n 
1 104 CYS n 
1 105 ALA n 
1 106 TYR n 
1 107 ARG n 
1 108 CYS n 
1 109 ASN n 
1 110 GLY n 
1 111 THR n 
1 112 GLU n 
1 113 ILE n 
1 114 ILE n 
1 115 GLU n 
1 116 TYR n 
1 117 LYS n 
1 118 CYS n 
1 119 ALA n 
1 120 SER n 
1 121 ASN n 
1 122 ASN n 
1 123 ASN n 
1 124 GLY n 
1 125 THR n 
1 126 ASP n 
1 127 PRO n 
1 128 LEU n 
1 129 GLN n 
1 130 HIS n 
1 131 GLN n 
1 132 ALA n 
1 133 MET n 
1 134 GLU n 
1 135 VAL n 
1 136 ALA n 
1 137 LYS n 
1 138 THR n 
1 139 VAL n 
1 140 PRO n 
1 141 ASN n 
1 142 GLY n 
1 143 ASP n 
1 144 LYS n 
1 145 ILE n 
1 146 HIS n 
1 147 TYR n 
1 148 ALA n 
1 149 LYS n 
1 150 SER n 
1 151 ASN n 
1 152 CYS n 
1 153 PRO n 
1 154 GLU n 
1 155 THR n 
1 156 HIS n 
1 157 GLY n 
1 158 CYS n 
1 159 PHE n 
1 160 ALA n 
1 161 PHE n 
1 162 TYR n 
# 
_entity_src_gen.entity_id                          1 
_entity_src_gen.pdbx_src_id                        1 
_entity_src_gen.pdbx_alt_source_flag               sample 
_entity_src_gen.pdbx_seq_type                      'Biological sequence' 
_entity_src_gen.pdbx_beg_seq_num                   1 
_entity_src_gen.pdbx_end_seq_num                   162 
_entity_src_gen.gene_src_common_name               ? 
_entity_src_gen.gene_src_genus                     ? 
_entity_src_gen.pdbx_gene_src_gene                 ChuaHNL 
_entity_src_gen.gene_src_species                   ? 
_entity_src_gen.gene_src_strain                    ? 
_entity_src_gen.gene_src_tissue                    ? 
_entity_src_gen.gene_src_tissue_fraction           ? 
_entity_src_gen.gene_src_details                   ? 
_entity_src_gen.pdbx_gene_src_fragment             ? 
_entity_src_gen.pdbx_gene_src_scientific_name      'Chamberlinius hualienensis' 
_entity_src_gen.pdbx_gene_src_ncbi_taxonomy_id     1551368 
_entity_src_gen.pdbx_gene_src_variant              ? 
_entity_src_gen.pdbx_gene_src_cell_line            ? 
_entity_src_gen.pdbx_gene_src_atcc                 ? 
_entity_src_gen.pdbx_gene_src_organ                ? 
_entity_src_gen.pdbx_gene_src_organelle            ? 
_entity_src_gen.pdbx_gene_src_cell                 ? 
_entity_src_gen.pdbx_gene_src_cellular_location    ? 
_entity_src_gen.host_org_common_name               ? 
_entity_src_gen.pdbx_host_org_scientific_name      'Spodoptera frugiperda' 
_entity_src_gen.pdbx_host_org_ncbi_taxonomy_id     7108 
_entity_src_gen.host_org_genus                     ? 
_entity_src_gen.pdbx_host_org_gene                 ? 
_entity_src_gen.pdbx_host_org_organ                ? 
_entity_src_gen.host_org_species                   ? 
_entity_src_gen.pdbx_host_org_tissue               ? 
_entity_src_gen.pdbx_host_org_tissue_fraction      ? 
_entity_src_gen.pdbx_host_org_strain               ? 
_entity_src_gen.pdbx_host_org_variant              ? 
_entity_src_gen.pdbx_host_org_cell_line            Sf9 
_entity_src_gen.pdbx_host_org_atcc                 ? 
_entity_src_gen.pdbx_host_org_culture_collection   ? 
_entity_src_gen.pdbx_host_org_cell                 ? 
_entity_src_gen.pdbx_host_org_organelle            ? 
_entity_src_gen.pdbx_host_org_cellular_location    ? 
_entity_src_gen.pdbx_host_org_vector_type          baculovirus 
_entity_src_gen.pdbx_host_org_vector               pFastBac 
_entity_src_gen.host_org_details                   ? 
_entity_src_gen.expression_system_id               ? 
_entity_src_gen.plasmid_name                       ? 
_entity_src_gen.plasmid_details                    ? 
_entity_src_gen.pdbx_description                   ? 
# 
loop_
_chem_comp.id 
_chem_comp.type 
_chem_comp.mon_nstd_flag 
_chem_comp.name 
_chem_comp.pdbx_synonyms 
_chem_comp.formula 
_chem_comp.formula_weight 
ACT non-polymer                  . 'ACETATE ION'                            ? 'C2 H3 O2 -1'    59.044  
ALA 'L-peptide linking'          y ALANINE                                  ? 'C3 H7 N O2'     89.093  
ARG 'L-peptide linking'          y ARGININE                                 ? 'C6 H15 N4 O2 1' 175.209 
ASN 'L-peptide linking'          y ASPARAGINE                               ? 'C4 H8 N2 O3'    132.118 
ASP 'L-peptide linking'          y 'ASPARTIC ACID'                          ? 'C4 H7 N O4'     133.103 
CYS 'L-peptide linking'          y CYSTEINE                                 ? 'C3 H7 N O2 S'   121.158 
GLN 'L-peptide linking'          y GLUTAMINE                                ? 'C5 H10 N2 O3'   146.144 
GLU 'L-peptide linking'          y 'GLUTAMIC ACID'                          ? 'C5 H9 N O4'     147.129 
GLY 'peptide linking'            y GLYCINE                                  ? 'C2 H5 N O2'     75.067  
HIS 'L-peptide linking'          y HISTIDINE                                ? 'C6 H10 N3 O2 1' 156.162 
HOH non-polymer                  . WATER                                    ? 'H2 O'           18.015  
ILE 'L-peptide linking'          y ISOLEUCINE                               ? 'C6 H13 N O2'    131.173 
LEU 'L-peptide linking'          y LEUCINE                                  ? 'C6 H13 N O2'    131.173 
LYS 'L-peptide linking'          y LYSINE                                   ? 'C6 H15 N2 O2 1' 147.195 
MET 'L-peptide linking'          y METHIONINE                               ? 'C5 H11 N O2 S'  149.211 
NAG 'D-saccharide, beta linking' . 2-acetamido-2-deoxy-beta-D-glucopyranose 
;N-acetyl-beta-D-glucosamine; 2-acetamido-2-deoxy-beta-D-glucose; 2-acetamido-2-deoxy-D-glucose; 2-acetamido-2-deoxy-glucose; N-ACETYL-D-GLUCOSAMINE
;
'C8 H15 N O6'    221.208 
PHE 'L-peptide linking'          y PHENYLALANINE                            ? 'C9 H11 N O2'    165.189 
PRO 'L-peptide linking'          y PROLINE                                  ? 'C5 H9 N O2'     115.130 
SER 'L-peptide linking'          y SERINE                                   ? 'C3 H7 N O3'     105.093 
THR 'L-peptide linking'          y THREONINE                                ? 'C4 H9 N O3'     119.119 
TRP 'L-peptide linking'          y TRYPTOPHAN                               ? 'C11 H12 N2 O2'  204.225 
TYR 'L-peptide linking'          y TYROSINE                                 ? 'C9 H11 N O3'    181.189 
VAL 'L-peptide linking'          y VALINE                                   ? 'C5 H11 N O2'    117.146 
# 
loop_
_pdbx_chem_comp_identifier.comp_id 
_pdbx_chem_comp_identifier.type 
_pdbx_chem_comp_identifier.program 
_pdbx_chem_comp_identifier.program_version 
_pdbx_chem_comp_identifier.identifier 
NAG 'CONDENSED IUPAC CARBOHYDRATE SYMBOL' GMML     1.0 DGlcpNAcb                      
NAG 'COMMON NAME'                         GMML     1.0 N-acetyl-b-D-glucopyranosamine 
NAG 'IUPAC CARBOHYDRATE SYMBOL'           PDB-CARE 1.0 b-D-GlcpNAc                    
NAG 'SNFG CARBOHYDRATE SYMBOL'            GMML     1.0 GlcNAc                         
# 
loop_
_pdbx_poly_seq_scheme.asym_id 
_pdbx_poly_seq_scheme.entity_id 
_pdbx_poly_seq_scheme.seq_id 
_pdbx_poly_seq_scheme.mon_id 
_pdbx_poly_seq_scheme.ndb_seq_num 
_pdbx_poly_seq_scheme.pdb_seq_num 
_pdbx_poly_seq_scheme.auth_seq_num 
_pdbx_poly_seq_scheme.pdb_mon_id 
_pdbx_poly_seq_scheme.auth_mon_id 
_pdbx_poly_seq_scheme.pdb_strand_id 
_pdbx_poly_seq_scheme.pdb_ins_code 
_pdbx_poly_seq_scheme.hetero 
A 1 1   LEU 1   1   1   LEU LEU A . n 
A 1 2   THR 2   2   2   THR THR A . n 
A 1 3   CYS 3   3   3   CYS CYS A . n 
A 1 4   ASP 4   4   4   ASP ASP A . n 
A 1 5   GLN 5   5   5   GLN GLN A . n 
A 1 6   LEU 6   6   6   LEU LEU A . n 
A 1 7   PRO 7   7   7   PRO PRO A . n 
A 1 8   LYS 8   8   8   LYS LYS A . n 
A 1 9   ALA 9   9   9   ALA ALA A . n 
A 1 10  ALA 10  10  10  ALA ALA A . n 
A 1 11  ILE 11  11  11  ILE ILE A . n 
A 1 12  ASN 12  12  12  ASN ASN A . n 
A 1 13  PRO 13  13  13  PRO PRO A . n 
A 1 14  ILE 14  14  14  ILE ILE A . n 
A 1 15  GLN 15  15  15  GLN GLN A . n 
A 1 16  GLU 16  16  16  GLU GLU A . n 
A 1 17  PHE 17  17  17  PHE PHE A . n 
A 1 18  ILE 18  18  18  ILE ILE A . n 
A 1 19  ASP 19  19  19  ASP ASP A . n 
A 1 20  SER 20  20  20  SER SER A . n 
A 1 21  ASN 21  21  21  ASN ASN A . n 
A 1 22  PRO 22  22  22  PRO PRO A . n 
A 1 23  LEU 23  23  23  LEU LEU A . n 
A 1 24  GLU 24  24  24  GLU GLU A . n 
A 1 25  PHE 25  25  25  PHE PHE A . n 
A 1 26  GLU 26  26  26  GLU GLU A . n 
A 1 27  TYR 27  27  27  TYR TYR A . n 
A 1 28  VAL 28  28  28  VAL VAL A . n 
A 1 29  LEU 29  29  29  LEU LEU A . n 
A 1 30  THR 30  30  30  THR THR A . n 
A 1 31  GLU 31  31  31  GLU GLU A . n 
A 1 32  THR 32  32  32  THR THR A . n 
A 1 33  PHE 33  33  33  PHE PHE A . n 
A 1 34  GLU 34  34  34  GLU GLU A . n 
A 1 35  CYS 35  35  35  CYS CYS A . n 
A 1 36  THR 36  36  36  THR THR A . n 
A 1 37  THR 37  37  37  THR THR A . n 
A 1 38  ARG 38  38  38  ARG ARG A . n 
A 1 39  ILE 39  39  39  ILE ILE A . n 
A 1 40  TYR 40  40  40  TYR TYR A . n 
A 1 41  VAL 41  41  41  VAL VAL A . n 
A 1 42  GLN 42  42  42  GLN GLN A . n 
A 1 43  PRO 43  43  43  PRO PRO A . n 
A 1 44  ALA 44  44  44  ALA ALA A . n 
A 1 45  ARG 45  45  45  ARG ARG A . n 
A 1 46  TRP 46  46  46  TRP TRP A . n 
A 1 47  SER 47  47  47  SER SER A . n 
A 1 48  THR 48  48  48  THR THR A . n 
A 1 49  THR 49  49  49  THR THR A . n 
A 1 50  LYS 50  50  50  LYS LYS A . n 
A 1 51  ALA 51  51  51  ALA ALA A . n 
A 1 52  PRO 52  52  52  PRO PRO A . n 
A 1 53  THR 53  53  53  THR THR A . n 
A 1 54  ALA 54  54  54  ALA ALA A . n 
A 1 55  LEU 55  55  55  LEU LEU A . n 
A 1 56  ASP 56  56  56  ASP ASP A . n 
A 1 57  ILE 57  57  57  ILE ILE A . n 
A 1 58  LYS 58  58  58  LYS LYS A . n 
A 1 59  GLY 59  59  59  GLY GLY A . n 
A 1 60  THR 60  60  60  THR THR A . n 
A 1 61  GLN 61  61  61  GLN GLN A . n 
A 1 62  ILE 62  62  62  ILE ILE A . n 
A 1 63  MET 63  63  63  MET MET A . n 
A 1 64  ALA 64  64  64  ALA ALA A . n 
A 1 65  TYR 65  65  65  TYR TYR A . n 
A 1 66  ASP 66  66  66  ASP ASP A . n 
A 1 67  PHE 67  67  67  PHE PHE A . n 
A 1 68  VAL 68  68  68  VAL VAL A . n 
A 1 69  GLY 69  69  69  GLY GLY A . n 
A 1 70  GLY 70  70  70  GLY GLY A . n 
A 1 71  PRO 71  71  71  PRO PRO A . n 
A 1 72  GLU 72  72  72  GLU GLU A . n 
A 1 73  ASN 73  73  73  ASN ASN A . n 
A 1 74  SER 74  74  74  SER SER A . n 
A 1 75  ALA 75  75  75  ALA ALA A . n 
A 1 76  HIS 76  76  76  HIS HIS A . n 
A 1 77  LEU 77  77  77  LEU LEU A . n 
A 1 78  ASN 78  78  78  ASN ASN A . n 
A 1 79  GLU 79  79  79  GLU GLU A . n 
A 1 80  CYS 80  80  80  CYS CYS A . n 
A 1 81  HIS 81  81  81  HIS HIS A . n 
A 1 82  THR 82  82  82  THR THR A . n 
A 1 83  GLY 83  83  83  GLY GLY A . n 
A 1 84  ASP 84  84  84  ASP ASP A . n 
A 1 85  LYS 85  85  85  LYS LYS A . n 
A 1 86  GLN 86  86  86  GLN GLN A . n 
A 1 87  VAL 87  87  87  VAL VAL A . n 
A 1 88  TRP 88  88  88  TRP TRP A . n 
A 1 89  TYR 89  89  89  TYR TYR A . n 
A 1 90  PHE 90  90  90  PHE PHE A . n 
A 1 91  GLN 91  91  91  GLN GLN A . n 
A 1 92  TYR 92  92  92  TYR TYR A . n 
A 1 93  THR 93  93  93  THR THR A . n 
A 1 94  ASN 94  94  94  ASN ASN A . n 
A 1 95  LEU 95  95  95  LEU LEU A . n 
A 1 96  LEU 96  96  96  LEU LEU A . n 
A 1 97  THR 97  97  97  THR THR A . n 
A 1 98  ASP 98  98  98  ASP ASP A . n 
A 1 99  ASN 99  99  99  ASN ASN A . n 
A 1 100 GLY 100 100 100 GLY GLY A . n 
A 1 101 SER 101 101 101 SER SER A . n 
A 1 102 SER 102 102 102 SER SER A . n 
A 1 103 TYR 103 103 103 TYR TYR A . n 
A 1 104 CYS 104 104 104 CYS CYS A . n 
A 1 105 ALA 105 105 105 ALA ALA A . n 
A 1 106 TYR 106 106 106 TYR TYR A . n 
A 1 107 ARG 107 107 107 ARG ARG A . n 
A 1 108 CYS 108 108 108 CYS CYS A . n 
A 1 109 ASN 109 109 109 ASN ASN A . n 
A 1 110 GLY 110 110 110 GLY GLY A . n 
A 1 111 THR 111 111 111 THR THR A . n 
A 1 112 GLU 112 112 112 GLU GLU A . n 
A 1 113 ILE 113 113 113 ILE ILE A . n 
A 1 114 ILE 114 114 114 ILE ILE A . n 
A 1 115 GLU 115 115 115 GLU GLU A . n 
A 1 116 TYR 116 116 116 TYR TYR A . n 
A 1 117 LYS 117 117 117 LYS LYS A . n 
A 1 118 CYS 118 118 118 CYS CYS A . n 
A 1 119 ALA 119 119 119 ALA ALA A . n 
A 1 120 SER 120 120 120 SER SER A . n 
A 1 121 ASN 121 121 121 ASN ASN A . n 
A 1 122 ASN 122 122 122 ASN ASN A . n 
A 1 123 ASN 123 123 123 ASN ASN A . n 
A 1 124 GLY 124 124 124 GLY GLY A . n 
A 1 125 THR 125 125 125 THR THR A . n 
A 1 126 ASP 126 126 126 ASP ASP A . n 
A 1 127 PRO 127 127 127 PRO PRO A . n 
A 1 128 LEU 128 128 128 LEU LEU A . n 
A 1 129 GLN 129 129 129 GLN GLN A . n 
A 1 130 HIS 130 130 130 HIS HIS A . n 
A 1 131 GLN 131 131 131 GLN GLN A . n 
A 1 132 ALA 132 132 132 ALA ALA A . n 
A 1 133 MET 133 133 133 MET MET A . n 
A 1 134 GLU 134 134 134 GLU GLU A . n 
A 1 135 VAL 135 135 135 VAL VAL A . n 
A 1 136 ALA 136 136 136 ALA ALA A . n 
A 1 137 LYS 137 137 137 LYS LYS A . n 
A 1 138 THR 138 138 138 THR THR A . n 
A 1 139 VAL 139 139 139 VAL VAL A . n 
A 1 140 PRO 140 140 140 PRO PRO A . n 
A 1 141 ASN 141 141 141 ASN ASN A . n 
A 1 142 GLY 142 142 142 GLY GLY A . n 
A 1 143 ASP 143 143 143 ASP ASP A . n 
A 1 144 LYS 144 144 144 LYS LYS A . n 
A 1 145 ILE 145 145 145 ILE ILE A . n 
A 1 146 HIS 146 146 146 HIS HIS A . n 
A 1 147 TYR 147 147 147 TYR TYR A . n 
A 1 148 ALA 148 148 148 ALA ALA A . n 
A 1 149 LYS 149 149 149 LYS LYS A . n 
A 1 150 SER 150 150 150 SER SER A . n 
A 1 151 ASN 151 151 151 ASN ASN A . n 
A 1 152 CYS 152 152 152 CYS CYS A . n 
A 1 153 PRO 153 153 153 PRO PRO A . n 
A 1 154 GLU 154 154 154 GLU GLU A . n 
A 1 155 THR 155 155 155 THR THR A . n 
A 1 156 HIS 156 156 156 HIS HIS A . n 
A 1 157 GLY 157 157 157 GLY GLY A . n 
A 1 158 CYS 158 158 158 CYS CYS A . n 
A 1 159 PHE 159 159 159 PHE PHE A . n 
A 1 160 ALA 160 160 160 ALA ALA A . n 
A 1 161 PHE 161 161 161 PHE PHE A . n 
A 1 162 TYR 162 162 162 TYR TYR A . n 
# 
loop_
_pdbx_nonpoly_scheme.asym_id 
_pdbx_nonpoly_scheme.entity_id 
_pdbx_nonpoly_scheme.mon_id 
_pdbx_nonpoly_scheme.ndb_seq_num 
_pdbx_nonpoly_scheme.pdb_seq_num 
_pdbx_nonpoly_scheme.auth_seq_num 
_pdbx_nonpoly_scheme.pdb_mon_id 
_pdbx_nonpoly_scheme.auth_mon_id 
_pdbx_nonpoly_scheme.pdb_strand_id 
_pdbx_nonpoly_scheme.pdb_ins_code 
B 2 ACT 1   201 201 ACT ACT A . 
C 2 ACT 1   202 202 ACT ACT A . 
D 3 NAG 1   203 203 NAG NAG A . 
E 3 NAG 1   204 204 NAG NAG A . 
F 4 HOH 1   301 301 HOH HOH A . 
F 4 HOH 2   302 302 HOH HOH A . 
F 4 HOH 3   303 303 HOH HOH A . 
F 4 HOH 4   304 304 HOH HOH A . 
F 4 HOH 5   305 305 HOH HOH A . 
F 4 HOH 6   306 306 HOH HOH A . 
F 4 HOH 7   307 307 HOH HOH A . 
F 4 HOH 8   308 308 HOH HOH A . 
F 4 HOH 9   309 309 HOH HOH A . 
F 4 HOH 10  310 310 HOH HOH A . 
F 4 HOH 11  311 311 HOH HOH A . 
F 4 HOH 12  312 312 HOH HOH A . 
F 4 HOH 13  313 313 HOH HOH A . 
F 4 HOH 14  314 314 HOH HOH A . 
F 4 HOH 15  315 315 HOH HOH A . 
F 4 HOH 16  316 316 HOH HOH A . 
F 4 HOH 17  317 317 HOH HOH A . 
F 4 HOH 18  318 318 HOH HOH A . 
F 4 HOH 19  319 319 HOH HOH A . 
F 4 HOH 20  320 320 HOH HOH A . 
F 4 HOH 21  321 321 HOH HOH A . 
F 4 HOH 22  322 322 HOH HOH A . 
F 4 HOH 23  323 323 HOH HOH A . 
F 4 HOH 24  324 324 HOH HOH A . 
F 4 HOH 25  325 325 HOH HOH A . 
F 4 HOH 26  326 326 HOH HOH A . 
F 4 HOH 27  327 327 HOH HOH A . 
F 4 HOH 28  328 328 HOH HOH A . 
F 4 HOH 29  329 329 HOH HOH A . 
F 4 HOH 30  330 330 HOH HOH A . 
F 4 HOH 31  331 331 HOH HOH A . 
F 4 HOH 32  332 332 HOH HOH A . 
F 4 HOH 33  333 333 HOH HOH A . 
F 4 HOH 34  334 334 HOH HOH A . 
F 4 HOH 35  335 335 HOH HOH A . 
F 4 HOH 36  336 336 HOH HOH A . 
F 4 HOH 37  337 337 HOH HOH A . 
F 4 HOH 38  338 338 HOH HOH A . 
F 4 HOH 39  339 339 HOH HOH A . 
F 4 HOH 40  340 340 HOH HOH A . 
F 4 HOH 41  341 341 HOH HOH A . 
F 4 HOH 42  342 342 HOH HOH A . 
F 4 HOH 43  343 343 HOH HOH A . 
F 4 HOH 44  344 344 HOH HOH A . 
F 4 HOH 45  345 345 HOH HOH A . 
F 4 HOH 46  346 346 HOH HOH A . 
F 4 HOH 47  347 347 HOH HOH A . 
F 4 HOH 48  348 348 HOH HOH A . 
F 4 HOH 49  349 349 HOH HOH A . 
F 4 HOH 50  350 350 HOH HOH A . 
F 4 HOH 51  351 351 HOH HOH A . 
F 4 HOH 52  352 352 HOH HOH A . 
F 4 HOH 53  353 353 HOH HOH A . 
F 4 HOH 54  354 354 HOH HOH A . 
F 4 HOH 55  355 355 HOH HOH A . 
F 4 HOH 56  356 356 HOH HOH A . 
F 4 HOH 57  357 357 HOH HOH A . 
F 4 HOH 58  358 358 HOH HOH A . 
F 4 HOH 59  359 359 HOH HOH A . 
F 4 HOH 60  360 360 HOH HOH A . 
F 4 HOH 61  361 361 HOH HOH A . 
F 4 HOH 62  362 362 HOH HOH A . 
F 4 HOH 63  363 363 HOH HOH A . 
F 4 HOH 64  364 364 HOH HOH A . 
F 4 HOH 65  365 365 HOH HOH A . 
F 4 HOH 66  366 366 HOH HOH A . 
F 4 HOH 67  367 367 HOH HOH A . 
F 4 HOH 68  368 368 HOH HOH A . 
F 4 HOH 69  369 369 HOH HOH A . 
F 4 HOH 70  370 370 HOH HOH A . 
F 4 HOH 71  371 371 HOH HOH A . 
F 4 HOH 72  372 372 HOH HOH A . 
F 4 HOH 73  373 373 HOH HOH A . 
F 4 HOH 74  374 374 HOH HOH A . 
F 4 HOH 75  375 375 HOH HOH A . 
F 4 HOH 76  376 376 HOH HOH A . 
F 4 HOH 77  377 377 HOH HOH A . 
F 4 HOH 78  378 378 HOH HOH A . 
F 4 HOH 79  379 379 HOH HOH A . 
F 4 HOH 80  380 380 HOH HOH A . 
F 4 HOH 81  381 381 HOH HOH A . 
F 4 HOH 82  382 382 HOH HOH A . 
F 4 HOH 83  383 383 HOH HOH A . 
F 4 HOH 84  384 384 HOH HOH A . 
F 4 HOH 85  385 385 HOH HOH A . 
F 4 HOH 86  386 386 HOH HOH A . 
F 4 HOH 87  387 387 HOH HOH A . 
F 4 HOH 88  388 388 HOH HOH A . 
F 4 HOH 89  389 389 HOH HOH A . 
F 4 HOH 90  390 390 HOH HOH A . 
F 4 HOH 91  391 391 HOH HOH A . 
F 4 HOH 92  392 392 HOH HOH A . 
F 4 HOH 93  393 393 HOH HOH A . 
F 4 HOH 94  394 394 HOH HOH A . 
F 4 HOH 95  395 395 HOH HOH A . 
F 4 HOH 96  396 396 HOH HOH A . 
F 4 HOH 97  397 397 HOH HOH A . 
F 4 HOH 98  398 398 HOH HOH A . 
F 4 HOH 99  399 399 HOH HOH A . 
F 4 HOH 100 400 400 HOH HOH A . 
F 4 HOH 101 401 401 HOH HOH A . 
F 4 HOH 102 402 402 HOH HOH A . 
F 4 HOH 103 403 403 HOH HOH A . 
F 4 HOH 104 404 404 HOH HOH A . 
F 4 HOH 105 405 405 HOH HOH A . 
F 4 HOH 106 406 406 HOH HOH A . 
F 4 HOH 107 407 407 HOH HOH A . 
F 4 HOH 108 408 408 HOH HOH A . 
F 4 HOH 109 409 409 HOH HOH A . 
F 4 HOH 110 410 410 HOH HOH A . 
F 4 HOH 111 411 411 HOH HOH A . 
F 4 HOH 112 412 412 HOH HOH A . 
F 4 HOH 113 413 413 HOH HOH A . 
F 4 HOH 114 414 414 HOH HOH A . 
F 4 HOH 115 415 415 HOH HOH A . 
F 4 HOH 116 416 416 HOH HOH A . 
F 4 HOH 117 417 417 HOH HOH A . 
F 4 HOH 118 418 418 HOH HOH A . 
F 4 HOH 119 419 419 HOH HOH A . 
F 4 HOH 120 420 420 HOH HOH A . 
F 4 HOH 121 421 421 HOH HOH A . 
F 4 HOH 122 422 422 HOH HOH A . 
F 4 HOH 123 423 423 HOH HOH A . 
F 4 HOH 124 424 424 HOH HOH A . 
F 4 HOH 125 425 425 HOH HOH A . 
F 4 HOH 126 426 426 HOH HOH A . 
F 4 HOH 127 427 427 HOH HOH A . 
F 4 HOH 128 428 428 HOH HOH A . 
F 4 HOH 129 429 429 HOH HOH A . 
F 4 HOH 130 430 430 HOH HOH A . 
F 4 HOH 131 431 431 HOH HOH A . 
F 4 HOH 132 432 432 HOH HOH A . 
F 4 HOH 133 433 433 HOH HOH A . 
F 4 HOH 134 434 434 HOH HOH A . 
F 4 HOH 135 435 435 HOH HOH A . 
F 4 HOH 136 436 436 HOH HOH A . 
F 4 HOH 137 437 437 HOH HOH A . 
F 4 HOH 138 438 438 HOH HOH A . 
F 4 HOH 139 439 439 HOH HOH A . 
F 4 HOH 140 440 440 HOH HOH A . 
F 4 HOH 141 441 441 HOH HOH A . 
F 4 HOH 142 442 442 HOH HOH A . 
F 4 HOH 143 443 443 HOH HOH A . 
F 4 HOH 144 444 444 HOH HOH A . 
F 4 HOH 145 445 445 HOH HOH A . 
F 4 HOH 146 446 446 HOH HOH A . 
F 4 HOH 147 447 447 HOH HOH A . 
F 4 HOH 148 448 448 HOH HOH A . 
F 4 HOH 149 449 449 HOH HOH A . 
F 4 HOH 150 450 450 HOH HOH A . 
F 4 HOH 151 451 451 HOH HOH A . 
F 4 HOH 152 452 452 HOH HOH A . 
F 4 HOH 153 453 453 HOH HOH A . 
F 4 HOH 154 454 454 HOH HOH A . 
F 4 HOH 155 455 455 HOH HOH A . 
F 4 HOH 156 456 456 HOH HOH A . 
F 4 HOH 157 457 457 HOH HOH A . 
F 4 HOH 158 458 458 HOH HOH A . 
F 4 HOH 159 459 459 HOH HOH A . 
F 4 HOH 160 460 460 HOH HOH A . 
F 4 HOH 161 461 461 HOH HOH A . 
F 4 HOH 162 462 462 HOH HOH A . 
F 4 HOH 163 463 463 HOH HOH A . 
F 4 HOH 164 464 464 HOH HOH A . 
F 4 HOH 165 465 465 HOH HOH A . 
F 4 HOH 166 466 466 HOH HOH A . 
F 4 HOH 167 467 467 HOH HOH A . 
F 4 HOH 168 468 468 HOH HOH A . 
F 4 HOH 169 469 469 HOH HOH A . 
F 4 HOH 170 470 470 HOH HOH A . 
# 
loop_
_software.citation_id 
_software.classification 
_software.compiler_name 
_software.compiler_version 
_software.contact_author 
_software.contact_author_email 
_software.date 
_software.description 
_software.dependencies 
_software.hardware 
_software.language 
_software.location 
_software.mods 
_software.name 
_software.os 
_software.os_version 
_software.type 
_software.version 
_software.pdbx_ordinal 
? refinement       ? ? ? ? ? ? ? ? ? ? ? REFMAC ? ? ? 5.8.0158 1 
? 'data reduction' ? ? ? ? ? ? ? ? ? ? ? XDS    ? ? ? 0.48     2 
? 'data scaling'   ? ? ? ? ? ? ? ? ? ? ? SCALA  ? ? ? 3.3.22   3 
? phasing          ? ? ? ? ? ? ? ? ? ? ? MOLREP ? ? ? 11.2.08  4 
# 
_cell.angle_alpha                  90.00 
_cell.angle_alpha_esd              ? 
_cell.angle_beta                   90.00 
_cell.angle_beta_esd               ? 
_cell.angle_gamma                  120.00 
_cell.angle_gamma_esd              ? 
_cell.entry_id                     6KFE 
_cell.details                      ? 
_cell.formula_units_Z              ? 
_cell.length_a                     57.924 
_cell.length_a_esd                 ? 
_cell.length_b                     57.924 
_cell.length_b_esd                 ? 
_cell.length_c                     226.321 
_cell.length_c_esd                 ? 
_cell.volume                       ? 
_cell.volume_esd                   ? 
_cell.Z_PDB                        12 
_cell.reciprocal_angle_alpha       ? 
_cell.reciprocal_angle_beta        ? 
_cell.reciprocal_angle_gamma       ? 
_cell.reciprocal_angle_alpha_esd   ? 
_cell.reciprocal_angle_beta_esd    ? 
_cell.reciprocal_angle_gamma_esd   ? 
_cell.reciprocal_length_a          ? 
_cell.reciprocal_length_b          ? 
_cell.reciprocal_length_c          ? 
_cell.reciprocal_length_a_esd      ? 
_cell.reciprocal_length_b_esd      ? 
_cell.reciprocal_length_c_esd      ? 
_cell.pdbx_unique_axis             ? 
# 
_symmetry.entry_id                         6KFE 
_symmetry.cell_setting                     ? 
_symmetry.Int_Tables_number                178 
_symmetry.space_group_name_Hall            ? 
_symmetry.space_group_name_H-M             'P 61 2 2' 
_symmetry.pdbx_full_space_group_name_H-M   ? 
# 
_exptl.absorpt_coefficient_mu     ? 
_exptl.absorpt_correction_T_max   ? 
_exptl.absorpt_correction_T_min   ? 
_exptl.absorpt_correction_type    ? 
_exptl.absorpt_process_details    ? 
_exptl.entry_id                   6KFE 
_exptl.crystals_number            1 
_exptl.details                    ? 
_exptl.method                     'X-RAY DIFFRACTION' 
_exptl.method_details             ? 
# 
_exptl_crystal.colour                      ? 
_exptl_crystal.density_diffrn              ? 
_exptl_crystal.density_Matthews            3.06 
_exptl_crystal.density_method              ? 
_exptl_crystal.density_percent_sol         59.83 
_exptl_crystal.description                 bipyramid 
_exptl_crystal.F_000                       ? 
_exptl_crystal.id                          1 
_exptl_crystal.preparation                 ? 
_exptl_crystal.size_max                    ? 
_exptl_crystal.size_mid                    ? 
_exptl_crystal.size_min                    ? 
_exptl_crystal.size_rad                    ? 
_exptl_crystal.colour_lustre               ? 
_exptl_crystal.colour_modifier             ? 
_exptl_crystal.colour_primary              ? 
_exptl_crystal.density_meas                ? 
_exptl_crystal.density_meas_esd            ? 
_exptl_crystal.density_meas_gt             ? 
_exptl_crystal.density_meas_lt             ? 
_exptl_crystal.density_meas_temp           ? 
_exptl_crystal.density_meas_temp_esd       ? 
_exptl_crystal.density_meas_temp_gt        ? 
_exptl_crystal.density_meas_temp_lt        ? 
_exptl_crystal.pdbx_crystal_image_url      ? 
_exptl_crystal.pdbx_crystal_image_format   ? 
_exptl_crystal.pdbx_mosaicity              ? 
_exptl_crystal.pdbx_mosaicity_esd          ? 
# 
_exptl_crystal_grow.apparatus       ? 
_exptl_crystal_grow.atmosphere      ? 
_exptl_crystal_grow.crystal_id      1 
_exptl_crystal_grow.details         ? 
_exptl_crystal_grow.method          'VAPOR DIFFUSION, HANGING DROP' 
_exptl_crystal_grow.method_ref      ? 
_exptl_crystal_grow.pH              5 
_exptl_crystal_grow.pressure        ? 
_exptl_crystal_grow.pressure_esd    ? 
_exptl_crystal_grow.seeding         ? 
_exptl_crystal_grow.seeding_ref     ? 
_exptl_crystal_grow.temp            293 
_exptl_crystal_grow.temp_details    ? 
_exptl_crystal_grow.temp_esd        ? 
_exptl_crystal_grow.time            ? 
_exptl_crystal_grow.pdbx_details    
'0.2 M ammonium sulfate, 0.1 M sodium acetate (pH 5.0), 28-32% (w/v) PEG monomethyl ether 2000, 0.3 M NDSB-195' 
_exptl_crystal_grow.pdbx_pH_range   ? 
# 
_diffrn.ambient_environment              ? 
_diffrn.ambient_temp                     100 
_diffrn.ambient_temp_details             ? 
_diffrn.ambient_temp_esd                 ? 
_diffrn.crystal_id                       1 
_diffrn.crystal_support                  ? 
_diffrn.crystal_treatment                ? 
_diffrn.details                          ? 
_diffrn.id                               1 
_diffrn.ambient_pressure                 ? 
_diffrn.ambient_pressure_esd             ? 
_diffrn.ambient_pressure_gt              ? 
_diffrn.ambient_pressure_lt              ? 
_diffrn.ambient_temp_gt                  ? 
_diffrn.ambient_temp_lt                  ? 
_diffrn.pdbx_serial_crystal_experiment   N 
# 
_diffrn_detector.details                      ? 
_diffrn_detector.detector                     CCD 
_diffrn_detector.diffrn_id                    1 
_diffrn_detector.type                         'ADSC QUANTUM 315r' 
_diffrn_detector.area_resol_mean              ? 
_diffrn_detector.dtime                        ? 
_diffrn_detector.pdbx_frames_total            ? 
_diffrn_detector.pdbx_collection_time_total   ? 
_diffrn_detector.pdbx_collection_date         2016-03-18 
_diffrn_detector.pdbx_frequency               ? 
# 
_diffrn_radiation.collimation                      ? 
_diffrn_radiation.diffrn_id                        1 
_diffrn_radiation.filter_edge                      ? 
_diffrn_radiation.inhomogeneity                    ? 
_diffrn_radiation.monochromator                    'SI(111)' 
_diffrn_radiation.polarisn_norm                    ? 
_diffrn_radiation.polarisn_ratio                   ? 
_diffrn_radiation.probe                            ? 
_diffrn_radiation.type                             ? 
_diffrn_radiation.xray_symbol                      ? 
_diffrn_radiation.wavelength_id                    1 
_diffrn_radiation.pdbx_monochromatic_or_laue_m_l   M 
_diffrn_radiation.pdbx_wavelength_list             ? 
_diffrn_radiation.pdbx_wavelength                  ? 
_diffrn_radiation.pdbx_diffrn_protocol             'SINGLE WAVELENGTH' 
_diffrn_radiation.pdbx_analyzer                    ? 
_diffrn_radiation.pdbx_scattering_type             x-ray 
# 
_diffrn_radiation_wavelength.id           1 
_diffrn_radiation_wavelength.wavelength   1.0 
_diffrn_radiation_wavelength.wt           1.0 
# 
_diffrn_source.current                     ? 
_diffrn_source.details                     ? 
_diffrn_source.diffrn_id                   1 
_diffrn_source.power                       ? 
_diffrn_source.size                        ? 
_diffrn_source.source                      SYNCHROTRON 
_diffrn_source.target                      ? 
_diffrn_source.type                        'PHOTON FACTORY BEAMLINE BL-5A' 
_diffrn_source.voltage                     ? 
_diffrn_source.take-off_angle              ? 
_diffrn_source.pdbx_wavelength_list        1.0 
_diffrn_source.pdbx_wavelength             ? 
_diffrn_source.pdbx_synchrotron_beamline   BL-5A 
_diffrn_source.pdbx_synchrotron_site       'Photon Factory' 
# 
_reflns.B_iso_Wilson_estimate            ? 
_reflns.entry_id                         6KFE 
_reflns.data_reduction_details           ? 
_reflns.data_reduction_method            ? 
_reflns.d_resolution_high                2.0 
_reflns.d_resolution_low                 50.16 
_reflns.details                          ? 
_reflns.limit_h_max                      ? 
_reflns.limit_h_min                      ? 
_reflns.limit_k_max                      ? 
_reflns.limit_k_min                      ? 
_reflns.limit_l_max                      ? 
_reflns.limit_l_min                      ? 
_reflns.number_all                       ? 
_reflns.number_obs                       15329 
_reflns.observed_criterion               ? 
_reflns.observed_criterion_F_max         ? 
_reflns.observed_criterion_F_min         ? 
_reflns.observed_criterion_I_max         ? 
_reflns.observed_criterion_I_min         ? 
_reflns.observed_criterion_sigma_F       ? 
_reflns.observed_criterion_sigma_I       ? 
_reflns.percent_possible_obs             99.99 
_reflns.R_free_details                   ? 
_reflns.Rmerge_F_all                     ? 
_reflns.Rmerge_F_obs                     ? 
_reflns.Friedel_coverage                 ? 
_reflns.number_gt                        ? 
_reflns.threshold_expression             ? 
_reflns.pdbx_redundancy                  14.8 
_reflns.pdbx_Rmerge_I_obs                ? 
_reflns.pdbx_Rmerge_I_all                ? 
_reflns.pdbx_Rsym_value                  ? 
_reflns.pdbx_netI_over_av_sigmaI         ? 
_reflns.pdbx_netI_over_sigmaI            19.6 
_reflns.pdbx_res_netI_over_av_sigmaI_2   ? 
_reflns.pdbx_res_netI_over_sigmaI_2      ? 
_reflns.pdbx_chi_squared                 ? 
_reflns.pdbx_scaling_rejects             ? 
_reflns.pdbx_d_res_high_opt              ? 
_reflns.pdbx_d_res_low_opt               ? 
_reflns.pdbx_d_res_opt_method            ? 
_reflns.phase_calculation_details        ? 
_reflns.pdbx_Rrim_I_all                  ? 
_reflns.pdbx_Rpim_I_all                  ? 
_reflns.pdbx_d_opt                       ? 
_reflns.pdbx_number_measured_all         ? 
_reflns.pdbx_diffrn_id                   1 
_reflns.pdbx_ordinal                     1 
_reflns.pdbx_CC_half                     ? 
_reflns.pdbx_R_split                     ? 
# 
_reflns_shell.d_res_high                  2.00 
_reflns_shell.d_res_low                   2.11 
_reflns_shell.meanI_over_sigI_all         ? 
_reflns_shell.meanI_over_sigI_obs         4.7 
_reflns_shell.number_measured_all         ? 
_reflns_shell.number_measured_obs         ? 
_reflns_shell.number_possible             ? 
_reflns_shell.number_unique_all           ? 
_reflns_shell.number_unique_obs           2269 
_reflns_shell.percent_possible_all        100 
_reflns_shell.percent_possible_obs        ? 
_reflns_shell.Rmerge_F_all                ? 
_reflns_shell.Rmerge_F_obs                ? 
_reflns_shell.Rmerge_I_all                ? 
_reflns_shell.Rmerge_I_obs                0.720 
_reflns_shell.meanI_over_sigI_gt          ? 
_reflns_shell.meanI_over_uI_all           ? 
_reflns_shell.meanI_over_uI_gt            ? 
_reflns_shell.number_measured_gt          ? 
_reflns_shell.number_unique_gt            ? 
_reflns_shell.percent_possible_gt         ? 
_reflns_shell.Rmerge_F_gt                 ? 
_reflns_shell.Rmerge_I_gt                 ? 
_reflns_shell.pdbx_redundancy             15.2 
_reflns_shell.pdbx_Rsym_value             0.765 
_reflns_shell.pdbx_chi_squared            ? 
_reflns_shell.pdbx_netI_over_sigmaI_all   ? 
_reflns_shell.pdbx_netI_over_sigmaI_obs   ? 
_reflns_shell.pdbx_Rrim_I_all             0.765 
_reflns_shell.pdbx_Rpim_I_all             0.192 
_reflns_shell.pdbx_rejects                ? 
_reflns_shell.pdbx_ordinal                1 
_reflns_shell.pdbx_diffrn_id              1 
_reflns_shell.pdbx_CC_half                0.950 
_reflns_shell.pdbx_R_split                ? 
# 
_refine.aniso_B[1][1]                            0.76 
_refine.aniso_B[1][2]                            0.38 
_refine.aniso_B[1][3]                            0.00 
_refine.aniso_B[2][2]                            0.76 
_refine.aniso_B[2][3]                            0.00 
_refine.aniso_B[3][3]                            -2.47 
_refine.B_iso_max                                ? 
_refine.B_iso_mean                               23.497 
_refine.B_iso_min                                ? 
_refine.correlation_coeff_Fo_to_Fc               0.963 
_refine.correlation_coeff_Fo_to_Fc_free          0.944 
_refine.details                                  'HYDROGENS HAVE BEEN ADDED IN THE RIDING POSITIONS' 
_refine.diff_density_max                         ? 
_refine.diff_density_max_esd                     ? 
_refine.diff_density_min                         ? 
_refine.diff_density_min_esd                     ? 
_refine.diff_density_rms                         ? 
_refine.diff_density_rms_esd                     ? 
_refine.entry_id                                 6KFE 
_refine.pdbx_refine_id                           'X-RAY DIFFRACTION' 
_refine.ls_abs_structure_details                 ? 
_refine.ls_abs_structure_Flack                   ? 
_refine.ls_abs_structure_Flack_esd               ? 
_refine.ls_abs_structure_Rogers                  ? 
_refine.ls_abs_structure_Rogers_esd              ? 
_refine.ls_d_res_high                            2.00 
_refine.ls_d_res_low                             50.16 
_refine.ls_extinction_coef                       ? 
_refine.ls_extinction_coef_esd                   ? 
_refine.ls_extinction_expression                 ? 
_refine.ls_extinction_method                     ? 
_refine.ls_goodness_of_fit_all                   ? 
_refine.ls_goodness_of_fit_all_esd               ? 
_refine.ls_goodness_of_fit_obs                   ? 
_refine.ls_goodness_of_fit_obs_esd               ? 
_refine.ls_hydrogen_treatment                    ? 
_refine.ls_matrix_type                           ? 
_refine.ls_number_constraints                    ? 
_refine.ls_number_parameters                     ? 
_refine.ls_number_reflns_all                     ? 
_refine.ls_number_reflns_obs                     15329 
_refine.ls_number_reflns_R_free                  821 
_refine.ls_number_reflns_R_work                  ? 
_refine.ls_number_restraints                     ? 
_refine.ls_percent_reflns_obs                    99.99 
_refine.ls_percent_reflns_R_free                 5.1 
_refine.ls_R_factor_all                          ? 
_refine.ls_R_factor_obs                          0.15980 
_refine.ls_R_factor_R_free                       0.20513 
_refine.ls_R_factor_R_free_error                 ? 
_refine.ls_R_factor_R_free_error_details         ? 
_refine.ls_R_factor_R_work                       0.15747 
_refine.ls_R_Fsqd_factor_obs                     ? 
_refine.ls_R_I_factor_obs                        ? 
_refine.ls_redundancy_reflns_all                 ? 
_refine.ls_redundancy_reflns_obs                 ? 
_refine.ls_restrained_S_all                      ? 
_refine.ls_restrained_S_obs                      ? 
_refine.ls_shift_over_esd_max                    ? 
_refine.ls_shift_over_esd_mean                   ? 
_refine.ls_structure_factor_coef                 ? 
_refine.ls_weighting_details                     ? 
_refine.ls_weighting_scheme                      ? 
_refine.ls_wR_factor_all                         ? 
_refine.ls_wR_factor_obs                         ? 
_refine.ls_wR_factor_R_free                      ? 
_refine.ls_wR_factor_R_work                      ? 
_refine.occupancy_max                            ? 
_refine.occupancy_min                            ? 
_refine.solvent_model_details                    ? 
_refine.solvent_model_param_bsol                 ? 
_refine.solvent_model_param_ksol                 ? 
_refine.ls_R_factor_gt                           ? 
_refine.ls_goodness_of_fit_gt                    ? 
_refine.ls_goodness_of_fit_ref                   ? 
_refine.ls_shift_over_su_max                     ? 
_refine.ls_shift_over_su_max_lt                  ? 
_refine.ls_shift_over_su_mean                    ? 
_refine.ls_shift_over_su_mean_lt                 ? 
_refine.pdbx_ls_sigma_I                          ? 
_refine.pdbx_ls_sigma_F                          ? 
_refine.pdbx_ls_sigma_Fsqd                       ? 
_refine.pdbx_data_cutoff_high_absF               ? 
_refine.pdbx_data_cutoff_high_rms_absF           ? 
_refine.pdbx_data_cutoff_low_absF                ? 
_refine.pdbx_isotropic_thermal_model             ? 
_refine.pdbx_ls_cross_valid_method               THROUGHOUT 
_refine.pdbx_method_to_determine_struct          'MOLECULAR REPLACEMENT' 
_refine.pdbx_starting_model                      6KFA 
_refine.pdbx_stereochemistry_target_values       ? 
_refine.pdbx_R_Free_selection_details            RANDOM 
_refine.pdbx_stereochem_target_val_spec_case     ? 
_refine.pdbx_overall_ESU_R                       0.129 
_refine.pdbx_overall_ESU_R_Free                  0.131 
_refine.pdbx_solvent_vdw_probe_radii             1.20 
_refine.pdbx_solvent_ion_probe_radii             0.80 
_refine.pdbx_solvent_shrinkage_radii             0.80 
_refine.pdbx_real_space_R                        ? 
_refine.pdbx_density_correlation                 ? 
_refine.pdbx_pd_number_of_powder_patterns        ? 
_refine.pdbx_pd_number_of_points                 ? 
_refine.pdbx_pd_meas_number_of_points            ? 
_refine.pdbx_pd_proc_ls_prof_R_factor            ? 
_refine.pdbx_pd_proc_ls_prof_wR_factor           ? 
_refine.pdbx_pd_Marquardt_correlation_coeff      ? 
_refine.pdbx_pd_Fsqrd_R_factor                   ? 
_refine.pdbx_pd_ls_matrix_band_width             ? 
_refine.pdbx_overall_phase_error                 ? 
_refine.pdbx_overall_SU_R_free_Cruickshank_DPI   ? 
_refine.pdbx_overall_SU_R_free_Blow_DPI          ? 
_refine.pdbx_overall_SU_R_Blow_DPI               ? 
_refine.pdbx_TLS_residual_ADP_flag               ? 
_refine.pdbx_diffrn_id                           1 
_refine.overall_SU_B                             2.968 
_refine.overall_SU_ML                            0.082 
_refine.overall_SU_R_Cruickshank_DPI             ? 
_refine.overall_SU_R_free                        ? 
_refine.overall_FOM_free_R_set                   ? 
_refine.overall_FOM_work_R_set                   ? 
_refine.pdbx_average_fsc_overall                 ? 
_refine.pdbx_average_fsc_work                    ? 
_refine.pdbx_average_fsc_free                    ? 
# 
_refine_hist.pdbx_refine_id                   'X-RAY DIFFRACTION' 
_refine_hist.cycle_id                         1 
_refine_hist.details                          ? 
_refine_hist.d_res_high                       2.00 
_refine_hist.d_res_low                        50.16 
_refine_hist.number_atoms_solvent             170 
_refine_hist.number_atoms_total               1486 
_refine_hist.number_reflns_all                ? 
_refine_hist.number_reflns_obs                ? 
_refine_hist.number_reflns_R_free             ? 
_refine_hist.number_reflns_R_work             ? 
_refine_hist.R_factor_all                     ? 
_refine_hist.R_factor_obs                     ? 
_refine_hist.R_factor_R_free                  ? 
_refine_hist.R_factor_R_work                  ? 
_refine_hist.pdbx_number_residues_total       ? 
_refine_hist.pdbx_B_iso_mean_ligand           ? 
_refine_hist.pdbx_B_iso_mean_solvent          ? 
_refine_hist.pdbx_number_atoms_protein        1280 
_refine_hist.pdbx_number_atoms_nucleic_acid   0 
_refine_hist.pdbx_number_atoms_ligand         36 
_refine_hist.pdbx_number_atoms_lipid          ? 
_refine_hist.pdbx_number_atoms_carb           ? 
_refine_hist.pdbx_pseudo_atom_details         ? 
# 
loop_
_refine_ls_restr.pdbx_refine_id 
_refine_ls_restr.criterion 
_refine_ls_restr.dev_ideal 
_refine_ls_restr.dev_ideal_target 
_refine_ls_restr.number 
_refine_ls_restr.rejects 
_refine_ls_restr.type 
_refine_ls_restr.weight 
_refine_ls_restr.pdbx_restraint_function 
'X-RAY DIFFRACTION' ? 0.010  0.019  1369 ? r_bond_refined_d             ? ? 
'X-RAY DIFFRACTION' ? 0.002  0.020  1155 ? r_bond_other_d               ? ? 
'X-RAY DIFFRACTION' ? 1.435  1.961  1872 ? r_angle_refined_deg          ? ? 
'X-RAY DIFFRACTION' ? 0.969  3.000  2710 ? r_angle_other_deg            ? ? 
'X-RAY DIFFRACTION' ? 6.744  5.000  165  ? r_dihedral_angle_1_deg       ? ? 
'X-RAY DIFFRACTION' ? 34.496 25.522 67   ? r_dihedral_angle_2_deg       ? ? 
'X-RAY DIFFRACTION' ? 13.591 15.000 207  ? r_dihedral_angle_3_deg       ? ? 
'X-RAY DIFFRACTION' ? 9.705  15.000 3    ? r_dihedral_angle_4_deg       ? ? 
'X-RAY DIFFRACTION' ? 0.090  0.200  203  ? r_chiral_restr               ? ? 
'X-RAY DIFFRACTION' ? 0.007  0.021  1540 ? r_gen_planes_refined         ? ? 
'X-RAY DIFFRACTION' ? 0.001  0.020  265  ? r_gen_planes_other           ? ? 
'X-RAY DIFFRACTION' ? ?      ?      ?    ? r_nbd_refined                ? ? 
'X-RAY DIFFRACTION' ? ?      ?      ?    ? r_nbd_other                  ? ? 
'X-RAY DIFFRACTION' ? ?      ?      ?    ? r_nbtor_refined              ? ? 
'X-RAY DIFFRACTION' ? ?      ?      ?    ? r_nbtor_other                ? ? 
'X-RAY DIFFRACTION' ? ?      ?      ?    ? r_xyhbond_nbd_refined        ? ? 
'X-RAY DIFFRACTION' ? ?      ?      ?    ? r_xyhbond_nbd_other          ? ? 
'X-RAY DIFFRACTION' ? ?      ?      ?    ? r_metal_ion_refined          ? ? 
'X-RAY DIFFRACTION' ? ?      ?      ?    ? r_metal_ion_other            ? ? 
'X-RAY DIFFRACTION' ? ?      ?      ?    ? r_symmetry_vdw_refined       ? ? 
'X-RAY DIFFRACTION' ? ?      ?      ?    ? r_symmetry_vdw_other         ? ? 
'X-RAY DIFFRACTION' ? ?      ?      ?    ? r_symmetry_hbond_refined     ? ? 
'X-RAY DIFFRACTION' ? ?      ?      ?    ? r_symmetry_hbond_other       ? ? 
'X-RAY DIFFRACTION' ? ?      ?      ?    ? r_symmetry_metal_ion_refined ? ? 
'X-RAY DIFFRACTION' ? ?      ?      ?    ? r_symmetry_metal_ion_other   ? ? 
'X-RAY DIFFRACTION' ? 1.238  2.152  656  ? r_mcbond_it                  ? ? 
'X-RAY DIFFRACTION' ? 1.175  2.149  653  ? r_mcbond_other               ? ? 
'X-RAY DIFFRACTION' ? 1.743  3.214  818  ? r_mcangle_it                 ? ? 
'X-RAY DIFFRACTION' ? 1.743  3.214  819  ? r_mcangle_other              ? ? 
'X-RAY DIFFRACTION' ? 2.031  2.511  712  ? r_scbond_it                  ? ? 
'X-RAY DIFFRACTION' ? 2.030  2.515  713  ? r_scbond_other               ? ? 
'X-RAY DIFFRACTION' ? ?      ?      ?    ? r_scangle_it                 ? ? 
'X-RAY DIFFRACTION' ? 3.356  3.695  1054 ? r_scangle_other              ? ? 
'X-RAY DIFFRACTION' ? 5.036  27.670 1587 ? r_long_range_B_refined       ? ? 
'X-RAY DIFFRACTION' ? 4.833  27.004 1546 ? r_long_range_B_other         ? ? 
'X-RAY DIFFRACTION' ? ?      ?      ?    ? r_rigid_bond_restr           ? ? 
'X-RAY DIFFRACTION' ? ?      ?      ?    ? r_sphericity_free            ? ? 
'X-RAY DIFFRACTION' ? ?      ?      ?    ? r_sphericity_bonded          ? ? 
# 
_refine_ls_shell.pdbx_refine_id                   'X-RAY DIFFRACTION' 
_refine_ls_shell.d_res_high                       2.000 
_refine_ls_shell.d_res_low                        2.052 
_refine_ls_shell.number_reflns_all                ? 
_refine_ls_shell.number_reflns_obs                ? 
_refine_ls_shell.number_reflns_R_free             61 
_refine_ls_shell.number_reflns_R_work             1085 
_refine_ls_shell.percent_reflns_obs               100.00 
_refine_ls_shell.percent_reflns_R_free            ? 
_refine_ls_shell.R_factor_all                     ? 
_refine_ls_shell.R_factor_obs                     ? 
_refine_ls_shell.R_factor_R_free                  0.186 
_refine_ls_shell.R_factor_R_free_error            ? 
_refine_ls_shell.R_factor_R_work                  0.197 
_refine_ls_shell.redundancy_reflns_all            ? 
_refine_ls_shell.redundancy_reflns_obs            ? 
_refine_ls_shell.wR_factor_all                    ? 
_refine_ls_shell.wR_factor_obs                    ? 
_refine_ls_shell.wR_factor_R_free                 ? 
_refine_ls_shell.wR_factor_R_work                 ? 
_refine_ls_shell.pdbx_total_number_of_bins_used   20 
_refine_ls_shell.pdbx_phase_error                 ? 
_refine_ls_shell.pdbx_fsc_work                    ? 
_refine_ls_shell.pdbx_fsc_free                    ? 
# 
_struct.entry_id                     6KFE 
_struct.title                        'Hydroxynitrile lyase from the millipede, Chamberlinius hualienensis (recombinant)' 
_struct.pdbx_model_details           ? 
_struct.pdbx_formula_weight          ? 
_struct.pdbx_formula_weight_method   ? 
_struct.pdbx_model_type_details      ? 
_struct.pdbx_CASP_flag               N 
# 
_struct_keywords.entry_id        6KFE 
_struct_keywords.text            'Hydroxynitrile lyase, lipocalin fold, four disulfide bonds, dimer, LYASE' 
_struct_keywords.pdbx_keywords   LYASE 
# 
loop_
_struct_asym.id 
_struct_asym.pdbx_blank_PDB_chainid_flag 
_struct_asym.pdbx_modified 
_struct_asym.entity_id 
_struct_asym.details 
A N N 1 ? 
B N N 2 ? 
C N N 2 ? 
D N N 3 ? 
E N N 3 ? 
F N N 4 ? 
# 
_struct_ref.id                         1 
_struct_ref.db_name                    UNP 
_struct_ref.db_code                    A0A0H5BR52_9MYRI 
_struct_ref.pdbx_db_accession          A0A0H5BR52 
_struct_ref.pdbx_db_isoform            ? 
_struct_ref.entity_id                  1 
_struct_ref.pdbx_seq_one_letter_code   
;LTCDQLPKAAINPIQEFIDSNPLEFEYVLTETFECTTRIYVQPARWSTTKAPTALDIKGTQIMAYDFVGGPENSAHLNEC
HTGDKQVWYFQYTNLLTDNGSSYCAYRCNGTEIIEYKCASNNNGTDPLQHQAMEVAKTVPNGDKIHYAKSNCPETHGCFA
FY
;
_struct_ref.pdbx_align_begin           22 
# 
_struct_ref_seq.align_id                      1 
_struct_ref_seq.ref_id                        1 
_struct_ref_seq.pdbx_PDB_id_code              6KFE 
_struct_ref_seq.pdbx_strand_id                A 
_struct_ref_seq.seq_align_beg                 1 
_struct_ref_seq.pdbx_seq_align_beg_ins_code   ? 
_struct_ref_seq.seq_align_end                 162 
_struct_ref_seq.pdbx_seq_align_end_ins_code   ? 
_struct_ref_seq.pdbx_db_accession             A0A0H5BR52 
_struct_ref_seq.db_align_beg                  22 
_struct_ref_seq.pdbx_db_align_beg_ins_code    ? 
_struct_ref_seq.db_align_end                  183 
_struct_ref_seq.pdbx_db_align_end_ins_code    ? 
_struct_ref_seq.pdbx_auth_seq_align_beg       1 
_struct_ref_seq.pdbx_auth_seq_align_end       162 
# 
_pdbx_struct_assembly.id                   1 
_pdbx_struct_assembly.details              author_and_software_defined_assembly 
_pdbx_struct_assembly.method_details       PISA 
_pdbx_struct_assembly.oligomeric_details   dimeric 
_pdbx_struct_assembly.oligomeric_count     2 
# 
loop_
_pdbx_struct_assembly_prop.biol_id 
_pdbx_struct_assembly_prop.type 
_pdbx_struct_assembly_prop.value 
_pdbx_struct_assembly_prop.details 
1 'ABSA (A^2)' 5250  ? 
1 MORE         -11   ? 
1 'SSA (A^2)'  14110 ? 
# 
_pdbx_struct_assembly_gen.assembly_id       1 
_pdbx_struct_assembly_gen.oper_expression   1,2 
_pdbx_struct_assembly_gen.asym_id_list      A,B,C,D,E,F 
# 
_pdbx_struct_assembly_auth_evidence.id                     1 
_pdbx_struct_assembly_auth_evidence.assembly_id            1 
_pdbx_struct_assembly_auth_evidence.experimental_support   'gel filtration' 
_pdbx_struct_assembly_auth_evidence.details                ? 
# 
loop_
_pdbx_struct_oper_list.id 
_pdbx_struct_oper_list.type 
_pdbx_struct_oper_list.name 
_pdbx_struct_oper_list.symmetry_operation 
_pdbx_struct_oper_list.matrix[1][1] 
_pdbx_struct_oper_list.matrix[1][2] 
_pdbx_struct_oper_list.matrix[1][3] 
_pdbx_struct_oper_list.vector[1] 
_pdbx_struct_oper_list.matrix[2][1] 
_pdbx_struct_oper_list.matrix[2][2] 
_pdbx_struct_oper_list.matrix[2][3] 
_pdbx_struct_oper_list.vector[2] 
_pdbx_struct_oper_list.matrix[3][1] 
_pdbx_struct_oper_list.matrix[3][2] 
_pdbx_struct_oper_list.matrix[3][3] 
_pdbx_struct_oper_list.vector[3] 
1 'identity operation'         1_555  x,y,z            1.0000000000 0.0000000000 0.0000000000  0.0000000000 0.0000000000 1.0000000000  0.0000000000  0.0000000000   0.0000000000  0.0000000000  1.0000000000  0.0000000000   
2 'crystal symmetry operation' 10_444 -y-1,-x-1,-z-1/6 0.9448168218 0.3211325464 -0.0647692900 2.9162703311 0.3211325464 -0.9469738686 -0.0106948515 -21.2378841817 -0.0647692900 -0.0106948515 -0.9978429532 -17.7331607279 
# 
loop_
_struct_conf.conf_type_id 
_struct_conf.id 
_struct_conf.pdbx_PDB_helix_id 
_struct_conf.beg_label_comp_id 
_struct_conf.beg_label_asym_id 
_struct_conf.beg_label_seq_id 
_struct_conf.pdbx_beg_PDB_ins_code 
_struct_conf.end_label_comp_id 
_struct_conf.end_label_asym_id 
_struct_conf.end_label_seq_id 
_struct_conf.pdbx_end_PDB_ins_code 
_struct_conf.beg_auth_comp_id 
_struct_conf.beg_auth_asym_id 
_struct_conf.beg_auth_seq_id 
_struct_conf.end_auth_comp_id 
_struct_conf.end_auth_asym_id 
_struct_conf.end_auth_seq_id 
_struct_conf.pdbx_PDB_helix_class 
_struct_conf.details 
_struct_conf.pdbx_PDB_helix_length 
HELX_P HELX_P1 AA1 THR A 2   ? LEU A 6   ? THR A 2   LEU A 6   5 ? 5  
HELX_P HELX_P2 AA2 PRO A 13  ? ASP A 19  ? PRO A 13  ASP A 19  1 ? 7  
HELX_P HELX_P3 AA3 THR A 30  ? GLU A 34  ? THR A 30  GLU A 34  5 ? 5  
HELX_P HELX_P4 AA4 PRO A 71  ? ASN A 73  ? PRO A 71  ASN A 73  5 ? 3  
HELX_P HELX_P5 AA5 ASP A 126 ? LYS A 137 ? ASP A 126 LYS A 137 1 ? 12 
HELX_P HELX_P6 AA6 ASN A 141 ? ILE A 145 ? ASN A 141 ILE A 145 5 ? 5  
# 
_struct_conf_type.id          HELX_P 
_struct_conf_type.criteria    ? 
_struct_conf_type.reference   ? 
# 
loop_
_struct_conn.id 
_struct_conn.conn_type_id 
_struct_conn.pdbx_leaving_atom_flag 
_struct_conn.pdbx_PDB_id 
_struct_conn.ptnr1_label_asym_id 
_struct_conn.ptnr1_label_comp_id 
_struct_conn.ptnr1_label_seq_id 
_struct_conn.ptnr1_label_atom_id 
_struct_conn.pdbx_ptnr1_label_alt_id 
_struct_conn.pdbx_ptnr1_PDB_ins_code 
_struct_conn.pdbx_ptnr1_standard_comp_id 
_struct_conn.ptnr1_symmetry 
_struct_conn.ptnr2_label_asym_id 
_struct_conn.ptnr2_label_comp_id 
_struct_conn.ptnr2_label_seq_id 
_struct_conn.ptnr2_label_atom_id 
_struct_conn.pdbx_ptnr2_label_alt_id 
_struct_conn.pdbx_ptnr2_PDB_ins_code 
_struct_conn.ptnr1_auth_asym_id 
_struct_conn.ptnr1_auth_comp_id 
_struct_conn.ptnr1_auth_seq_id 
_struct_conn.ptnr2_auth_asym_id 
_struct_conn.ptnr2_auth_comp_id 
_struct_conn.ptnr2_auth_seq_id 
_struct_conn.ptnr2_symmetry 
_struct_conn.pdbx_ptnr3_label_atom_id 
_struct_conn.pdbx_ptnr3_label_seq_id 
_struct_conn.pdbx_ptnr3_label_comp_id 
_struct_conn.pdbx_ptnr3_label_asym_id 
_struct_conn.pdbx_ptnr3_label_alt_id 
_struct_conn.pdbx_ptnr3_PDB_ins_code 
_struct_conn.details 
_struct_conn.pdbx_dist_value 
_struct_conn.pdbx_value_order 
_struct_conn.pdbx_role 
disulf1 disulf ?   ? A CYS 3   SG  ? ? ? 1_555 A CYS 108 SG ? ? A CYS 3   A CYS 108 1_555  ? ? ? ? ? ? ? 2.021 ? ?               
disulf2 disulf ?   ? A CYS 35  SG  ? ? ? 1_555 A CYS 152 SG ? ? A CYS 35  A CYS 152 1_555  ? ? ? ? ? ? ? 2.031 ? ?               
disulf3 disulf ?   ? A CYS 80  SG  ? ? ? 1_555 A CYS 158 SG ? ? A CYS 80  A CYS 158 10_444 ? ? ? ? ? ? ? 2.063 ? ?               
disulf4 disulf ?   ? A CYS 104 SG  ? ? ? 1_555 A CYS 118 SG ? ? A CYS 104 A CYS 118 1_555  ? ? ? ? ? ? ? 2.082 ? ?               
covale1 covale one ? A ASN 109 ND2 ? ? ? 1_555 E NAG .   C1 ? ? A ASN 109 A NAG 204 1_555  ? ? ? ? ? ? ? 1.464 ? N-Glycosylation 
covale2 covale one ? A ASN 123 ND2 ? ? ? 1_555 D NAG .   C1 ? ? A ASN 123 A NAG 203 1_555  ? ? ? ? ? ? ? 1.453 ? N-Glycosylation 
# 
loop_
_struct_conn_type.id 
_struct_conn_type.criteria 
_struct_conn_type.reference 
disulf ? ? 
covale ? ? 
# 
loop_
_pdbx_modification_feature.ordinal 
_pdbx_modification_feature.label_comp_id 
_pdbx_modification_feature.label_asym_id 
_pdbx_modification_feature.label_seq_id 
_pdbx_modification_feature.label_alt_id 
_pdbx_modification_feature.modified_residue_label_comp_id 
_pdbx_modification_feature.modified_residue_label_asym_id 
_pdbx_modification_feature.modified_residue_label_seq_id 
_pdbx_modification_feature.modified_residue_label_alt_id 
_pdbx_modification_feature.auth_comp_id 
_pdbx_modification_feature.auth_asym_id 
_pdbx_modification_feature.auth_seq_id 
_pdbx_modification_feature.PDB_ins_code 
_pdbx_modification_feature.symmetry 
_pdbx_modification_feature.modified_residue_auth_comp_id 
_pdbx_modification_feature.modified_residue_auth_asym_id 
_pdbx_modification_feature.modified_residue_auth_seq_id 
_pdbx_modification_feature.modified_residue_PDB_ins_code 
_pdbx_modification_feature.modified_residue_symmetry 
_pdbx_modification_feature.comp_id_linking_atom 
_pdbx_modification_feature.modified_residue_id_linking_atom 
_pdbx_modification_feature.modified_residue_id 
_pdbx_modification_feature.ref_pcm_id 
_pdbx_modification_feature.ref_comp_id 
_pdbx_modification_feature.type 
_pdbx_modification_feature.category 
1 NAG D .   ? ASN A 123 ? NAG A 203 ? 1_555 ASN A 123 ? 1_555  C1 ND2 ASN 1 NAG N-Glycosylation Carbohydrate       
2 NAG E .   ? ASN A 109 ? NAG A 204 ? 1_555 ASN A 109 ? 1_555  C1 ND2 ASN 1 NAG N-Glycosylation Carbohydrate       
3 CYS A 3   ? CYS A 108 ? CYS A 3   ? 1_555 CYS A 108 ? 1_555  SG SG  .   . .   None            'Disulfide bridge' 
4 CYS A 35  ? CYS A 152 ? CYS A 35  ? 1_555 CYS A 152 ? 1_555  SG SG  .   . .   None            'Disulfide bridge' 
5 CYS A 80  ? CYS A 158 ? CYS A 80  ? 1_555 CYS A 158 ? 10_444 SG SG  .   . .   None            'Disulfide bridge' 
6 CYS A 104 ? CYS A 118 ? CYS A 104 ? 1_555 CYS A 118 ? 1_555  SG SG  .   . .   None            'Disulfide bridge' 
# 
_struct_mon_prot_cis.pdbx_id                1 
_struct_mon_prot_cis.label_comp_id          ASN 
_struct_mon_prot_cis.label_seq_id           21 
_struct_mon_prot_cis.label_asym_id          A 
_struct_mon_prot_cis.label_alt_id           . 
_struct_mon_prot_cis.pdbx_PDB_ins_code      ? 
_struct_mon_prot_cis.auth_comp_id           ASN 
_struct_mon_prot_cis.auth_seq_id            21 
_struct_mon_prot_cis.auth_asym_id           A 
_struct_mon_prot_cis.pdbx_label_comp_id_2   PRO 
_struct_mon_prot_cis.pdbx_label_seq_id_2    22 
_struct_mon_prot_cis.pdbx_label_asym_id_2   A 
_struct_mon_prot_cis.pdbx_PDB_ins_code_2    ? 
_struct_mon_prot_cis.pdbx_auth_comp_id_2    PRO 
_struct_mon_prot_cis.pdbx_auth_seq_id_2     22 
_struct_mon_prot_cis.pdbx_auth_asym_id_2    A 
_struct_mon_prot_cis.pdbx_PDB_model_num     1 
_struct_mon_prot_cis.pdbx_omega_angle       -7.47 
# 
_struct_sheet.id               AA1 
_struct_sheet.type             ? 
_struct_sheet.number_strands   10 
_struct_sheet.details          ? 
# 
loop_
_struct_sheet_order.sheet_id 
_struct_sheet_order.range_id_1 
_struct_sheet_order.range_id_2 
_struct_sheet_order.offset 
_struct_sheet_order.sense 
AA1 1 2  ? anti-parallel 
AA1 2 3  ? anti-parallel 
AA1 3 4  ? anti-parallel 
AA1 4 5  ? anti-parallel 
AA1 5 6  ? anti-parallel 
AA1 6 7  ? anti-parallel 
AA1 7 8  ? anti-parallel 
AA1 8 9  ? anti-parallel 
AA1 9 10 ? anti-parallel 
# 
loop_
_struct_sheet_range.sheet_id 
_struct_sheet_range.id 
_struct_sheet_range.beg_label_comp_id 
_struct_sheet_range.beg_label_asym_id 
_struct_sheet_range.beg_label_seq_id 
_struct_sheet_range.pdbx_beg_PDB_ins_code 
_struct_sheet_range.end_label_comp_id 
_struct_sheet_range.end_label_asym_id 
_struct_sheet_range.end_label_seq_id 
_struct_sheet_range.pdbx_end_PDB_ins_code 
_struct_sheet_range.beg_auth_comp_id 
_struct_sheet_range.beg_auth_asym_id 
_struct_sheet_range.beg_auth_seq_id 
_struct_sheet_range.end_auth_comp_id 
_struct_sheet_range.end_auth_asym_id 
_struct_sheet_range.end_auth_seq_id 
AA1 1  HIS A 146 ? TYR A 147 ? HIS A 146 TYR A 147 
AA1 2  LEU A 23  ? VAL A 28  ? LEU A 23  VAL A 28  
AA1 3  GLU A 112 ? SER A 120 ? GLU A 112 SER A 120 
AA1 4  GLY A 100 ? ASN A 109 ? GLY A 100 ASN A 109 
AA1 5  LYS A 85  ? THR A 97  ? LYS A 85  THR A 97  
AA1 6  SER A 74  ? GLU A 79  ? SER A 74  GLU A 79  
AA1 7  GLN A 61  ? GLY A 70  ? GLN A 61  GLY A 70  
AA1 8  THR A 53  ? LYS A 58  ? THR A 53  LYS A 58  
AA1 9  THR A 37  ? VAL A 41  ? THR A 37  VAL A 41  
AA1 10 LEU A 23  ? VAL A 28  ? LEU A 23  VAL A 28  
# 
loop_
_pdbx_struct_sheet_hbond.sheet_id 
_pdbx_struct_sheet_hbond.range_id_1 
_pdbx_struct_sheet_hbond.range_id_2 
_pdbx_struct_sheet_hbond.range_1_label_atom_id 
_pdbx_struct_sheet_hbond.range_1_label_comp_id 
_pdbx_struct_sheet_hbond.range_1_label_asym_id 
_pdbx_struct_sheet_hbond.range_1_label_seq_id 
_pdbx_struct_sheet_hbond.range_1_PDB_ins_code 
_pdbx_struct_sheet_hbond.range_1_auth_atom_id 
_pdbx_struct_sheet_hbond.range_1_auth_comp_id 
_pdbx_struct_sheet_hbond.range_1_auth_asym_id 
_pdbx_struct_sheet_hbond.range_1_auth_seq_id 
_pdbx_struct_sheet_hbond.range_2_label_atom_id 
_pdbx_struct_sheet_hbond.range_2_label_comp_id 
_pdbx_struct_sheet_hbond.range_2_label_asym_id 
_pdbx_struct_sheet_hbond.range_2_label_seq_id 
_pdbx_struct_sheet_hbond.range_2_PDB_ins_code 
_pdbx_struct_sheet_hbond.range_2_auth_atom_id 
_pdbx_struct_sheet_hbond.range_2_auth_comp_id 
_pdbx_struct_sheet_hbond.range_2_auth_asym_id 
_pdbx_struct_sheet_hbond.range_2_auth_seq_id 
AA1 1 2  O HIS A 146 ? O HIS A 146 N VAL A 28  ? N VAL A 28  
AA1 2 3  N GLU A 26  ? N GLU A 26  O CYS A 118 ? O CYS A 118 
AA1 3 4  O GLU A 112 ? O GLU A 112 N ASN A 109 ? N ASN A 109 
AA1 4 5  O SER A 102 ? O SER A 102 N ASN A 94  ? N ASN A 94  
AA1 5 6  O GLN A 86  ? O GLN A 86  N LEU A 77  ? N LEU A 77  
AA1 6 7  O HIS A 76  ? O HIS A 76  N VAL A 68  ? N VAL A 68  
AA1 7 8  O MET A 63  ? O MET A 63  N ASP A 56  ? N ASP A 56  
AA1 8 9  O ILE A 57  ? O ILE A 57  N THR A 37  ? N THR A 37  
AA1 9 10 O ARG A 38  ? O ARG A 38  N LEU A 23  ? N LEU A 23  
# 
_pdbx_entry_details.entry_id                   6KFE 
_pdbx_entry_details.has_ligand_of_interest     N 
_pdbx_entry_details.compound_details           ? 
_pdbx_entry_details.source_details             ? 
_pdbx_entry_details.nonpolymer_details         ? 
_pdbx_entry_details.sequence_details           ? 
_pdbx_entry_details.has_protein_modification   Y 
# 
loop_
_chem_comp_atom.comp_id 
_chem_comp_atom.atom_id 
_chem_comp_atom.type_symbol 
_chem_comp_atom.pdbx_aromatic_flag 
_chem_comp_atom.pdbx_stereo_config 
_chem_comp_atom.pdbx_ordinal 
ACT C    C N N 1   
ACT O    O N N 2   
ACT OXT  O N N 3   
ACT CH3  C N N 4   
ACT H1   H N N 5   
ACT H2   H N N 6   
ACT H3   H N N 7   
ALA N    N N N 8   
ALA CA   C N S 9   
ALA C    C N N 10  
ALA O    O N N 11  
ALA CB   C N N 12  
ALA OXT  O N N 13  
ALA H    H N N 14  
ALA H2   H N N 15  
ALA HA   H N N 16  
ALA HB1  H N N 17  
ALA HB2  H N N 18  
ALA HB3  H N N 19  
ALA HXT  H N N 20  
ARG N    N N N 21  
ARG CA   C N S 22  
ARG C    C N N 23  
ARG O    O N N 24  
ARG CB   C N N 25  
ARG CG   C N N 26  
ARG CD   C N N 27  
ARG NE   N N N 28  
ARG CZ   C N N 29  
ARG NH1  N N N 30  
ARG NH2  N N N 31  
ARG OXT  O N N 32  
ARG H    H N N 33  
ARG H2   H N N 34  
ARG HA   H N N 35  
ARG HB2  H N N 36  
ARG HB3  H N N 37  
ARG HG2  H N N 38  
ARG HG3  H N N 39  
ARG HD2  H N N 40  
ARG HD3  H N N 41  
ARG HE   H N N 42  
ARG HH11 H N N 43  
ARG HH12 H N N 44  
ARG HH21 H N N 45  
ARG HH22 H N N 46  
ARG HXT  H N N 47  
ASN N    N N N 48  
ASN CA   C N S 49  
ASN C    C N N 50  
ASN O    O N N 51  
ASN CB   C N N 52  
ASN CG   C N N 53  
ASN OD1  O N N 54  
ASN ND2  N N N 55  
ASN OXT  O N N 56  
ASN H    H N N 57  
ASN H2   H N N 58  
ASN HA   H N N 59  
ASN HB2  H N N 60  
ASN HB3  H N N 61  
ASN HD21 H N N 62  
ASN HD22 H N N 63  
ASN HXT  H N N 64  
ASP N    N N N 65  
ASP CA   C N S 66  
ASP C    C N N 67  
ASP O    O N N 68  
ASP CB   C N N 69  
ASP CG   C N N 70  
ASP OD1  O N N 71  
ASP OD2  O N N 72  
ASP OXT  O N N 73  
ASP H    H N N 74  
ASP H2   H N N 75  
ASP HA   H N N 76  
ASP HB2  H N N 77  
ASP HB3  H N N 78  
ASP HD2  H N N 79  
ASP HXT  H N N 80  
CYS N    N N N 81  
CYS CA   C N R 82  
CYS C    C N N 83  
CYS O    O N N 84  
CYS CB   C N N 85  
CYS SG   S N N 86  
CYS OXT  O N N 87  
CYS H    H N N 88  
CYS H2   H N N 89  
CYS HA   H N N 90  
CYS HB2  H N N 91  
CYS HB3  H N N 92  
CYS HG   H N N 93  
CYS HXT  H N N 94  
GLN N    N N N 95  
GLN CA   C N S 96  
GLN C    C N N 97  
GLN O    O N N 98  
GLN CB   C N N 99  
GLN CG   C N N 100 
GLN CD   C N N 101 
GLN OE1  O N N 102 
GLN NE2  N N N 103 
GLN OXT  O N N 104 
GLN H    H N N 105 
GLN H2   H N N 106 
GLN HA   H N N 107 
GLN HB2  H N N 108 
GLN HB3  H N N 109 
GLN HG2  H N N 110 
GLN HG3  H N N 111 
GLN HE21 H N N 112 
GLN HE22 H N N 113 
GLN HXT  H N N 114 
GLU N    N N N 115 
GLU CA   C N S 116 
GLU C    C N N 117 
GLU O    O N N 118 
GLU CB   C N N 119 
GLU CG   C N N 120 
GLU CD   C N N 121 
GLU OE1  O N N 122 
GLU OE2  O N N 123 
GLU OXT  O N N 124 
GLU H    H N N 125 
GLU H2   H N N 126 
GLU HA   H N N 127 
GLU HB2  H N N 128 
GLU HB3  H N N 129 
GLU HG2  H N N 130 
GLU HG3  H N N 131 
GLU HE2  H N N 132 
GLU HXT  H N N 133 
GLY N    N N N 134 
GLY CA   C N N 135 
GLY C    C N N 136 
GLY O    O N N 137 
GLY OXT  O N N 138 
GLY H    H N N 139 
GLY H2   H N N 140 
GLY HA2  H N N 141 
GLY HA3  H N N 142 
GLY HXT  H N N 143 
HIS N    N N N 144 
HIS CA   C N S 145 
HIS C    C N N 146 
HIS O    O N N 147 
HIS CB   C N N 148 
HIS CG   C Y N 149 
HIS ND1  N Y N 150 
HIS CD2  C Y N 151 
HIS CE1  C Y N 152 
HIS NE2  N Y N 153 
HIS OXT  O N N 154 
HIS H    H N N 155 
HIS H2   H N N 156 
HIS HA   H N N 157 
HIS HB2  H N N 158 
HIS HB3  H N N 159 
HIS HD1  H N N 160 
HIS HD2  H N N 161 
HIS HE1  H N N 162 
HIS HE2  H N N 163 
HIS HXT  H N N 164 
HOH O    O N N 165 
HOH H1   H N N 166 
HOH H2   H N N 167 
ILE N    N N N 168 
ILE CA   C N S 169 
ILE C    C N N 170 
ILE O    O N N 171 
ILE CB   C N S 172 
ILE CG1  C N N 173 
ILE CG2  C N N 174 
ILE CD1  C N N 175 
ILE OXT  O N N 176 
ILE H    H N N 177 
ILE H2   H N N 178 
ILE HA   H N N 179 
ILE HB   H N N 180 
ILE HG12 H N N 181 
ILE HG13 H N N 182 
ILE HG21 H N N 183 
ILE HG22 H N N 184 
ILE HG23 H N N 185 
ILE HD11 H N N 186 
ILE HD12 H N N 187 
ILE HD13 H N N 188 
ILE HXT  H N N 189 
LEU N    N N N 190 
LEU CA   C N S 191 
LEU C    C N N 192 
LEU O    O N N 193 
LEU CB   C N N 194 
LEU CG   C N N 195 
LEU CD1  C N N 196 
LEU CD2  C N N 197 
LEU OXT  O N N 198 
LEU H    H N N 199 
LEU H2   H N N 200 
LEU HA   H N N 201 
LEU HB2  H N N 202 
LEU HB3  H N N 203 
LEU HG   H N N 204 
LEU HD11 H N N 205 
LEU HD12 H N N 206 
LEU HD13 H N N 207 
LEU HD21 H N N 208 
LEU HD22 H N N 209 
LEU HD23 H N N 210 
LEU HXT  H N N 211 
LYS N    N N N 212 
LYS CA   C N S 213 
LYS C    C N N 214 
LYS O    O N N 215 
LYS CB   C N N 216 
LYS CG   C N N 217 
LYS CD   C N N 218 
LYS CE   C N N 219 
LYS NZ   N N N 220 
LYS OXT  O N N 221 
LYS H    H N N 222 
LYS H2   H N N 223 
LYS HA   H N N 224 
LYS HB2  H N N 225 
LYS HB3  H N N 226 
LYS HG2  H N N 227 
LYS HG3  H N N 228 
LYS HD2  H N N 229 
LYS HD3  H N N 230 
LYS HE2  H N N 231 
LYS HE3  H N N 232 
LYS HZ1  H N N 233 
LYS HZ2  H N N 234 
LYS HZ3  H N N 235 
LYS HXT  H N N 236 
MET N    N N N 237 
MET CA   C N S 238 
MET C    C N N 239 
MET O    O N N 240 
MET CB   C N N 241 
MET CG   C N N 242 
MET SD   S N N 243 
MET CE   C N N 244 
MET OXT  O N N 245 
MET H    H N N 246 
MET H2   H N N 247 
MET HA   H N N 248 
MET HB2  H N N 249 
MET HB3  H N N 250 
MET HG2  H N N 251 
MET HG3  H N N 252 
MET HE1  H N N 253 
MET HE2  H N N 254 
MET HE3  H N N 255 
MET HXT  H N N 256 
NAG C1   C N R 257 
NAG C2   C N R 258 
NAG C3   C N R 259 
NAG C4   C N S 260 
NAG C5   C N R 261 
NAG C6   C N N 262 
NAG C7   C N N 263 
NAG C8   C N N 264 
NAG N2   N N N 265 
NAG O1   O N N 266 
NAG O3   O N N 267 
NAG O4   O N N 268 
NAG O5   O N N 269 
NAG O6   O N N 270 
NAG O7   O N N 271 
NAG H1   H N N 272 
NAG H2   H N N 273 
NAG H3   H N N 274 
NAG H4   H N N 275 
NAG H5   H N N 276 
NAG H61  H N N 277 
NAG H62  H N N 278 
NAG H81  H N N 279 
NAG H82  H N N 280 
NAG H83  H N N 281 
NAG HN2  H N N 282 
NAG HO1  H N N 283 
NAG HO3  H N N 284 
NAG HO4  H N N 285 
NAG HO6  H N N 286 
PHE N    N N N 287 
PHE CA   C N S 288 
PHE C    C N N 289 
PHE O    O N N 290 
PHE CB   C N N 291 
PHE CG   C Y N 292 
PHE CD1  C Y N 293 
PHE CD2  C Y N 294 
PHE CE1  C Y N 295 
PHE CE2  C Y N 296 
PHE CZ   C Y N 297 
PHE OXT  O N N 298 
PHE H    H N N 299 
PHE H2   H N N 300 
PHE HA   H N N 301 
PHE HB2  H N N 302 
PHE HB3  H N N 303 
PHE HD1  H N N 304 
PHE HD2  H N N 305 
PHE HE1  H N N 306 
PHE HE2  H N N 307 
PHE HZ   H N N 308 
PHE HXT  H N N 309 
PRO N    N N N 310 
PRO CA   C N S 311 
PRO C    C N N 312 
PRO O    O N N 313 
PRO CB   C N N 314 
PRO CG   C N N 315 
PRO CD   C N N 316 
PRO OXT  O N N 317 
PRO H    H N N 318 
PRO HA   H N N 319 
PRO HB2  H N N 320 
PRO HB3  H N N 321 
PRO HG2  H N N 322 
PRO HG3  H N N 323 
PRO HD2  H N N 324 
PRO HD3  H N N 325 
PRO HXT  H N N 326 
SER N    N N N 327 
SER CA   C N S 328 
SER C    C N N 329 
SER O    O N N 330 
SER CB   C N N 331 
SER OG   O N N 332 
SER OXT  O N N 333 
SER H    H N N 334 
SER H2   H N N 335 
SER HA   H N N 336 
SER HB2  H N N 337 
SER HB3  H N N 338 
SER HG   H N N 339 
SER HXT  H N N 340 
THR N    N N N 341 
THR CA   C N S 342 
THR C    C N N 343 
THR O    O N N 344 
THR CB   C N R 345 
THR OG1  O N N 346 
THR CG2  C N N 347 
THR OXT  O N N 348 
THR H    H N N 349 
THR H2   H N N 350 
THR HA   H N N 351 
THR HB   H N N 352 
THR HG1  H N N 353 
THR HG21 H N N 354 
THR HG22 H N N 355 
THR HG23 H N N 356 
THR HXT  H N N 357 
TRP N    N N N 358 
TRP CA   C N S 359 
TRP C    C N N 360 
TRP O    O N N 361 
TRP CB   C N N 362 
TRP CG   C Y N 363 
TRP CD1  C Y N 364 
TRP CD2  C Y N 365 
TRP NE1  N Y N 366 
TRP CE2  C Y N 367 
TRP CE3  C Y N 368 
TRP CZ2  C Y N 369 
TRP CZ3  C Y N 370 
TRP CH2  C Y N 371 
TRP OXT  O N N 372 
TRP H    H N N 373 
TRP H2   H N N 374 
TRP HA   H N N 375 
TRP HB2  H N N 376 
TRP HB3  H N N 377 
TRP HD1  H N N 378 
TRP HE1  H N N 379 
TRP HE3  H N N 380 
TRP HZ2  H N N 381 
TRP HZ3  H N N 382 
TRP HH2  H N N 383 
TRP HXT  H N N 384 
TYR N    N N N 385 
TYR CA   C N S 386 
TYR C    C N N 387 
TYR O    O N N 388 
TYR CB   C N N 389 
TYR CG   C Y N 390 
TYR CD1  C Y N 391 
TYR CD2  C Y N 392 
TYR CE1  C Y N 393 
TYR CE2  C Y N 394 
TYR CZ   C Y N 395 
TYR OH   O N N 396 
TYR OXT  O N N 397 
TYR H    H N N 398 
TYR H2   H N N 399 
TYR HA   H N N 400 
TYR HB2  H N N 401 
TYR HB3  H N N 402 
TYR HD1  H N N 403 
TYR HD2  H N N 404 
TYR HE1  H N N 405 
TYR HE2  H N N 406 
TYR HH   H N N 407 
TYR HXT  H N N 408 
VAL N    N N N 409 
VAL CA   C N S 410 
VAL C    C N N 411 
VAL O    O N N 412 
VAL CB   C N N 413 
VAL CG1  C N N 414 
VAL CG2  C N N 415 
VAL OXT  O N N 416 
VAL H    H N N 417 
VAL H2   H N N 418 
VAL HA   H N N 419 
VAL HB   H N N 420 
VAL HG11 H N N 421 
VAL HG12 H N N 422 
VAL HG13 H N N 423 
VAL HG21 H N N 424 
VAL HG22 H N N 425 
VAL HG23 H N N 426 
VAL HXT  H N N 427 
# 
loop_
_chem_comp_bond.comp_id 
_chem_comp_bond.atom_id_1 
_chem_comp_bond.atom_id_2 
_chem_comp_bond.value_order 
_chem_comp_bond.pdbx_aromatic_flag 
_chem_comp_bond.pdbx_stereo_config 
_chem_comp_bond.pdbx_ordinal 
ACT C   O    doub N N 1   
ACT C   OXT  sing N N 2   
ACT C   CH3  sing N N 3   
ACT CH3 H1   sing N N 4   
ACT CH3 H2   sing N N 5   
ACT CH3 H3   sing N N 6   
ALA N   CA   sing N N 7   
ALA N   H    sing N N 8   
ALA N   H2   sing N N 9   
ALA CA  C    sing N N 10  
ALA CA  CB   sing N N 11  
ALA CA  HA   sing N N 12  
ALA C   O    doub N N 13  
ALA C   OXT  sing N N 14  
ALA CB  HB1  sing N N 15  
ALA CB  HB2  sing N N 16  
ALA CB  HB3  sing N N 17  
ALA OXT HXT  sing N N 18  
ARG N   CA   sing N N 19  
ARG N   H    sing N N 20  
ARG N   H2   sing N N 21  
ARG CA  C    sing N N 22  
ARG CA  CB   sing N N 23  
ARG CA  HA   sing N N 24  
ARG C   O    doub N N 25  
ARG C   OXT  sing N N 26  
ARG CB  CG   sing N N 27  
ARG CB  HB2  sing N N 28  
ARG CB  HB3  sing N N 29  
ARG CG  CD   sing N N 30  
ARG CG  HG2  sing N N 31  
ARG CG  HG3  sing N N 32  
ARG CD  NE   sing N N 33  
ARG CD  HD2  sing N N 34  
ARG CD  HD3  sing N N 35  
ARG NE  CZ   sing N N 36  
ARG NE  HE   sing N N 37  
ARG CZ  NH1  sing N N 38  
ARG CZ  NH2  doub N N 39  
ARG NH1 HH11 sing N N 40  
ARG NH1 HH12 sing N N 41  
ARG NH2 HH21 sing N N 42  
ARG NH2 HH22 sing N N 43  
ARG OXT HXT  sing N N 44  
ASN N   CA   sing N N 45  
ASN N   H    sing N N 46  
ASN N   H2   sing N N 47  
ASN CA  C    sing N N 48  
ASN CA  CB   sing N N 49  
ASN CA  HA   sing N N 50  
ASN C   O    doub N N 51  
ASN C   OXT  sing N N 52  
ASN CB  CG   sing N N 53  
ASN CB  HB2  sing N N 54  
ASN CB  HB3  sing N N 55  
ASN CG  OD1  doub N N 56  
ASN CG  ND2  sing N N 57  
ASN ND2 HD21 sing N N 58  
ASN ND2 HD22 sing N N 59  
ASN OXT HXT  sing N N 60  
ASP N   CA   sing N N 61  
ASP N   H    sing N N 62  
ASP N   H2   sing N N 63  
ASP CA  C    sing N N 64  
ASP CA  CB   sing N N 65  
ASP CA  HA   sing N N 66  
ASP C   O    doub N N 67  
ASP C   OXT  sing N N 68  
ASP CB  CG   sing N N 69  
ASP CB  HB2  sing N N 70  
ASP CB  HB3  sing N N 71  
ASP CG  OD1  doub N N 72  
ASP CG  OD2  sing N N 73  
ASP OD2 HD2  sing N N 74  
ASP OXT HXT  sing N N 75  
CYS N   CA   sing N N 76  
CYS N   H    sing N N 77  
CYS N   H2   sing N N 78  
CYS CA  C    sing N N 79  
CYS CA  CB   sing N N 80  
CYS CA  HA   sing N N 81  
CYS C   O    doub N N 82  
CYS C   OXT  sing N N 83  
CYS CB  SG   sing N N 84  
CYS CB  HB2  sing N N 85  
CYS CB  HB3  sing N N 86  
CYS SG  HG   sing N N 87  
CYS OXT HXT  sing N N 88  
GLN N   CA   sing N N 89  
GLN N   H    sing N N 90  
GLN N   H2   sing N N 91  
GLN CA  C    sing N N 92  
GLN CA  CB   sing N N 93  
GLN CA  HA   sing N N 94  
GLN C   O    doub N N 95  
GLN C   OXT  sing N N 96  
GLN CB  CG   sing N N 97  
GLN CB  HB2  sing N N 98  
GLN CB  HB3  sing N N 99  
GLN CG  CD   sing N N 100 
GLN CG  HG2  sing N N 101 
GLN CG  HG3  sing N N 102 
GLN CD  OE1  doub N N 103 
GLN CD  NE2  sing N N 104 
GLN NE2 HE21 sing N N 105 
GLN NE2 HE22 sing N N 106 
GLN OXT HXT  sing N N 107 
GLU N   CA   sing N N 108 
GLU N   H    sing N N 109 
GLU N   H2   sing N N 110 
GLU CA  C    sing N N 111 
GLU CA  CB   sing N N 112 
GLU CA  HA   sing N N 113 
GLU C   O    doub N N 114 
GLU C   OXT  sing N N 115 
GLU CB  CG   sing N N 116 
GLU CB  HB2  sing N N 117 
GLU CB  HB3  sing N N 118 
GLU CG  CD   sing N N 119 
GLU CG  HG2  sing N N 120 
GLU CG  HG3  sing N N 121 
GLU CD  OE1  doub N N 122 
GLU CD  OE2  sing N N 123 
GLU OE2 HE2  sing N N 124 
GLU OXT HXT  sing N N 125 
GLY N   CA   sing N N 126 
GLY N   H    sing N N 127 
GLY N   H2   sing N N 128 
GLY CA  C    sing N N 129 
GLY CA  HA2  sing N N 130 
GLY CA  HA3  sing N N 131 
GLY C   O    doub N N 132 
GLY C   OXT  sing N N 133 
GLY OXT HXT  sing N N 134 
HIS N   CA   sing N N 135 
HIS N   H    sing N N 136 
HIS N   H2   sing N N 137 
HIS CA  C    sing N N 138 
HIS CA  CB   sing N N 139 
HIS CA  HA   sing N N 140 
HIS C   O    doub N N 141 
HIS C   OXT  sing N N 142 
HIS CB  CG   sing N N 143 
HIS CB  HB2  sing N N 144 
HIS CB  HB3  sing N N 145 
HIS CG  ND1  sing Y N 146 
HIS CG  CD2  doub Y N 147 
HIS ND1 CE1  doub Y N 148 
HIS ND1 HD1  sing N N 149 
HIS CD2 NE2  sing Y N 150 
HIS CD2 HD2  sing N N 151 
HIS CE1 NE2  sing Y N 152 
HIS CE1 HE1  sing N N 153 
HIS NE2 HE2  sing N N 154 
HIS OXT HXT  sing N N 155 
HOH O   H1   sing N N 156 
HOH O   H2   sing N N 157 
ILE N   CA   sing N N 158 
ILE N   H    sing N N 159 
ILE N   H2   sing N N 160 
ILE CA  C    sing N N 161 
ILE CA  CB   sing N N 162 
ILE CA  HA   sing N N 163 
ILE C   O    doub N N 164 
ILE C   OXT  sing N N 165 
ILE CB  CG1  sing N N 166 
ILE CB  CG2  sing N N 167 
ILE CB  HB   sing N N 168 
ILE CG1 CD1  sing N N 169 
ILE CG1 HG12 sing N N 170 
ILE CG1 HG13 sing N N 171 
ILE CG2 HG21 sing N N 172 
ILE CG2 HG22 sing N N 173 
ILE CG2 HG23 sing N N 174 
ILE CD1 HD11 sing N N 175 
ILE CD1 HD12 sing N N 176 
ILE CD1 HD13 sing N N 177 
ILE OXT HXT  sing N N 178 
LEU N   CA   sing N N 179 
LEU N   H    sing N N 180 
LEU N   H2   sing N N 181 
LEU CA  C    sing N N 182 
LEU CA  CB   sing N N 183 
LEU CA  HA   sing N N 184 
LEU C   O    doub N N 185 
LEU C   OXT  sing N N 186 
LEU CB  CG   sing N N 187 
LEU CB  HB2  sing N N 188 
LEU CB  HB3  sing N N 189 
LEU CG  CD1  sing N N 190 
LEU CG  CD2  sing N N 191 
LEU CG  HG   sing N N 192 
LEU CD1 HD11 sing N N 193 
LEU CD1 HD12 sing N N 194 
LEU CD1 HD13 sing N N 195 
LEU CD2 HD21 sing N N 196 
LEU CD2 HD22 sing N N 197 
LEU CD2 HD23 sing N N 198 
LEU OXT HXT  sing N N 199 
LYS N   CA   sing N N 200 
LYS N   H    sing N N 201 
LYS N   H2   sing N N 202 
LYS CA  C    sing N N 203 
LYS CA  CB   sing N N 204 
LYS CA  HA   sing N N 205 
LYS C   O    doub N N 206 
LYS C   OXT  sing N N 207 
LYS CB  CG   sing N N 208 
LYS CB  HB2  sing N N 209 
LYS CB  HB3  sing N N 210 
LYS CG  CD   sing N N 211 
LYS CG  HG2  sing N N 212 
LYS CG  HG3  sing N N 213 
LYS CD  CE   sing N N 214 
LYS CD  HD2  sing N N 215 
LYS CD  HD3  sing N N 216 
LYS CE  NZ   sing N N 217 
LYS CE  HE2  sing N N 218 
LYS CE  HE3  sing N N 219 
LYS NZ  HZ1  sing N N 220 
LYS NZ  HZ2  sing N N 221 
LYS NZ  HZ3  sing N N 222 
LYS OXT HXT  sing N N 223 
MET N   CA   sing N N 224 
MET N   H    sing N N 225 
MET N   H2   sing N N 226 
MET CA  C    sing N N 227 
MET CA  CB   sing N N 228 
MET CA  HA   sing N N 229 
MET C   O    doub N N 230 
MET C   OXT  sing N N 231 
MET CB  CG   sing N N 232 
MET CB  HB2  sing N N 233 
MET CB  HB3  sing N N 234 
MET CG  SD   sing N N 235 
MET CG  HG2  sing N N 236 
MET CG  HG3  sing N N 237 
MET SD  CE   sing N N 238 
MET CE  HE1  sing N N 239 
MET CE  HE2  sing N N 240 
MET CE  HE3  sing N N 241 
MET OXT HXT  sing N N 242 
NAG C1  C2   sing N N 243 
NAG C1  O1   sing N N 244 
NAG C1  O5   sing N N 245 
NAG C1  H1   sing N N 246 
NAG C2  C3   sing N N 247 
NAG C2  N2   sing N N 248 
NAG C2  H2   sing N N 249 
NAG C3  C4   sing N N 250 
NAG C3  O3   sing N N 251 
NAG C3  H3   sing N N 252 
NAG C4  C5   sing N N 253 
NAG C4  O4   sing N N 254 
NAG C4  H4   sing N N 255 
NAG C5  C6   sing N N 256 
NAG C5  O5   sing N N 257 
NAG C5  H5   sing N N 258 
NAG C6  O6   sing N N 259 
NAG C6  H61  sing N N 260 
NAG C6  H62  sing N N 261 
NAG C7  C8   sing N N 262 
NAG C7  N2   sing N N 263 
NAG C7  O7   doub N N 264 
NAG C8  H81  sing N N 265 
NAG C8  H82  sing N N 266 
NAG C8  H83  sing N N 267 
NAG N2  HN2  sing N N 268 
NAG O1  HO1  sing N N 269 
NAG O3  HO3  sing N N 270 
NAG O4  HO4  sing N N 271 
NAG O6  HO6  sing N N 272 
PHE N   CA   sing N N 273 
PHE N   H    sing N N 274 
PHE N   H2   sing N N 275 
PHE CA  C    sing N N 276 
PHE CA  CB   sing N N 277 
PHE CA  HA   sing N N 278 
PHE C   O    doub N N 279 
PHE C   OXT  sing N N 280 
PHE CB  CG   sing N N 281 
PHE CB  HB2  sing N N 282 
PHE CB  HB3  sing N N 283 
PHE CG  CD1  doub Y N 284 
PHE CG  CD2  sing Y N 285 
PHE CD1 CE1  sing Y N 286 
PHE CD1 HD1  sing N N 287 
PHE CD2 CE2  doub Y N 288 
PHE CD2 HD2  sing N N 289 
PHE CE1 CZ   doub Y N 290 
PHE CE1 HE1  sing N N 291 
PHE CE2 CZ   sing Y N 292 
PHE CE2 HE2  sing N N 293 
PHE CZ  HZ   sing N N 294 
PHE OXT HXT  sing N N 295 
PRO N   CA   sing N N 296 
PRO N   CD   sing N N 297 
PRO N   H    sing N N 298 
PRO CA  C    sing N N 299 
PRO CA  CB   sing N N 300 
PRO CA  HA   sing N N 301 
PRO C   O    doub N N 302 
PRO C   OXT  sing N N 303 
PRO CB  CG   sing N N 304 
PRO CB  HB2  sing N N 305 
PRO CB  HB3  sing N N 306 
PRO CG  CD   sing N N 307 
PRO CG  HG2  sing N N 308 
PRO CG  HG3  sing N N 309 
PRO CD  HD2  sing N N 310 
PRO CD  HD3  sing N N 311 
PRO OXT HXT  sing N N 312 
SER N   CA   sing N N 313 
SER N   H    sing N N 314 
SER N   H2   sing N N 315 
SER CA  C    sing N N 316 
SER CA  CB   sing N N 317 
SER CA  HA   sing N N 318 
SER C   O    doub N N 319 
SER C   OXT  sing N N 320 
SER CB  OG   sing N N 321 
SER CB  HB2  sing N N 322 
SER CB  HB3  sing N N 323 
SER OG  HG   sing N N 324 
SER OXT HXT  sing N N 325 
THR N   CA   sing N N 326 
THR N   H    sing N N 327 
THR N   H2   sing N N 328 
THR CA  C    sing N N 329 
THR CA  CB   sing N N 330 
THR CA  HA   sing N N 331 
THR C   O    doub N N 332 
THR C   OXT  sing N N 333 
THR CB  OG1  sing N N 334 
THR CB  CG2  sing N N 335 
THR CB  HB   sing N N 336 
THR OG1 HG1  sing N N 337 
THR CG2 HG21 sing N N 338 
THR CG2 HG22 sing N N 339 
THR CG2 HG23 sing N N 340 
THR OXT HXT  sing N N 341 
TRP N   CA   sing N N 342 
TRP N   H    sing N N 343 
TRP N   H2   sing N N 344 
TRP CA  C    sing N N 345 
TRP CA  CB   sing N N 346 
TRP CA  HA   sing N N 347 
TRP C   O    doub N N 348 
TRP C   OXT  sing N N 349 
TRP CB  CG   sing N N 350 
TRP CB  HB2  sing N N 351 
TRP CB  HB3  sing N N 352 
TRP CG  CD1  doub Y N 353 
TRP CG  CD2  sing Y N 354 
TRP CD1 NE1  sing Y N 355 
TRP CD1 HD1  sing N N 356 
TRP CD2 CE2  doub Y N 357 
TRP CD2 CE3  sing Y N 358 
TRP NE1 CE2  sing Y N 359 
TRP NE1 HE1  sing N N 360 
TRP CE2 CZ2  sing Y N 361 
TRP CE3 CZ3  doub Y N 362 
TRP CE3 HE3  sing N N 363 
TRP CZ2 CH2  doub Y N 364 
TRP CZ2 HZ2  sing N N 365 
TRP CZ3 CH2  sing Y N 366 
TRP CZ3 HZ3  sing N N 367 
TRP CH2 HH2  sing N N 368 
TRP OXT HXT  sing N N 369 
TYR N   CA   sing N N 370 
TYR N   H    sing N N 371 
TYR N   H2   sing N N 372 
TYR CA  C    sing N N 373 
TYR CA  CB   sing N N 374 
TYR CA  HA   sing N N 375 
TYR C   O    doub N N 376 
TYR C   OXT  sing N N 377 
TYR CB  CG   sing N N 378 
TYR CB  HB2  sing N N 379 
TYR CB  HB3  sing N N 380 
TYR CG  CD1  doub Y N 381 
TYR CG  CD2  sing Y N 382 
TYR CD1 CE1  sing Y N 383 
TYR CD1 HD1  sing N N 384 
TYR CD2 CE2  doub Y N 385 
TYR CD2 HD2  sing N N 386 
TYR CE1 CZ   doub Y N 387 
TYR CE1 HE1  sing N N 388 
TYR CE2 CZ   sing Y N 389 
TYR CE2 HE2  sing N N 390 
TYR CZ  OH   sing N N 391 
TYR OH  HH   sing N N 392 
TYR OXT HXT  sing N N 393 
VAL N   CA   sing N N 394 
VAL N   H    sing N N 395 
VAL N   H2   sing N N 396 
VAL CA  C    sing N N 397 
VAL CA  CB   sing N N 398 
VAL CA  HA   sing N N 399 
VAL C   O    doub N N 400 
VAL C   OXT  sing N N 401 
VAL CB  CG1  sing N N 402 
VAL CB  CG2  sing N N 403 
VAL CB  HB   sing N N 404 
VAL CG1 HG11 sing N N 405 
VAL CG1 HG12 sing N N 406 
VAL CG1 HG13 sing N N 407 
VAL CG2 HG21 sing N N 408 
VAL CG2 HG22 sing N N 409 
VAL CG2 HG23 sing N N 410 
VAL OXT HXT  sing N N 411 
# 
_pdbx_audit_support.funding_organization   'Japan Science and Technology' 
_pdbx_audit_support.country                Japan 
_pdbx_audit_support.grant_number           JPMJER1102 
_pdbx_audit_support.ordinal                1 
# 
_pdbx_initial_refinement_model.id               1 
_pdbx_initial_refinement_model.entity_id_list   ? 
_pdbx_initial_refinement_model.type             'experimental model' 
_pdbx_initial_refinement_model.source_name      PDB 
_pdbx_initial_refinement_model.accession_code   6KFA 
_pdbx_initial_refinement_model.details          ? 
# 
_atom_sites.entry_id                    6KFE 
_atom_sites.Cartn_transf_matrix[1][1]   ? 
_atom_sites.Cartn_transf_matrix[1][2]   ? 
_atom_sites.Cartn_transf_matrix[1][3]   ? 
_atom_sites.Cartn_transf_matrix[2][1]   ? 
_atom_sites.Cartn_transf_matrix[2][2]   ? 
_atom_sites.Cartn_transf_matrix[2][3]   ? 
_atom_sites.Cartn_transf_matrix[3][1]   ? 
_atom_sites.Cartn_transf_matrix[3][2]   ? 
_atom_sites.Cartn_transf_matrix[3][3]   ? 
_atom_sites.Cartn_transf_vector[1]      ? 
_atom_sites.Cartn_transf_vector[2]      ? 
_atom_sites.Cartn_transf_vector[3]      ? 
_atom_sites.fract_transf_matrix[1][1]   0.00705362 
_atom_sites.fract_transf_matrix[1][2]   0.01691629 
_atom_sites.fract_transf_matrix[1][3]   -0.00784043 
_atom_sites.fract_transf_matrix[2][1]   -0.01260459 
_atom_sites.fract_transf_matrix[2][2]   0.01367078 
_atom_sites.fract_transf_matrix[2][3]   -0.00718598 
_atom_sites.fract_transf_matrix[3][1]   -0.00018458 
_atom_sites.fract_transf_matrix[3][2]   0.00191975 
_atom_sites.fract_transf_matrix[3][3]   0.00397594 
_atom_sites.fract_transf_vector[1]      -0.340198 
_atom_sites.fract_transf_vector[2]      -0.460135 
_atom_sites.fract_transf_vector[3]      -0.027435 
_atom_sites.solution_primary            ? 
_atom_sites.solution_secondary          ? 
_atom_sites.solution_hydrogens          ? 
_atom_sites.special_details             ? 
# 
loop_
_atom_type.symbol 
C 
N 
O 
S 
# 
loop_
_atom_site.group_PDB 
_atom_site.id 
_atom_site.type_symbol 
_atom_site.label_atom_id 
_atom_site.label_alt_id 
_atom_site.label_comp_id 
_atom_site.label_asym_id 
_atom_site.label_entity_id 
_atom_site.label_seq_id 
_atom_site.pdbx_PDB_ins_code 
_atom_site.Cartn_x 
_atom_site.Cartn_y 
_atom_site.Cartn_z 
_atom_site.occupancy 
_atom_site.B_iso_or_equiv 
_atom_site.pdbx_formal_charge 
_atom_site.auth_seq_id 
_atom_site.auth_comp_id 
_atom_site.auth_asym_id 
_atom_site.auth_atom_id 
_atom_site.pdbx_PDB_model_num 
ATOM   1    N N   . LEU A 1 1   ? -0.897  16.441  15.443  1.00 34.18 ? 1   LEU A N   1 
ATOM   2    C CA  . LEU A 1 1   ? -1.275  15.020  15.070  1.00 32.44 ? 1   LEU A CA  1 
ATOM   3    C C   . LEU A 1 1   ? -0.031  14.129  14.917  1.00 29.06 ? 1   LEU A C   1 
ATOM   4    O O   . LEU A 1 1   ? 0.893   14.503  14.218  1.00 31.34 ? 1   LEU A O   1 
ATOM   5    C CB  . LEU A 1 1   ? -2.059  15.037  13.787  1.00 34.05 ? 1   LEU A CB  1 
ATOM   6    C CG  . LEU A 1 1   ? -2.745  13.718  13.400  1.00 34.69 ? 1   LEU A CG  1 
ATOM   7    C CD1 . LEU A 1 1   ? -4.036  13.513  14.182  1.00 35.17 ? 1   LEU A CD1 1 
ATOM   8    C CD2 . LEU A 1 1   ? -3.037  13.775  11.923  1.00 35.53 ? 1   LEU A CD2 1 
ATOM   9    N N   . THR A 1 2   ? 0.009   12.993  15.604  1.00 26.46 ? 2   THR A N   1 
ATOM   10   C CA  . THR A 1 2   ? 1.139   12.051  15.504  1.00 24.66 ? 2   THR A CA  1 
ATOM   11   C C   . THR A 1 2   ? 0.700   10.757  14.790  1.00 23.03 ? 2   THR A C   1 
ATOM   12   O O   . THR A 1 2   ? -0.491  10.534  14.571  1.00 20.49 ? 2   THR A O   1 
ATOM   13   C CB  . THR A 1 2   ? 1.759   11.723  16.874  1.00 25.46 ? 2   THR A CB  1 
ATOM   14   O OG1 . THR A 1 2   ? 0.736   11.306  17.792  1.00 25.09 ? 2   THR A OG1 1 
ATOM   15   C CG2 . THR A 1 2   ? 2.512   12.934  17.424  1.00 27.62 ? 2   THR A CG2 1 
ATOM   16   N N   . CYS A 1 3   ? 1.669   9.932   14.387  1.00 22.45 ? 3   CYS A N   1 
ATOM   17   C CA  . CYS A 1 3   ? 1.385   8.788   13.504  1.00 21.98 ? 3   CYS A CA  1 
ATOM   18   C C   . CYS A 1 3   ? 0.411   7.817   14.183  1.00 23.16 ? 3   CYS A C   1 
ATOM   19   O O   . CYS A 1 3   ? -0.525  7.320   13.543  1.00 22.10 ? 3   CYS A O   1 
ATOM   20   C CB  . CYS A 1 3   ? 2.679   8.066   13.106  1.00 22.43 ? 3   CYS A CB  1 
ATOM   21   S SG  . CYS A 1 3   ? 2.469   6.856   11.768  1.00 20.66 ? 3   CYS A SG  1 
ATOM   22   N N   . ASP A 1 4   ? 0.610   7.611   15.491  1.00 23.69 ? 4   ASP A N   1 
ATOM   23   C CA  . ASP A 1 4   ? -0.261  6.784   16.318  1.00 24.54 ? 4   ASP A CA  1 
ATOM   24   C C   . ASP A 1 4   ? -1.713  7.265   16.437  1.00 24.42 ? 4   ASP A C   1 
ATOM   25   O O   . ASP A 1 4   ? -2.580  6.500   16.856  1.00 24.43 ? 4   ASP A O   1 
ATOM   26   C CB  . ASP A 1 4   ? 0.349   6.641   17.729  1.00 27.73 ? 4   ASP A CB  1 
ATOM   27   C CG  . ASP A 1 4   ? 0.488   7.971   18.423  1.00 28.82 ? 4   ASP A CG  1 
ATOM   28   O OD1 . ASP A 1 4   ? 1.276   8.800   17.939  1.00 31.50 ? 4   ASP A OD1 1 
ATOM   29   O OD2 . ASP A 1 4   ? -0.234  8.216   19.401  1.00 32.29 ? 4   ASP A OD2 1 
ATOM   30   N N   . GLN A 1 5   ? -1.985  8.516   16.077  1.00 24.31 ? 5   GLN A N   1 
ATOM   31   C CA  . GLN A 1 5   ? -3.341  9.079   16.098  1.00 24.22 ? 5   GLN A CA  1 
ATOM   32   C C   . GLN A 1 5   ? -4.012  9.097   14.733  1.00 23.72 ? 5   GLN A C   1 
ATOM   33   O O   . GLN A 1 5   ? -5.161  9.554   14.606  1.00 23.17 ? 5   GLN A O   1 
ATOM   34   C CB  . GLN A 1 5   ? -3.285  10.509  16.642  1.00 25.90 ? 5   GLN A CB  1 
ATOM   35   C CG  . GLN A 1 5   ? -2.734  10.592  18.053  1.00 26.61 ? 5   GLN A CG  1 
ATOM   36   C CD  . GLN A 1 5   ? -2.613  12.030  18.537  1.00 30.12 ? 5   GLN A CD  1 
ATOM   37   O OE1 . GLN A 1 5   ? -2.092  12.904  17.835  1.00 30.59 ? 5   GLN A OE1 1 
ATOM   38   N NE2 . GLN A 1 5   ? -3.089  12.279  19.752  1.00 30.77 ? 5   GLN A NE2 1 
ATOM   39   N N   . LEU A 1 6   ? -3.325  8.623   13.688  1.00 21.26 ? 6   LEU A N   1 
ATOM   40   C CA  . LEU A 1 6   ? -3.951  8.549   12.379  1.00 21.28 ? 6   LEU A CA  1 
ATOM   41   C C   . LEU A 1 6   ? -5.096  7.546   12.445  1.00 20.67 ? 6   LEU A C   1 
ATOM   42   O O   . LEU A 1 6   ? -5.064  6.633   13.283  1.00 20.94 ? 6   LEU A O   1 
ATOM   43   C CB  . LEU A 1 6   ? -2.954  8.115   11.293  1.00 21.27 ? 6   LEU A CB  1 
ATOM   44   C CG  . LEU A 1 6   ? -1.991  9.217   10.813  1.00 21.21 ? 6   LEU A CG  1 
ATOM   45   C CD1 . LEU A 1 6   ? -0.894  8.550   9.982   1.00 21.65 ? 6   LEU A CD1 1 
ATOM   46   C CD2 . LEU A 1 6   ? -2.692  10.309  10.020  1.00 22.29 ? 6   LEU A CD2 1 
ATOM   47   N N   . PRO A 1 7   ? -6.096  7.700   11.573  1.00 21.65 ? 7   PRO A N   1 
ATOM   48   C CA  . PRO A 1 7   ? -7.185  6.724   11.532  1.00 22.98 ? 7   PRO A CA  1 
ATOM   49   C C   . PRO A 1 7   ? -6.645  5.333   11.294  1.00 22.12 ? 7   PRO A C   1 
ATOM   50   O O   . PRO A 1 7   ? -5.633  5.186   10.601  1.00 22.53 ? 7   PRO A O   1 
ATOM   51   C CB  . PRO A 1 7   ? -8.026  7.174   10.326  1.00 22.52 ? 7   PRO A CB  1 
ATOM   52   C CG  . PRO A 1 7   ? -7.764  8.637   10.218  1.00 23.24 ? 7   PRO A CG  1 
ATOM   53   C CD  . PRO A 1 7   ? -6.312  8.790   10.609  1.00 22.80 ? 7   PRO A CD  1 
ATOM   54   N N   . LYS A 1 8   ? -7.289  4.343   11.896  1.00 20.17 ? 8   LYS A N   1 
ATOM   55   C CA  . LYS A 1 8   ? -7.005  2.943   11.618  1.00 21.09 ? 8   LYS A CA  1 
ATOM   56   C C   . LYS A 1 8   ? -8.276  2.324   11.037  1.00 21.47 ? 8   LYS A C   1 
ATOM   57   O O   . LYS A 1 8   ? -9.105  1.745   11.746  1.00 20.46 ? 8   LYS A O   1 
ATOM   58   C CB  . LYS A 1 8   ? -6.539  2.216   12.873  1.00 21.23 ? 8   LYS A CB  1 
ATOM   59   C CG  . LYS A 1 8   ? -5.276  2.769   13.528  1.00 22.06 ? 8   LYS A CG  1 
ATOM   60   C CD  . LYS A 1 8   ? -5.110  2.116   14.901  1.00 22.13 ? 8   LYS A CD  1 
ATOM   61   C CE  . LYS A 1 8   ? -3.770  2.354   15.583  1.00 23.71 ? 8   LYS A CE  1 
ATOM   62   N NZ  . LYS A 1 8   ? -3.599  3.772   15.961  1.00 25.91 ? 8   LYS A NZ  1 
ATOM   63   N N   . ALA A 1 9   ? -8.443  2.478   9.731   1.00 21.06 ? 9   ALA A N   1 
ATOM   64   C CA  . ALA A 1 9   ? -9.685  2.108   9.086   1.00 21.53 ? 9   ALA A CA  1 
ATOM   65   C C   . ALA A 1 9   ? -9.848  0.584   8.969   1.00 21.38 ? 9   ALA A C   1 
ATOM   66   O O   . ALA A 1 9   ? -8.882  -0.178  9.008   1.00 19.91 ? 9   ALA A O   1 
ATOM   67   C CB  . ALA A 1 9   ? -9.792  2.757   7.725   1.00 22.92 ? 9   ALA A CB  1 
ATOM   68   N N   . ALA A 1 10  ? -11.104 0.173   8.840   1.00 21.47 ? 10  ALA A N   1 
ATOM   69   C CA  . ALA A 1 10  ? -11.462 -1.232  8.671   1.00 22.56 ? 10  ALA A CA  1 
ATOM   70   C C   . ALA A 1 10  ? -10.885 -1.752  7.365   1.00 21.57 ? 10  ALA A C   1 
ATOM   71   O O   . ALA A 1 10  ? -10.909 -1.049  6.343   1.00 21.21 ? 10  ALA A O   1 
ATOM   72   C CB  . ALA A 1 10  ? -12.979 -1.385  8.680   1.00 23.73 ? 10  ALA A CB  1 
ATOM   73   N N   . ILE A 1 11  ? -10.327 -2.950  7.417   1.00 21.37 ? 11  ILE A N   1 
ATOM   74   C CA  . ILE A 1 11  ? -9.701  -3.551  6.244   1.00 22.63 ? 11  ILE A CA  1 
ATOM   75   C C   . ILE A 1 11  ? -10.728 -4.355  5.449   1.00 21.78 ? 11  ILE A C   1 
ATOM   76   O O   . ILE A 1 11  ? -11.291 -5.337  5.952   1.00 21.92 ? 11  ILE A O   1 
ATOM   77   C CB  . ILE A 1 11  ? -8.519  -4.444  6.624   1.00 23.40 ? 11  ILE A CB  1 
ATOM   78   C CG1 . ILE A 1 11  ? -7.511  -3.655  7.483   1.00 24.37 ? 11  ILE A CG1 1 
ATOM   79   C CG2 . ILE A 1 11  ? -7.836  -4.956  5.353   1.00 23.21 ? 11  ILE A CG2 1 
ATOM   80   C CD1 . ILE A 1 11  ? -6.458  -4.554  8.107   1.00 25.86 ? 11  ILE A CD1 1 
ATOM   81   N N   . ASN A 1 12  ? -10.966 -3.944  4.210   1.00 20.56 ? 12  ASN A N   1 
ATOM   82   C CA  . ASN A 1 12  ? -11.959 -4.601  3.366   1.00 20.60 ? 12  ASN A CA  1 
ATOM   83   C C   . ASN A 1 12  ? -11.595 -6.058  3.226   1.00 20.45 ? 12  ASN A C   1 
ATOM   84   O O   . ASN A 1 12  ? -10.415 -6.414  3.307   1.00 20.37 ? 12  ASN A O   1 
ATOM   85   C CB  . ASN A 1 12  ? -11.986 -4.050  1.944   1.00 21.22 ? 12  ASN A CB  1 
ATOM   86   C CG  . ASN A 1 12  ? -12.247 -2.580  1.883   1.00 21.28 ? 12  ASN A CG  1 
ATOM   87   O OD1 . ASN A 1 12  ? -11.522 -1.796  2.503   1.00 20.56 ? 12  ASN A OD1 1 
ATOM   88   N ND2 . ASN A 1 12  ? -13.266 -2.183  1.112   1.00 19.60 ? 12  ASN A ND2 1 
ATOM   89   N N   . PRO A 1 13  ? -12.592 -6.907  2.941   1.00 20.58 ? 13  PRO A N   1 
ATOM   90   C CA  . PRO A 1 13  ? -12.267 -8.287  2.666   1.00 20.29 ? 13  PRO A CA  1 
ATOM   91   C C   . PRO A 1 13  ? -11.234 -8.424  1.554   1.00 19.73 ? 13  PRO A C   1 
ATOM   92   O O   . PRO A 1 13  ? -11.257 -7.647  0.596   1.00 18.25 ? 13  PRO A O   1 
ATOM   93   C CB  . PRO A 1 13  ? -13.631 -8.879  2.241   1.00 20.84 ? 13  PRO A CB  1 
ATOM   94   C CG  . PRO A 1 13  ? -14.600 -8.107  3.078   1.00 21.40 ? 13  PRO A CG  1 
ATOM   95   C CD  . PRO A 1 13  ? -14.044 -6.712  3.125   1.00 21.69 ? 13  PRO A CD  1 
ATOM   96   N N   . ILE A 1 14  ? -10.356 -9.423  1.676   1.00 19.17 ? 14  ILE A N   1 
ATOM   97   C CA  . ILE A 1 14  ? -9.264  -9.619  0.730   1.00 19.08 ? 14  ILE A CA  1 
ATOM   98   C C   . ILE A 1 14  ? -9.713  -9.664  -0.741  1.00 18.87 ? 14  ILE A C   1 
ATOM   99   O O   . ILE A 1 14  ? -9.021  -9.110  -1.609  1.00 18.34 ? 14  ILE A O   1 
ATOM   100  C CB  . ILE A 1 14  ? -8.386  -10.847 1.116   1.00 19.49 ? 14  ILE A CB  1 
ATOM   101  C CG1 . ILE A 1 14  ? -7.152  -10.984 0.215   1.00 20.43 ? 14  ILE A CG1 1 
ATOM   102  C CG2 . ILE A 1 14  ? -9.176  -12.146 1.092   1.00 20.06 ? 14  ILE A CG2 1 
ATOM   103  C CD1 . ILE A 1 14  ? -6.223  -9.766  0.193   1.00 20.89 ? 14  ILE A CD1 1 
ATOM   104  N N   . GLN A 1 15  ? -10.862 -10.278 -1.039  1.00 18.25 ? 15  GLN A N   1 
ATOM   105  C CA  . GLN A 1 15  ? -11.322 -10.309 -2.444  1.00 18.57 ? 15  GLN A CA  1 
ATOM   106  C C   . GLN A 1 15  ? -11.519 -8.924  -3.062  1.00 17.59 ? 15  GLN A C   1 
ATOM   107  O O   . GLN A 1 15  ? -11.344 -8.773  -4.276  1.00 17.76 ? 15  GLN A O   1 
ATOM   108  C CB  . GLN A 1 15  ? -12.612 -11.124 -2.613  1.00 19.72 ? 15  GLN A CB  1 
ATOM   109  C CG  . GLN A 1 15  ? -12.912 -11.531 -4.049  1.00 20.52 ? 15  GLN A CG  1 
ATOM   110  C CD  . GLN A 1 15  ? -11.844 -12.432 -4.654  1.00 22.88 ? 15  GLN A CD  1 
ATOM   111  O OE1 . GLN A 1 15  ? -11.348 -13.350 -3.982  1.00 22.91 ? 15  GLN A OE1 1 
ATOM   112  N NE2 . GLN A 1 15  ? -11.467 -12.167 -5.924  1.00 21.08 ? 15  GLN A NE2 1 
ATOM   113  N N   . GLU A 1 16  ? -11.860 -7.921  -2.254  1.00 17.33 ? 16  GLU A N   1 
ATOM   114  C CA  . GLU A 1 16  ? -12.083 -6.560  -2.780  1.00 19.29 ? 16  GLU A CA  1 
ATOM   115  C C   . GLU A 1 16  ? -10.751 -5.918  -3.241  1.00 18.71 ? 16  GLU A C   1 
ATOM   116  O O   . GLU A 1 16  ? -10.689 -5.158  -4.239  1.00 20.09 ? 16  GLU A O   1 
ATOM   117  C CB  . GLU A 1 16  ? -12.804 -5.693  -1.731  1.00 20.12 ? 16  GLU A CB  1 
ATOM   118  C CG  . GLU A 1 16  ? -14.208 -6.224  -1.394  1.00 21.27 ? 16  GLU A CG  1 
ATOM   119  C CD  . GLU A 1 16  ? -15.021 -5.320  -0.475  1.00 24.43 ? 16  GLU A CD  1 
ATOM   120  O OE1 . GLU A 1 16  ? -14.644 -4.151  -0.247  1.00 24.75 ? 16  GLU A OE1 1 
ATOM   121  O OE2 . GLU A 1 16  ? -16.049 -5.815  0.044   1.00 27.29 ? 16  GLU A OE2 1 
ATOM   122  N N   . PHE A 1 17  ? -9.696  -6.216  -2.498  1.00 17.84 ? 17  PHE A N   1 
ATOM   123  C CA  . PHE A 1 17  ? -8.335  -5.832  -2.883  1.00 18.10 ? 17  PHE A CA  1 
ATOM   124  C C   . PHE A 1 17  ? -7.886  -6.576  -4.149  1.00 17.99 ? 17  PHE A C   1 
ATOM   125  O O   . PHE A 1 17  ? -7.362  -5.974  -5.082  1.00 17.49 ? 17  PHE A O   1 
ATOM   126  C CB  . PHE A 1 17  ? -7.359  -6.070  -1.721  1.00 17.81 ? 17  PHE A CB  1 
ATOM   127  C CG  . PHE A 1 17  ? -7.475  -5.065  -0.613  1.00 17.52 ? 17  PHE A CG  1 
ATOM   128  C CD1 . PHE A 1 17  ? -6.787  -3.851  -0.688  1.00 17.43 ? 17  PHE A CD1 1 
ATOM   129  C CD2 . PHE A 1 17  ? -8.265  -5.313  0.509   1.00 17.22 ? 17  PHE A CD2 1 
ATOM   130  C CE1 . PHE A 1 17  ? -6.891  -2.907  0.321   1.00 17.49 ? 17  PHE A CE1 1 
ATOM   131  C CE2 . PHE A 1 17  ? -8.367  -4.369  1.521   1.00 16.83 ? 17  PHE A CE2 1 
ATOM   132  C CZ  . PHE A 1 17  ? -7.679  -3.162  1.429   1.00 16.91 ? 17  PHE A CZ  1 
ATOM   133  N N   . ILE A 1 18  ? -8.120  -7.883  -4.185  1.00 18.56 ? 18  ILE A N   1 
ATOM   134  C CA  . ILE A 1 18  ? -7.751  -8.702  -5.348  1.00 19.18 ? 18  ILE A CA  1 
ATOM   135  C C   . ILE A 1 18  ? -8.467  -8.194  -6.605  1.00 19.06 ? 18  ILE A C   1 
ATOM   136  O O   . ILE A 1 18  ? -7.848  -8.033  -7.658  1.00 17.54 ? 18  ILE A O   1 
ATOM   137  C CB  . ILE A 1 18  ? -8.036  -10.199 -5.107  1.00 18.59 ? 18  ILE A CB  1 
ATOM   138  C CG1 . ILE A 1 18  ? -7.111  -10.736 -4.013  1.00 18.90 ? 18  ILE A CG1 1 
ATOM   139  C CG2 . ILE A 1 18  ? -7.847  -11.013 -6.388  1.00 19.43 ? 18  ILE A CG2 1 
ATOM   140  C CD1 . ILE A 1 18  ? -7.526  -12.087 -3.489  1.00 18.88 ? 18  ILE A CD1 1 
ATOM   141  N N   . ASP A 1 19  ? -9.755  -7.892  -6.453  1.00 18.61 ? 19  ASP A N   1 
ATOM   142  C CA  . ASP A 1 19  ? -10.570 -7.365  -7.557  1.00 19.24 ? 19  ASP A CA  1 
ATOM   143  C C   . ASP A 1 19  ? -10.155 -5.954  -7.997  1.00 18.80 ? 19  ASP A C   1 
ATOM   144  O O   . ASP A 1 19  ? -10.535 -5.517  -9.070  1.00 18.42 ? 19  ASP A O   1 
ATOM   145  C CB  . ASP A 1 19  ? -12.052 -7.375  -7.186  1.00 19.47 ? 19  ASP A CB  1 
ATOM   146  C CG  . ASP A 1 19  ? -12.626 -8.772  -7.119  1.00 20.53 ? 19  ASP A CG  1 
ATOM   147  O OD1 . ASP A 1 19  ? -11.955 -9.724  -7.560  1.00 20.43 ? 19  ASP A OD1 1 
ATOM   148  O OD2 . ASP A 1 19  ? -13.748 -8.919  -6.590  1.00 21.33 ? 19  ASP A OD2 1 
ATOM   149  N N   . SER A 1 20  ? -9.382  -5.256  -7.169  1.00 18.06 ? 20  SER A N   1 
ATOM   150  C CA  . SER A 1 20  ? -8.788  -3.971  -7.539  1.00 18.59 ? 20  SER A CA  1 
ATOM   151  C C   . SER A 1 20  ? -7.483  -4.032  -8.332  1.00 17.48 ? 20  SER A C   1 
ATOM   152  O O   . SER A 1 20  ? -7.035  -2.992  -8.822  1.00 18.81 ? 20  SER A O   1 
ATOM   153  C CB  . SER A 1 20  ? -8.541  -3.138  -6.279  1.00 19.32 ? 20  SER A CB  1 
ATOM   154  O OG  . SER A 1 20  ? -9.755  -2.964  -5.585  1.00 22.00 ? 20  SER A OG  1 
ATOM   155  N N   . ASN A 1 21  ? -6.853  -5.198  -8.411  1.00 17.32 ? 21  ASN A N   1 
ATOM   156  C CA  . ASN A 1 21  ? -5.553  -5.361  -9.091  1.00 17.71 ? 21  ASN A CA  1 
ATOM   157  C C   . ASN A 1 21  ? -5.693  -4.962  -10.563 1.00 18.04 ? 21  ASN A C   1 
ATOM   158  O O   . ASN A 1 21  ? -6.753  -5.237  -11.146 1.00 17.84 ? 21  ASN A O   1 
ATOM   159  C CB  . ASN A 1 21  ? -5.122  -6.816  -9.122  1.00 17.12 ? 21  ASN A CB  1 
ATOM   160  C CG  . ASN A 1 21  ? -4.656  -7.354  -7.806  1.00 17.15 ? 21  ASN A CG  1 
ATOM   161  O OD1 . ASN A 1 21  ? -4.328  -6.621  -6.878  1.00 15.87 ? 21  ASN A OD1 1 
ATOM   162  N ND2 . ASN A 1 21  ? -4.597  -8.699  -7.728  1.00 16.75 ? 21  ASN A ND2 1 
ATOM   163  N N   . PRO A 1 22  ? -4.671  -4.359  -11.188 1.00 18.38 ? 22  PRO A N   1 
ATOM   164  C CA  . PRO A 1 22  ? -3.433  -3.886  -10.553 1.00 18.71 ? 22  PRO A CA  1 
ATOM   165  C C   . PRO A 1 22  ? -3.618  -2.458  -10.058 1.00 19.13 ? 22  PRO A C   1 
ATOM   166  O O   . PRO A 1 22  ? -4.410  -1.704  -10.643 1.00 19.59 ? 22  PRO A O   1 
ATOM   167  C CB  . PRO A 1 22  ? -2.434  -3.890  -11.711 1.00 18.62 ? 22  PRO A CB  1 
ATOM   168  C CG  . PRO A 1 22  ? -3.273  -3.594  -12.918 1.00 18.75 ? 22  PRO A CG  1 
ATOM   169  C CD  . PRO A 1 22  ? -4.595  -4.272  -12.659 1.00 18.71 ? 22  PRO A CD  1 
ATOM   170  N N   . LEU A 1 23  ? -2.898  -2.091  -9.002  1.00 18.63 ? 23  LEU A N   1 
ATOM   171  C CA  . LEU A 1 23  ? -2.879  -0.720  -8.478  1.00 18.55 ? 23  LEU A CA  1 
ATOM   172  C C   . LEU A 1 23  ? -1.471  -0.182  -8.642  1.00 19.31 ? 23  LEU A C   1 
ATOM   173  O O   . LEU A 1 23  ? -0.516  -0.962  -8.747  1.00 18.42 ? 23  LEU A O   1 
ATOM   174  C CB  . LEU A 1 23  ? -3.253  -0.722  -7.002  1.00 19.70 ? 23  LEU A CB  1 
ATOM   175  C CG  . LEU A 1 23  ? -4.652  -1.283  -6.728  1.00 21.62 ? 23  LEU A CG  1 
ATOM   176  C CD1 . LEU A 1 23  ? -4.597  -2.482  -5.798  1.00 24.29 ? 23  LEU A CD1 1 
ATOM   177  C CD2 . LEU A 1 23  ? -5.576  -0.236  -6.161  1.00 22.54 ? 23  LEU A CD2 1 
ATOM   178  N N   . GLU A 1 24  ? -1.342  1.135   -8.688  1.00 18.66 ? 24  GLU A N   1 
ATOM   179  C CA  . GLU A 1 24  ? -0.033  1.789   -8.702  1.00 20.07 ? 24  GLU A CA  1 
ATOM   180  C C   . GLU A 1 24  ? 0.034   2.740   -7.521  1.00 19.30 ? 24  GLU A C   1 
ATOM   181  O O   . GLU A 1 24  ? -0.980  3.328   -7.139  1.00 18.88 ? 24  GLU A O   1 
ATOM   182  C CB  . GLU A 1 24  ? 0.149   2.606   -9.974  1.00 22.07 ? 24  GLU A CB  1 
ATOM   183  C CG  . GLU A 1 24  ? 0.510   1.769   -11.169 1.00 26.95 ? 24  GLU A CG  1 
ATOM   184  C CD  . GLU A 1 24  ? 0.757   2.584   -12.446 1.00 28.48 ? 24  GLU A CD  1 
ATOM   185  O OE1 . GLU A 1 24  ? 0.422   3.783   -12.483 1.00 30.83 ? 24  GLU A OE1 1 
ATOM   186  O OE2 . GLU A 1 24  ? 1.271   1.979   -13.419 1.00 33.64 ? 24  GLU A OE2 1 
ATOM   187  N N   . PHE A 1 25  ? 1.224   2.924   -6.961  1.00 18.57 ? 25  PHE A N   1 
ATOM   188  C CA  . PHE A 1 25  ? 1.384   3.901   -5.899  1.00 19.11 ? 25  PHE A CA  1 
ATOM   189  C C   . PHE A 1 25  ? 1.416   5.331   -6.445  1.00 19.12 ? 25  PHE A C   1 
ATOM   190  O O   . PHE A 1 25  ? 2.001   5.595   -7.488  1.00 18.55 ? 25  PHE A O   1 
ATOM   191  C CB  . PHE A 1 25  ? 2.594   3.580   -5.026  1.00 19.43 ? 25  PHE A CB  1 
ATOM   192  C CG  . PHE A 1 25  ? 2.487   2.278   -4.280  1.00 19.88 ? 25  PHE A CG  1 
ATOM   193  C CD1 . PHE A 1 25  ? 1.270   1.828   -3.755  1.00 21.68 ? 25  PHE A CD1 1 
ATOM   194  C CD2 . PHE A 1 25  ? 3.610   1.511   -4.046  1.00 20.29 ? 25  PHE A CD2 1 
ATOM   195  C CE1 . PHE A 1 25  ? 1.194   0.633   -3.055  1.00 20.85 ? 25  PHE A CE1 1 
ATOM   196  C CE2 . PHE A 1 25  ? 3.538   0.322   -3.344  1.00 20.51 ? 25  PHE A CE2 1 
ATOM   197  C CZ  . PHE A 1 25  ? 2.324   -0.126  -2.855  1.00 21.06 ? 25  PHE A CZ  1 
ATOM   198  N N   . GLU A 1 26  ? 0.712   6.218   -5.740  1.00 18.87 ? 26  GLU A N   1 
ATOM   199  C CA  . GLU A 1 26  ? 0.622   7.641   -6.055  1.00 20.46 ? 26  GLU A CA  1 
ATOM   200  C C   . GLU A 1 26  ? 1.480   8.487   -5.137  1.00 19.94 ? 26  GLU A C   1 
ATOM   201  O O   . GLU A 1 26  ? 2.111   9.437   -5.587  1.00 20.83 ? 26  GLU A O   1 
ATOM   202  C CB  . GLU A 1 26  ? -0.828  8.131   -5.918  1.00 22.33 ? 26  GLU A CB  1 
ATOM   203  C CG  . GLU A 1 26  ? -1.743  7.585   -6.983  1.00 26.36 ? 26  GLU A CG  1 
ATOM   204  C CD  . GLU A 1 26  ? -1.424  8.088   -8.378  1.00 25.47 ? 26  GLU A CD  1 
ATOM   205  O OE1 . GLU A 1 26  ? -1.095  9.284   -8.531  1.00 29.46 ? 26  GLU A OE1 1 
ATOM   206  O OE2 . GLU A 1 26  ? -1.537  7.290   -9.328  1.00 28.28 ? 26  GLU A OE2 1 
ATOM   207  N N   . TYR A 1 27  ? 1.436   8.198   -3.847  1.00 19.90 ? 27  TYR A N   1 
ATOM   208  C CA  . TYR A 1 27  ? 2.271   8.890   -2.866  1.00 20.29 ? 27  TYR A CA  1 
ATOM   209  C C   . TYR A 1 27  ? 2.949   7.848   -1.998  1.00 19.95 ? 27  TYR A C   1 
ATOM   210  O O   . TYR A 1 27  ? 2.325   6.873   -1.564  1.00 20.13 ? 27  TYR A O   1 
ATOM   211  C CB  . TYR A 1 27  ? 1.464   9.865   -1.983  1.00 21.58 ? 27  TYR A CB  1 
ATOM   212  C CG  . TYR A 1 27  ? 0.636   10.882  -2.739  1.00 23.74 ? 27  TYR A CG  1 
ATOM   213  C CD1 . TYR A 1 27  ? 1.235   11.965  -3.384  1.00 25.46 ? 27  TYR A CD1 1 
ATOM   214  C CD2 . TYR A 1 27  ? -0.753  10.785  -2.781  1.00 27.33 ? 27  TYR A CD2 1 
ATOM   215  C CE1 . TYR A 1 27  ? 0.485   12.898  -4.081  1.00 27.90 ? 27  TYR A CE1 1 
ATOM   216  C CE2 . TYR A 1 27  ? -1.524  11.724  -3.471  1.00 29.23 ? 27  TYR A CE2 1 
ATOM   217  C CZ  . TYR A 1 27  ? -0.901  12.777  -4.119  1.00 30.53 ? 27  TYR A CZ  1 
ATOM   218  O OH  . TYR A 1 27  ? -1.659  13.713  -4.791  1.00 31.38 ? 27  TYR A OH  1 
ATOM   219  N N   . VAL A 1 28  ? 4.246   8.044   -1.780  1.00 19.26 ? 28  VAL A N   1 
ATOM   220  C CA  . VAL A 1 28  ? 5.040   7.174   -0.938  1.00 18.62 ? 28  VAL A CA  1 
ATOM   221  C C   . VAL A 1 28  ? 5.982   8.024   -0.074  1.00 19.40 ? 28  VAL A C   1 
ATOM   222  O O   . VAL A 1 28  ? 6.082   9.244   -0.279  1.00 18.98 ? 28  VAL A O   1 
ATOM   223  C CB  . VAL A 1 28  ? 5.828   6.149   -1.766  1.00 18.35 ? 28  VAL A CB  1 
ATOM   224  C CG1 . VAL A 1 28  ? 4.882   5.249   -2.557  1.00 18.08 ? 28  VAL A CG1 1 
ATOM   225  C CG2 . VAL A 1 28  ? 6.825   6.854   -2.681  1.00 18.21 ? 28  VAL A CG2 1 
ATOM   226  N N   . LEU A 1 29  ? 6.672   7.397   0.872   1.00 19.33 ? 29  LEU A N   1 
ATOM   227  C CA  . LEU A 1 29  ? 7.563   8.151   1.771   1.00 20.49 ? 29  LEU A CA  1 
ATOM   228  C C   . LEU A 1 29  ? 9.035   8.037   1.366   1.00 20.24 ? 29  LEU A C   1 
ATOM   229  O O   . LEU A 1 29  ? 9.670   9.061   1.109   1.00 20.70 ? 29  LEU A O   1 
ATOM   230  C CB  . LEU A 1 29  ? 7.363   7.747   3.227   1.00 21.06 ? 29  LEU A CB  1 
ATOM   231  C CG  . LEU A 1 29  ? 7.891   8.757   4.248   1.00 21.05 ? 29  LEU A CG  1 
ATOM   232  C CD1 . LEU A 1 29  ? 7.124   8.677   5.555   1.00 22.29 ? 29  LEU A CD1 1 
ATOM   233  C CD2 . LEU A 1 29  ? 9.383   8.570   4.537   1.00 22.02 ? 29  LEU A CD2 1 
ATOM   234  N N   . THR A 1 30  ? 9.575   6.828   1.322   1.00 21.73 ? 30  THR A N   1 
ATOM   235  C CA  . THR A 1 30  ? 10.960  6.617   0.873   1.00 22.93 ? 30  THR A CA  1 
ATOM   236  C C   . THR A 1 30  ? 10.974  6.414   -0.635  1.00 24.31 ? 30  THR A C   1 
ATOM   237  O O   . THR A 1 30  ? 9.905   6.358   -1.260  1.00 26.73 ? 30  THR A O   1 
ATOM   238  C CB  . THR A 1 30  ? 11.606  5.410   1.560   1.00 23.18 ? 30  THR A CB  1 
ATOM   239  O OG1 . THR A 1 30  ? 10.992  4.211   1.105   1.00 22.30 ? 30  THR A OG1 1 
ATOM   240  C CG2 . THR A 1 30  ? 11.463  5.506   3.081   1.00 23.27 ? 30  THR A CG2 1 
ATOM   241  N N   . GLU A 1 31  ? 12.156  6.283   -1.241  1.00 23.40 ? 31  GLU A N   1 
ATOM   242  C CA  . GLU A 1 31  ? 12.214  6.050   -2.684  1.00 24.06 ? 31  GLU A CA  1 
ATOM   243  C C   . GLU A 1 31  ? 11.836  4.610   -3.058  1.00 22.27 ? 31  GLU A C   1 
ATOM   244  O O   . GLU A 1 31  ? 11.624  4.322   -4.233  1.00 20.38 ? 31  GLU A O   1 
ATOM   245  C CB  . GLU A 1 31  ? 13.605  6.373   -3.265  1.00 26.75 ? 31  GLU A CB  1 
ATOM   246  C CG  . GLU A 1 31  ? 14.609  5.271   -3.016  1.00 30.57 ? 31  GLU A CG  1 
ATOM   247  C CD  . GLU A 1 31  ? 15.978  5.523   -3.603  1.00 35.41 ? 31  GLU A CD  1 
ATOM   248  O OE1 . GLU A 1 31  ? 16.210  6.550   -4.300  1.00 38.15 ? 31  GLU A OE1 1 
ATOM   249  O OE2 . GLU A 1 31  ? 16.831  4.652   -3.339  1.00 36.96 ? 31  GLU A OE2 1 
ATOM   250  N N   . THR A 1 32  ? 11.844  3.701   -2.074  1.00 22.93 ? 32  THR A N   1 
ATOM   251  C CA  . THR A 1 32  ? 11.686  2.264   -2.334  1.00 22.84 ? 32  THR A CA  1 
ATOM   252  C C   . THR A 1 32  ? 10.440  1.939   -3.147  1.00 22.37 ? 32  THR A C   1 
ATOM   253  O O   . THR A 1 32  ? 10.491  1.075   -4.021  1.00 20.83 ? 32  THR A O   1 
ATOM   254  C CB  . THR A 1 32  ? 11.606  1.477   -1.027  1.00 23.97 ? 32  THR A CB  1 
ATOM   255  O OG1 . THR A 1 32  ? 12.682  1.875   -0.198  1.00 25.30 ? 32  THR A OG1 1 
ATOM   256  C CG2 . THR A 1 32  ? 11.687  -0.012  -1.270  1.00 23.67 ? 32  THR A CG2 1 
ATOM   257  N N   . PHE A 1 33  ? 9.348   2.650   -2.868  1.00 21.24 ? 33  PHE A N   1 
ATOM   258  C CA  . PHE A 1 33  ? 8.047   2.390   -3.491  1.00 20.81 ? 33  PHE A CA  1 
ATOM   259  C C   . PHE A 1 33  ? 7.599   3.332   -4.575  1.00 19.91 ? 33  PHE A C   1 
ATOM   260  O O   . PHE A 1 33  ? 6.470   3.248   -5.039  1.00 19.76 ? 33  PHE A O   1 
ATOM   261  C CB  . PHE A 1 33  ? 7.024   2.190   -2.383  1.00 21.90 ? 33  PHE A CB  1 
ATOM   262  C CG  . PHE A 1 33  ? 7.434   1.082   -1.459  1.00 22.54 ? 33  PHE A CG  1 
ATOM   263  C CD1 . PHE A 1 33  ? 7.464   -0.218  -1.927  1.00 22.19 ? 33  PHE A CD1 1 
ATOM   264  C CD2 . PHE A 1 33  ? 7.912   1.343   -0.179  1.00 22.72 ? 33  PHE A CD2 1 
ATOM   265  C CE1 . PHE A 1 33  ? 7.879   -1.261  -1.113  1.00 23.07 ? 33  PHE A CE1 1 
ATOM   266  C CE2 . PHE A 1 33  ? 8.333   0.302   0.639   1.00 23.42 ? 33  PHE A CE2 1 
ATOM   267  C CZ  . PHE A 1 33  ? 8.310   -1.001  0.175   1.00 22.88 ? 33  PHE A CZ  1 
ATOM   268  N N   . GLU A 1 34  ? 8.520   4.160   -5.067  1.00 19.79 ? 34  GLU A N   1 
ATOM   269  C CA  . GLU A 1 34  ? 8.271   4.937   -6.274  1.00 18.82 ? 34  GLU A CA  1 
ATOM   270  C C   . GLU A 1 34  ? 8.115   3.958   -7.454  1.00 18.42 ? 34  GLU A C   1 
ATOM   271  O O   . GLU A 1 34  ? 8.645   2.832   -7.429  1.00 16.70 ? 34  GLU A O   1 
ATOM   272  C CB  . GLU A 1 34  ? 9.440   5.904   -6.542  1.00 19.95 ? 34  GLU A CB  1 
ATOM   273  C CG  . GLU A 1 34  ? 9.564   6.996   -5.488  1.00 20.67 ? 34  GLU A CG  1 
ATOM   274  C CD  . GLU A 1 34  ? 10.862  7.774   -5.555  1.00 21.39 ? 34  GLU A CD  1 
ATOM   275  O OE1 . GLU A 1 34  ? 11.718  7.481   -6.415  1.00 22.82 ? 34  GLU A OE1 1 
ATOM   276  O OE2 . GLU A 1 34  ? 11.042  8.661   -4.699  1.00 22.39 ? 34  GLU A OE2 1 
ATOM   277  N N   . CYS A 1 35  ? 7.364   4.390   -8.461  1.00 18.03 ? 35  CYS A N   1 
ATOM   278  C CA  . CYS A 1 35  ? 7.218   3.659   -9.717  1.00 18.70 ? 35  CYS A CA  1 
ATOM   279  C C   . CYS A 1 35  ? 6.909   2.175   -9.475  1.00 18.22 ? 35  CYS A C   1 
ATOM   280  O O   . CYS A 1 35  ? 7.520   1.302   -10.069 1.00 18.18 ? 35  CYS A O   1 
ATOM   281  C CB  . CYS A 1 35  ? 8.489   3.830   -10.539 1.00 19.88 ? 35  CYS A CB  1 
ATOM   282  S SG  . CYS A 1 35  ? 8.893   5.567   -10.865 1.00 21.96 ? 35  CYS A SG  1 
ATOM   283  N N   . THR A 1 36  ? 5.963   1.925   -8.579  1.00 17.29 ? 36  THR A N   1 
ATOM   284  C CA  . THR A 1 36  ? 5.673   0.599   -8.084  1.00 17.60 ? 36  THR A CA  1 
ATOM   285  C C   . THR A 1 36  ? 4.200   0.219   -8.302  1.00 17.67 ? 36  THR A C   1 
ATOM   286  O O   . THR A 1 36  ? 3.283   1.022   -8.099  1.00 17.27 ? 36  THR A O   1 
ATOM   287  C CB  . THR A 1 36  ? 6.110   0.459   -6.603  1.00 18.03 ? 36  THR A CB  1 
ATOM   288  O OG1 . THR A 1 36  ? 7.549   0.492   -6.522  1.00 18.10 ? 36  THR A OG1 1 
ATOM   289  C CG2 . THR A 1 36  ? 5.624   -0.856  -5.986  1.00 17.99 ? 36  THR A CG2 1 
ATOM   290  N N   . THR A 1 37  ? 4.001   -1.029  -8.723  1.00 17.51 ? 37  THR A N   1 
ATOM   291  C CA  . THR A 1 37  ? 2.691   -1.619  -8.879  1.00 17.07 ? 37  THR A CA  1 
ATOM   292  C C   . THR A 1 37  ? 2.422   -2.600  -7.732  1.00 17.29 ? 37  THR A C   1 
ATOM   293  O O   . THR A 1 37  ? 3.300   -3.363  -7.332  1.00 17.14 ? 37  THR A O   1 
ATOM   294  C CB  . THR A 1 37  ? 2.644   -2.349  -10.232 1.00 16.73 ? 37  THR A CB  1 
ATOM   295  O OG1 . THR A 1 37  ? 2.683   -1.371  -11.262 1.00 16.72 ? 37  THR A OG1 1 
ATOM   296  C CG2 . THR A 1 37  ? 1.391   -3.236  -10.394 1.00 17.10 ? 37  THR A CG2 1 
ATOM   297  N N   . ARG A 1 38  ? 1.191   -2.589  -7.239  1.00 16.54 ? 38  ARG A N   1 
ATOM   298  C CA  . ARG A 1 38  ? 0.772   -3.437  -6.133  1.00 16.83 ? 38  ARG A CA  1 
ATOM   299  C C   . ARG A 1 38  ? -0.200  -4.479  -6.653  1.00 16.46 ? 38  ARG A C   1 
ATOM   300  O O   . ARG A 1 38  ? -1.142  -4.126  -7.352  1.00 16.49 ? 38  ARG A O   1 
ATOM   301  C CB  . ARG A 1 38  ? 0.116   -2.606  -5.030  1.00 16.57 ? 38  ARG A CB  1 
ATOM   302  C CG  . ARG A 1 38  ? -0.765  -3.360  -4.029  1.00 16.33 ? 38  ARG A CG  1 
ATOM   303  C CD  . ARG A 1 38  ? -0.027  -4.414  -3.225  1.00 16.77 ? 38  ARG A CD  1 
ATOM   304  N NE  . ARG A 1 38  ? 1.048   -3.881  -2.366  1.00 17.60 ? 38  ARG A NE  1 
ATOM   305  C CZ  . ARG A 1 38  ? 0.914   -3.572  -1.077  1.00 16.86 ? 38  ARG A CZ  1 
ATOM   306  N NH1 . ARG A 1 38  ? -0.254  -3.688  -0.469  1.00 16.78 ? 38  ARG A NH1 1 
ATOM   307  N NH2 . ARG A 1 38  ? 1.945   -3.124  -0.388  1.00 17.43 ? 38  ARG A NH2 1 
ATOM   308  N N   . ILE A 1 39  ? 0.043   -5.738  -6.301  1.00 16.11 ? 39  ILE A N   1 
ATOM   309  C CA  . ILE A 1 39  ? -0.822  -6.869  -6.661  1.00 16.80 ? 39  ILE A CA  1 
ATOM   310  C C   . ILE A 1 39  ? -1.136  -7.622  -5.379  1.00 16.92 ? 39  ILE A C   1 
ATOM   311  O O   . ILE A 1 39  ? -0.202  -7.972  -4.628  1.00 17.39 ? 39  ILE A O   1 
ATOM   312  C CB  . ILE A 1 39  ? -0.111  -7.846  -7.649  1.00 16.87 ? 39  ILE A CB  1 
ATOM   313  C CG1 . ILE A 1 39  ? 0.346   -7.119  -8.931  1.00 17.62 ? 39  ILE A CG1 1 
ATOM   314  C CG2 . ILE A 1 39  ? -0.979  -9.053  -8.003  1.00 16.92 ? 39  ILE A CG2 1 
ATOM   315  C CD1 . ILE A 1 39  ? -0.776  -6.518  -9.771  1.00 18.53 ? 39  ILE A CD1 1 
ATOM   316  N N   . TYR A 1 40  ? -2.427  -7.854  -5.122  1.00 15.93 ? 40  TYR A N   1 
ATOM   317  C CA  . TYR A 1 40  ? -2.865  -8.712  -4.038  1.00 16.99 ? 40  TYR A CA  1 
ATOM   318  C C   . TYR A 1 40  ? -3.129  -10.132 -4.535  1.00 16.61 ? 40  TYR A C   1 
ATOM   319  O O   . TYR A 1 40  ? -3.637  -10.339 -5.618  1.00 16.16 ? 40  TYR A O   1 
ATOM   320  C CB  . TYR A 1 40  ? -4.100  -8.152  -3.342  1.00 16.85 ? 40  TYR A CB  1 
ATOM   321  C CG  . TYR A 1 40  ? -3.819  -6.954  -2.493  1.00 17.40 ? 40  TYR A CG  1 
ATOM   322  C CD1 . TYR A 1 40  ? -3.431  -7.105  -1.170  1.00 18.48 ? 40  TYR A CD1 1 
ATOM   323  C CD2 . TYR A 1 40  ? -3.936  -5.664  -2.997  1.00 17.89 ? 40  TYR A CD2 1 
ATOM   324  C CE1 . TYR A 1 40  ? -3.169  -6.004  -0.362  1.00 18.90 ? 40  TYR A CE1 1 
ATOM   325  C CE2 . TYR A 1 40  ? -3.663  -4.557  -2.193  1.00 19.42 ? 40  TYR A CE2 1 
ATOM   326  C CZ  . TYR A 1 40  ? -3.302  -4.740  -0.866  1.00 18.67 ? 40  TYR A CZ  1 
ATOM   327  O OH  . TYR A 1 40  ? -3.022  -3.666  -0.045  1.00 19.80 ? 40  TYR A OH  1 
ATOM   328  N N   . VAL A 1 41  ? -2.736  -11.100 -3.721  1.00 16.51 ? 41  VAL A N   1 
ATOM   329  C CA  . VAL A 1 41  ? -2.868  -12.504 -4.060  1.00 16.81 ? 41  VAL A CA  1 
ATOM   330  C C   . VAL A 1 41  ? -3.513  -13.253 -2.899  1.00 16.92 ? 41  VAL A C   1 
ATOM   331  O O   . VAL A 1 41  ? -3.147  -13.055 -1.731  1.00 15.71 ? 41  VAL A O   1 
ATOM   332  C CB  . VAL A 1 41  ? -1.480  -13.115 -4.361  1.00 17.16 ? 41  VAL A CB  1 
ATOM   333  C CG1 . VAL A 1 41  ? -1.624  -14.558 -4.838  1.00 17.47 ? 41  VAL A CG1 1 
ATOM   334  C CG2 . VAL A 1 41  ? -0.722  -12.258 -5.383  1.00 17.55 ? 41  VAL A CG2 1 
ATOM   335  N N   A GLN A 1 42  ? -4.489  -14.081 -3.237  0.53 16.87 ? 42  GLN A N   1 
ATOM   336  N N   B GLN A 1 42  ? -4.452  -14.138 -3.223  0.47 17.02 ? 42  GLN A N   1 
ATOM   337  C CA  A GLN A 1 42  ? -5.104  -15.025 -2.313  0.53 17.01 ? 42  GLN A CA  1 
ATOM   338  C CA  B GLN A 1 42  ? -5.089  -14.981 -2.226  0.47 17.29 ? 42  GLN A CA  1 
ATOM   339  C C   A GLN A 1 42  ? -4.058  -16.019 -1.750  0.53 17.65 ? 42  GLN A C   1 
ATOM   340  C C   B GLN A 1 42  ? -4.059  -15.994 -1.724  0.47 17.78 ? 42  GLN A C   1 
ATOM   341  O O   A GLN A 1 42  ? -3.019  -16.241 -2.373  0.53 17.92 ? 42  GLN A O   1 
ATOM   342  O O   B GLN A 1 42  ? -3.033  -16.208 -2.369  0.47 18.09 ? 42  GLN A O   1 
ATOM   343  C CB  A GLN A 1 42  ? -6.297  -15.727 -3.012  0.53 17.16 ? 42  GLN A CB  1 
ATOM   344  C CB  B GLN A 1 42  ? -6.339  -15.653 -2.817  0.47 17.47 ? 42  GLN A CB  1 
ATOM   345  C CG  A GLN A 1 42  ? -6.004  -16.422 -4.361  0.53 16.83 ? 42  GLN A CG  1 
ATOM   346  C CG  B GLN A 1 42  ? -6.059  -16.798 -3.786  0.47 17.51 ? 42  GLN A CG  1 
ATOM   347  C CD  A GLN A 1 42  ? -6.152  -15.536 -5.606  0.53 16.84 ? 42  GLN A CD  1 
ATOM   348  C CD  B GLN A 1 42  ? -7.317  -17.279 -4.483  0.47 17.65 ? 42  GLN A CD  1 
ATOM   349  O OE1 A GLN A 1 42  ? -5.488  -14.485 -5.752  0.53 14.69 ? 42  GLN A OE1 1 
ATOM   350  O OE1 B GLN A 1 42  ? -8.408  -17.214 -3.920  0.47 17.18 ? 42  GLN A OE1 1 
ATOM   351  N NE2 A GLN A 1 42  ? -7.018  -15.971 -6.537  0.53 18.07 ? 42  GLN A NE2 1 
ATOM   352  N NE2 B GLN A 1 42  ? -7.170  -17.764 -5.716  0.47 17.15 ? 42  GLN A NE2 1 
ATOM   353  N N   . PRO A 1 43  ? -4.311  -16.616 -0.567  1.00 18.09 ? 43  PRO A N   1 
ATOM   354  C CA  . PRO A 1 43  ? -3.347  -17.611 -0.063  1.00 18.71 ? 43  PRO A CA  1 
ATOM   355  C C   . PRO A 1 43  ? -3.242  -18.833 -0.963  1.00 18.85 ? 43  PRO A C   1 
ATOM   356  O O   . PRO A 1 43  ? -4.211  -19.220 -1.601  1.00 17.31 ? 43  PRO A O   1 
ATOM   357  C CB  . PRO A 1 43  ? -3.917  -18.046 1.304   1.00 19.75 ? 43  PRO A CB  1 
ATOM   358  C CG  . PRO A 1 43  ? -5.238  -17.382 1.447   1.00 19.24 ? 43  PRO A CG  1 
ATOM   359  C CD  . PRO A 1 43  ? -5.542  -16.564 0.244   1.00 19.49 ? 43  PRO A CD  1 
ATOM   360  N N   . ALA A 1 44  ? -2.054  -19.412 -1.017  1.00 20.16 ? 44  ALA A N   1 
ATOM   361  C CA  . ALA A 1 44  ? -1.830  -20.632 -1.770  1.00 20.50 ? 44  ALA A CA  1 
ATOM   362  C C   . ALA A 1 44  ? -2.625  -21.777 -1.150  1.00 21.33 ? 44  ALA A C   1 
ATOM   363  O O   . ALA A 1 44  ? -2.803  -21.822 0.066   1.00 19.99 ? 44  ALA A O   1 
ATOM   364  C CB  . ALA A 1 44  ? -0.362  -20.976 -1.772  1.00 19.10 ? 44  ALA A CB  1 
ATOM   365  N N   . ARG A 1 45  ? -3.074  -22.702 -1.990  1.00 23.98 ? 45  ARG A N   1 
ATOM   366  C CA  . ARG A 1 45  ? -3.774  -23.911 -1.533  1.00 26.27 ? 45  ARG A CA  1 
ATOM   367  C C   . ARG A 1 45  ? -2.952  -24.707 -0.531  1.00 26.94 ? 45  ARG A C   1 
ATOM   368  O O   . ARG A 1 45  ? -3.496  -25.282 0.390   1.00 27.61 ? 45  ARG A O   1 
ATOM   369  C CB  . ARG A 1 45  ? -4.174  -24.789 -2.727  1.00 29.51 ? 45  ARG A CB  1 
ATOM   370  C CG  . ARG A 1 45  ? -5.349  -24.191 -3.492  1.00 32.55 ? 45  ARG A CG  1 
ATOM   371  C CD  . ARG A 1 45  ? -5.786  -25.068 -4.656  1.00 34.66 ? 45  ARG A CD  1 
ATOM   372  N NE  . ARG A 1 45  ? -6.588  -26.203 -4.222  1.00 34.67 ? 45  ARG A NE  1 
ATOM   373  C CZ  . ARG A 1 45  ? -6.145  -27.437 -4.019  1.00 37.19 ? 45  ARG A CZ  1 
ATOM   374  N NH1 . ARG A 1 45  ? -4.869  -27.772 -4.230  1.00 39.24 ? 45  ARG A NH1 1 
ATOM   375  N NH2 . ARG A 1 45  ? -6.999  -28.362 -3.614  1.00 35.19 ? 45  ARG A NH2 1 
ATOM   376  N N   . TRP A 1 46  ? -1.638  -24.657 -0.680  1.00 26.81 ? 46  TRP A N   1 
ATOM   377  C CA  . TRP A 1 46  ? -0.708  -25.355 0.181   1.00 26.97 ? 46  TRP A CA  1 
ATOM   378  C C   . TRP A 1 46  ? -0.171  -24.491 1.349   1.00 26.65 ? 46  TRP A C   1 
ATOM   379  O O   . TRP A 1 46  ? 0.675   -24.946 2.124   1.00 26.54 ? 46  TRP A O   1 
ATOM   380  C CB  . TRP A 1 46  ? 0.441   -25.920 -0.689  1.00 28.35 ? 46  TRP A CB  1 
ATOM   381  C CG  . TRP A 1 46  ? 1.352   -24.886 -1.285  1.00 27.20 ? 46  TRP A CG  1 
ATOM   382  C CD1 . TRP A 1 46  ? 2.506   -24.421 -0.745  1.00 27.78 ? 46  TRP A CD1 1 
ATOM   383  C CD2 . TRP A 1 46  ? 1.178   -24.185 -2.529  1.00 26.84 ? 46  TRP A CD2 1 
ATOM   384  N NE1 . TRP A 1 46  ? 3.063   -23.463 -1.555  1.00 27.53 ? 46  TRP A NE1 1 
ATOM   385  C CE2 . TRP A 1 46  ? 2.268   -23.292 -2.657  1.00 27.19 ? 46  TRP A CE2 1 
ATOM   386  C CE3 . TRP A 1 46  ? 0.187   -24.193 -3.531  1.00 26.11 ? 46  TRP A CE3 1 
ATOM   387  C CZ2 . TRP A 1 46  ? 2.410   -22.428 -3.748  1.00 26.09 ? 46  TRP A CZ2 1 
ATOM   388  C CZ3 . TRP A 1 46  ? 0.327   -23.332 -4.622  1.00 25.09 ? 46  TRP A CZ3 1 
ATOM   389  C CH2 . TRP A 1 46  ? 1.426   -22.458 -4.715  1.00 26.42 ? 46  TRP A CH2 1 
ATOM   390  N N   . SER A 1 47  ? -0.665  -23.259 1.513   1.00 25.98 ? 47  SER A N   1 
ATOM   391  C CA  . SER A 1 47  ? -0.217  -22.416 2.625   1.00 25.29 ? 47  SER A CA  1 
ATOM   392  C C   . SER A 1 47  ? -0.866  -22.900 3.910   1.00 26.46 ? 47  SER A C   1 
ATOM   393  O O   . SER A 1 47  ? -2.079  -23.024 3.969   1.00 25.00 ? 47  SER A O   1 
ATOM   394  C CB  . SER A 1 47  ? -0.604  -20.960 2.410   1.00 24.94 ? 47  SER A CB  1 
ATOM   395  O OG  . SER A 1 47  ? -0.432  -20.196 3.597   1.00 24.30 ? 47  SER A OG  1 
ATOM   396  N N   . THR A 1 48  ? -0.069  -23.115 4.946   1.00 27.39 ? 48  THR A N   1 
ATOM   397  C CA  . THR A 1 48  ? -0.627  -23.540 6.232   1.00 29.57 ? 48  THR A CA  1 
ATOM   398  C C   . THR A 1 48  ? -1.043  -22.361 7.113   1.00 29.29 ? 48  THR A C   1 
ATOM   399  O O   . THR A 1 48  ? -1.777  -22.575 8.051   1.00 29.37 ? 48  THR A O   1 
ATOM   400  C CB  . THR A 1 48  ? 0.344   -24.436 7.008   1.00 31.77 ? 48  THR A CB  1 
ATOM   401  O OG1 . THR A 1 48  ? 1.583   -23.760 7.163   1.00 31.78 ? 48  THR A OG1 1 
ATOM   402  C CG2 . THR A 1 48  ? 0.585   -25.742 6.262   1.00 34.42 ? 48  THR A CG2 1 
ATOM   403  N N   . THR A 1 49  ? -0.568  -21.144 6.834   1.00 27.12 ? 49  THR A N   1 
ATOM   404  C CA  . THR A 1 49  ? -1.109  -19.943 7.472   1.00 26.98 ? 49  THR A CA  1 
ATOM   405  C C   . THR A 1 49  ? -2.402  -19.445 6.834   1.00 26.46 ? 49  THR A C   1 
ATOM   406  O O   . THR A 1 49  ? -3.181  -18.718 7.474   1.00 26.41 ? 49  THR A O   1 
ATOM   407  C CB  . THR A 1 49  ? -0.115  -18.772 7.424   1.00 27.02 ? 49  THR A CB  1 
ATOM   408  O OG1 . THR A 1 49  ? 0.232   -18.494 6.062   1.00 24.47 ? 49  THR A OG1 1 
ATOM   409  C CG2 . THR A 1 49  ? 1.169   -19.095 8.263   1.00 26.51 ? 49  THR A CG2 1 
ATOM   410  N N   . LYS A 1 50  ? -2.611  -19.807 5.567   1.00 24.12 ? 50  LYS A N   1 
ATOM   411  C CA  . LYS A 1 50  ? -3.666  -19.230 4.751   1.00 24.25 ? 50  LYS A CA  1 
ATOM   412  C C   . LYS A 1 50  ? -3.664  -17.694 4.783   1.00 22.25 ? 50  LYS A C   1 
ATOM   413  O O   . LYS A 1 50  ? -4.710  -17.051 4.729   1.00 23.39 ? 50  LYS A O   1 
ATOM   414  C CB  . LYS A 1 50  ? -5.033  -19.845 5.102   1.00 26.90 ? 50  LYS A CB  1 
ATOM   415  C CG  . LYS A 1 50  ? -5.177  -21.313 4.673   1.00 29.45 ? 50  LYS A CG  1 
ATOM   416  C CD  . LYS A 1 50  ? -5.058  -21.456 3.159   1.00 31.34 ? 50  LYS A CD  1 
ATOM   417  C CE  . LYS A 1 50  ? -5.479  -22.813 2.629   1.00 34.36 ? 50  LYS A CE  1 
ATOM   418  N NZ  . LYS A 1 50  ? -4.367  -23.790 2.663   1.00 36.92 ? 50  LYS A NZ  1 
ATOM   419  N N   . ALA A 1 51  ? -2.465  -17.120 4.820   1.00 20.47 ? 51  ALA A N   1 
ATOM   420  C CA  . ALA A 1 51  ? -2.293  -15.683 4.712   1.00 20.30 ? 51  ALA A CA  1 
ATOM   421  C C   . ALA A 1 51  ? -2.281  -15.292 3.229   1.00 19.94 ? 51  ALA A C   1 
ATOM   422  O O   . ALA A 1 51  ? -1.583  -15.940 2.435   1.00 19.91 ? 51  ALA A O   1 
ATOM   423  C CB  . ALA A 1 51  ? -1.002  -15.270 5.374   1.00 20.36 ? 51  ALA A CB  1 
ATOM   424  N N   . PRO A 1 52  ? -3.014  -14.227 2.851   1.00 18.37 ? 52  PRO A N   1 
ATOM   425  C CA  . PRO A 1 52  ? -2.819  -13.668 1.503   1.00 17.82 ? 52  PRO A CA  1 
ATOM   426  C C   . PRO A 1 52  ? -1.473  -12.957 1.400   1.00 17.94 ? 52  PRO A C   1 
ATOM   427  O O   . PRO A 1 52  ? -0.728  -12.876 2.397   1.00 17.27 ? 52  PRO A O   1 
ATOM   428  C CB  . PRO A 1 52  ? -3.963  -12.668 1.353   1.00 17.53 ? 52  PRO A CB  1 
ATOM   429  C CG  . PRO A 1 52  ? -4.302  -12.295 2.746   1.00 19.66 ? 52  PRO A CG  1 
ATOM   430  C CD  . PRO A 1 52  ? -4.082  -13.520 3.583   1.00 19.04 ? 52  PRO A CD  1 
ATOM   431  N N   . THR A 1 53  ? -1.173  -12.447 0.212   1.00 16.97 ? 53  THR A N   1 
ATOM   432  C CA  . THR A 1 53  ? 0.123   -11.831 -0.063  1.00 16.74 ? 53  THR A CA  1 
ATOM   433  C C   . THR A 1 53  ? -0.064  -10.500 -0.784  1.00 16.85 ? 53  THR A C   1 
ATOM   434  O O   . THR A 1 53  ? -0.901  -10.388 -1.692  1.00 16.41 ? 53  THR A O   1 
ATOM   435  C CB  . THR A 1 53  ? 0.994   -12.758 -0.933  1.00 16.63 ? 53  THR A CB  1 
ATOM   436  O OG1 . THR A 1 53  ? 0.935   -14.099 -0.425  1.00 17.54 ? 53  THR A OG1 1 
ATOM   437  C CG2 . THR A 1 53  ? 2.452   -12.304 -0.950  1.00 17.09 ? 53  THR A CG2 1 
ATOM   438  N N   . ALA A 1 54  ? 0.724   -9.505  -0.388  1.00 15.80 ? 54  ALA A N   1 
ATOM   439  C CA  . ALA A 1 54  ? 0.834   -8.258  -1.124  1.00 15.78 ? 54  ALA A CA  1 
ATOM   440  C C   . ALA A 1 54  ? 2.158   -8.290  -1.866  1.00 15.85 ? 54  ALA A C   1 
ATOM   441  O O   . ALA A 1 54  ? 3.176   -8.711  -1.319  1.00 15.23 ? 54  ALA A O   1 
ATOM   442  C CB  . ALA A 1 54  ? 0.803   -7.069  -0.184  1.00 15.84 ? 54  ALA A CB  1 
ATOM   443  N N   . LEU A 1 55  ? 2.123   -7.884  -3.119  1.00 15.90 ? 55  LEU A N   1 
ATOM   444  C CA  . LEU A 1 55  ? 3.310   -7.811  -3.970  1.00 16.76 ? 55  LEU A CA  1 
ATOM   445  C C   . LEU A 1 55  ? 3.555   -6.361  -4.357  1.00 16.77 ? 55  LEU A C   1 
ATOM   446  O O   . LEU A 1 55  ? 2.650   -5.686  -4.834  1.00 17.95 ? 55  LEU A O   1 
ATOM   447  C CB  . LEU A 1 55  ? 3.105   -8.639  -5.241  1.00 16.41 ? 55  LEU A CB  1 
ATOM   448  C CG  . LEU A 1 55  ? 2.665   -10.106 -5.091  1.00 16.53 ? 55  LEU A CG  1 
ATOM   449  C CD1 . LEU A 1 55  ? 2.559   -10.768 -6.465  1.00 16.94 ? 55  LEU A CD1 1 
ATOM   450  C CD2 . LEU A 1 55  ? 3.628   -10.905 -4.223  1.00 17.51 ? 55  LEU A CD2 1 
ATOM   451  N N   . ASP A 1 56  ? 4.774   -5.889  -4.114  1.00 16.33 ? 56  ASP A N   1 
ATOM   452  C CA  . ASP A 1 56  ? 5.259   -4.588  -4.570  1.00 16.50 ? 56  ASP A CA  1 
ATOM   453  C C   . ASP A 1 56  ? 6.291   -4.805  -5.683  1.00 16.18 ? 56  ASP A C   1 
ATOM   454  O O   . ASP A 1 56  ? 7.395   -5.322  -5.433  1.00 14.72 ? 56  ASP A O   1 
ATOM   455  C CB  . ASP A 1 56  ? 5.909   -3.828  -3.412  1.00 17.00 ? 56  ASP A CB  1 
ATOM   456  C CG  . ASP A 1 56  ? 4.909   -3.359  -2.368  1.00 17.89 ? 56  ASP A CG  1 
ATOM   457  O OD1 . ASP A 1 56  ? 3.727   -3.173  -2.691  1.00 19.16 ? 56  ASP A OD1 1 
ATOM   458  O OD2 . ASP A 1 56  ? 5.327   -3.143  -1.217  1.00 19.25 ? 56  ASP A OD2 1 
ATOM   459  N N   . ILE A 1 57  ? 5.904   -4.423  -6.897  1.00 16.54 ? 57  ILE A N   1 
ATOM   460  C CA  . ILE A 1 57  ? 6.633   -4.740  -8.112  1.00 17.00 ? 57  ILE A CA  1 
ATOM   461  C C   . ILE A 1 57  ? 7.149   -3.442  -8.711  1.00 17.52 ? 57  ILE A C   1 
ATOM   462  O O   . ILE A 1 57  ? 6.366   -2.527  -9.035  1.00 17.06 ? 57  ILE A O   1 
ATOM   463  C CB  . ILE A 1 57  ? 5.707   -5.480  -9.109  1.00 17.06 ? 57  ILE A CB  1 
ATOM   464  C CG1 . ILE A 1 57  ? 5.301   -6.842  -8.528  1.00 17.63 ? 57  ILE A CG1 1 
ATOM   465  C CG2 . ILE A 1 57  ? 6.380   -5.632  -10.463 1.00 17.11 ? 57  ILE A CG2 1 
ATOM   466  C CD1 . ILE A 1 57  ? 4.144   -7.532  -9.235  1.00 18.16 ? 57  ILE A CD1 1 
ATOM   467  N N   . LYS A 1 58  ? 8.469   -3.368  -8.877  1.00 18.29 ? 58  LYS A N   1 
ATOM   468  C CA  . LYS A 1 58  ? 9.139   -2.152  -9.406  1.00 18.22 ? 58  LYS A CA  1 
ATOM   469  C C   . LYS A 1 58  ? 10.053  -2.604  -10.525 1.00 17.64 ? 58  LYS A C   1 
ATOM   470  O O   . LYS A 1 58  ? 11.136  -3.130  -10.278 1.00 18.02 ? 58  LYS A O   1 
ATOM   471  C CB  . LYS A 1 58  ? 9.916   -1.470  -8.269  1.00 18.96 ? 58  LYS A CB  1 
ATOM   472  C CG  . LYS A 1 58  ? 10.595  -0.148  -8.600  1.00 19.64 ? 58  LYS A CG  1 
ATOM   473  C CD  . LYS A 1 58  ? 11.378  0.361   -7.388  1.00 21.57 ? 58  LYS A CD  1 
ATOM   474  C CE  . LYS A 1 58  ? 11.883  1.784   -7.614  1.00 22.23 ? 58  LYS A CE  1 
ATOM   475  N NZ  . LYS A 1 58  ? 12.296  2.436   -6.352  1.00 23.38 ? 58  LYS A NZ  1 
ATOM   476  N N   . GLY A 1 59  ? 9.579   -2.487  -11.759 1.00 18.42 ? 59  GLY A N   1 
ATOM   477  C CA  . GLY A 1 59  ? 10.302  -3.002  -12.900 1.00 18.54 ? 59  GLY A CA  1 
ATOM   478  C C   . GLY A 1 59  ? 10.436  -4.510  -12.825 1.00 20.84 ? 59  GLY A C   1 
ATOM   479  O O   . GLY A 1 59  ? 9.426   -5.234  -12.760 1.00 20.88 ? 59  GLY A O   1 
ATOM   480  N N   . THR A 1 60  ? 11.676  -4.982  -12.792 1.00 19.37 ? 60  THR A N   1 
ATOM   481  C CA  . THR A 1 60  ? 11.958  -6.404  -12.695 1.00 22.07 ? 60  THR A CA  1 
ATOM   482  C C   . THR A 1 60  ? 12.252  -6.903  -11.265 1.00 21.14 ? 60  THR A C   1 
ATOM   483  O O   . THR A 1 60  ? 12.651  -8.045  -11.090 1.00 19.93 ? 60  THR A O   1 
ATOM   484  C CB  . THR A 1 60  ? 13.158  -6.759  -13.593 1.00 23.57 ? 60  THR A CB  1 
ATOM   485  O OG1 . THR A 1 60  ? 14.323  -6.061  -13.128 1.00 24.70 ? 60  THR A OG1 1 
ATOM   486  C CG2 . THR A 1 60  ? 12.872  -6.356  -15.001 1.00 25.03 ? 60  THR A CG2 1 
ATOM   487  N N   . GLN A 1 61  ? 12.042  -6.058  -10.258 1.00 21.48 ? 61  GLN A N   1 
ATOM   488  C CA  . GLN A 1 61  ? 12.257  -6.418  -8.864  1.00 22.96 ? 61  GLN A CA  1 
ATOM   489  C C   . GLN A 1 61  ? 10.914  -6.521  -8.155  1.00 20.39 ? 61  GLN A C   1 
ATOM   490  O O   . GLN A 1 61  ? 9.980   -5.775  -8.464  1.00 18.92 ? 61  GLN A O   1 
ATOM   491  C CB  . GLN A 1 61  ? 13.151  -5.380  -8.153  1.00 27.17 ? 61  GLN A CB  1 
ATOM   492  C CG  . GLN A 1 61  ? 14.500  -5.154  -8.839  1.00 31.90 ? 61  GLN A CG  1 
ATOM   493  C CD  . GLN A 1 61  ? 15.352  -6.418  -8.910  1.00 34.45 ? 61  GLN A CD  1 
ATOM   494  O OE1 . GLN A 1 61  ? 15.683  -6.915  -10.006 1.00 49.91 ? 61  GLN A OE1 1 
ATOM   495  N NE2 . GLN A 1 61  ? 15.688  -6.964  -7.740  1.00 44.03 ? 61  GLN A NE2 1 
ATOM   496  N N   . ILE A 1 62  ? 10.824  -7.460  -7.217  1.00 18.01 ? 62  ILE A N   1 
ATOM   497  C CA  . ILE A 1 62  ? 9.594   -7.675  -6.467  1.00 18.70 ? 62  ILE A CA  1 
ATOM   498  C C   . ILE A 1 62  ? 9.892   -7.937  -4.999  1.00 18.40 ? 62  ILE A C   1 
ATOM   499  O O   . ILE A 1 62  ? 10.824  -8.671  -4.689  1.00 19.37 ? 62  ILE A O   1 
ATOM   500  C CB  . ILE A 1 62  ? 8.752   -8.835  -7.065  1.00 19.39 ? 62  ILE A CB  1 
ATOM   501  C CG1 . ILE A 1 62  ? 7.487   -9.114  -6.227  1.00 18.81 ? 62  ILE A CG1 1 
ATOM   502  C CG2 . ILE A 1 62  ? 9.598   -10.103 -7.228  1.00 19.40 ? 62  ILE A CG2 1 
ATOM   503  C CD1 . ILE A 1 62  ? 6.527   -10.074 -6.915  1.00 18.90 ? 62  ILE A CD1 1 
ATOM   504  N N   . MET A 1 63  ? 9.127   -7.268  -4.135  1.00 18.03 ? 63  MET A N   1 
ATOM   505  C CA  A MET A 1 63  ? 9.031   -7.563  -2.708  0.50 17.55 ? 63  MET A CA  1 
ATOM   506  C CA  B MET A 1 63  ? 9.032   -7.595  -2.716  0.50 18.74 ? 63  MET A CA  1 
ATOM   507  C C   . MET A 1 63  ? 7.644   -8.171  -2.466  1.00 18.24 ? 63  MET A C   1 
ATOM   508  O O   . MET A 1 63  ? 6.649   -7.656  -2.965  1.00 18.17 ? 63  MET A O   1 
ATOM   509  C CB  A MET A 1 63  ? 9.167   -6.292  -1.861  0.50 17.09 ? 63  MET A CB  1 
ATOM   510  C CB  B MET A 1 63  ? 9.237   -6.368  -1.834  0.50 19.91 ? 63  MET A CB  1 
ATOM   511  C CG  A MET A 1 63  ? 10.398  -5.428  -2.110  0.50 16.38 ? 63  MET A CG  1 
ATOM   512  C CG  B MET A 1 63  ? 10.679  -5.926  -1.700  0.50 20.57 ? 63  MET A CG  1 
ATOM   513  S SD  A MET A 1 63  ? 10.383  -3.959  -1.038  0.50 15.66 ? 63  MET A SD  1 
ATOM   514  S SD  B MET A 1 63  ? 10.892  -4.671  -0.409  0.50 22.88 ? 63  MET A SD  1 
ATOM   515  C CE  A MET A 1 63  ? 10.592  -4.813  0.536   0.50 14.87 ? 63  MET A CE  1 
ATOM   516  C CE  B MET A 1 63  ? 12.225  -3.764  -1.203  0.50 20.60 ? 63  MET A CE  1 
ATOM   517  N N   . ALA A 1 64  ? 7.593   -9.261  -1.715  1.00 17.81 ? 64  ALA A N   1 
ATOM   518  C CA  . ALA A 1 64  ? 6.351   -9.954  -1.377  1.00 17.73 ? 64  ALA A CA  1 
ATOM   519  C C   . ALA A 1 64  ? 6.238   -9.995  0.121   1.00 17.13 ? 64  ALA A C   1 
ATOM   520  O O   . ALA A 1 64  ? 7.249   -10.154 0.826   1.00 16.32 ? 64  ALA A O   1 
ATOM   521  C CB  . ALA A 1 64  ? 6.366   -11.371 -1.925  1.00 17.21 ? 64  ALA A CB  1 
ATOM   522  N N   . TYR A 1 65  ? 5.014   -9.876  0.617   1.00 17.25 ? 65  TYR A N   1 
ATOM   523  C CA  . TYR A 1 65  ? 4.752   -10.012 2.051   1.00 17.96 ? 65  TYR A CA  1 
ATOM   524  C C   . TYR A 1 65  ? 3.465   -10.783 2.268   1.00 18.69 ? 65  TYR A C   1 
ATOM   525  O O   . TYR A 1 65  ? 2.402   -10.357 1.805   1.00 17.67 ? 65  TYR A O   1 
ATOM   526  C CB  . TYR A 1 65  ? 4.654   -8.649  2.768   1.00 17.65 ? 65  TYR A CB  1 
ATOM   527  C CG  . TYR A 1 65  ? 5.386   -7.496  2.142   1.00 17.61 ? 65  TYR A CG  1 
ATOM   528  C CD1 . TYR A 1 65  ? 4.886   -6.889  1.006   1.00 18.37 ? 65  TYR A CD1 1 
ATOM   529  C CD2 . TYR A 1 65  ? 6.545   -6.966  2.700   1.00 17.81 ? 65  TYR A CD2 1 
ATOM   530  C CE1 . TYR A 1 65  ? 5.509   -5.809  0.422   1.00 17.80 ? 65  TYR A CE1 1 
ATOM   531  C CE2 . TYR A 1 65  ? 7.197   -5.894  2.091   1.00 18.69 ? 65  TYR A CE2 1 
ATOM   532  C CZ  . TYR A 1 65  ? 6.659   -5.314  0.951   1.00 18.63 ? 65  TYR A CZ  1 
ATOM   533  O OH  . TYR A 1 65  ? 7.256   -4.214  0.311   1.00 20.17 ? 65  TYR A OH  1 
ATOM   534  N N   . ASP A 1 66  ? 3.556   -11.929 2.938   1.00 18.38 ? 66  ASP A N   1 
ATOM   535  C CA  . ASP A 1 66  ? 2.351   -12.573 3.443   1.00 19.22 ? 66  ASP A CA  1 
ATOM   536  C C   . ASP A 1 66  ? 1.827   -11.669 4.560   1.00 18.79 ? 66  ASP A C   1 
ATOM   537  O O   . ASP A 1 66  ? 2.615   -11.022 5.280   1.00 20.01 ? 66  ASP A O   1 
ATOM   538  C CB  . ASP A 1 66  ? 2.637   -13.982 4.001   1.00 19.41 ? 66  ASP A CB  1 
ATOM   539  C CG  . ASP A 1 66  ? 2.606   -15.083 2.953   1.00 19.28 ? 66  ASP A CG  1 
ATOM   540  O OD1 . ASP A 1 66  ? 2.622   -14.802 1.727   1.00 19.35 ? 66  ASP A OD1 1 
ATOM   541  O OD2 . ASP A 1 66  ? 2.587   -16.276 3.381   1.00 20.21 ? 66  ASP A OD2 1 
ATOM   542  N N   . PHE A 1 67  ? 0.517   -11.605 4.708   1.00 18.18 ? 67  PHE A N   1 
ATOM   543  C CA  . PHE A 1 67  ? -0.053  -10.816 5.780   1.00 19.26 ? 67  PHE A CA  1 
ATOM   544  C C   . PHE A 1 67  ? -1.294  -11.418 6.434   1.00 19.60 ? 67  PHE A C   1 
ATOM   545  O O   . PHE A 1 67  ? -2.056  -12.170 5.829   1.00 18.39 ? 67  PHE A O   1 
ATOM   546  C CB  . PHE A 1 67  ? -0.295  -9.368  5.354   1.00 18.72 ? 67  PHE A CB  1 
ATOM   547  C CG  . PHE A 1 67  ? -1.352  -9.183  4.285   1.00 19.40 ? 67  PHE A CG  1 
ATOM   548  C CD1 . PHE A 1 67  ? -1.007  -9.178  2.933   1.00 19.13 ? 67  PHE A CD1 1 
ATOM   549  C CD2 . PHE A 1 67  ? -2.680  -8.934  4.630   1.00 20.07 ? 67  PHE A CD2 1 
ATOM   550  C CE1 . PHE A 1 67  ? -1.969  -8.964  1.942   1.00 18.59 ? 67  PHE A CE1 1 
ATOM   551  C CE2 . PHE A 1 67  ? -3.652  -8.720  3.654   1.00 20.01 ? 67  PHE A CE2 1 
ATOM   552  C CZ  . PHE A 1 67  ? -3.294  -8.730  2.305   1.00 20.14 ? 67  PHE A CZ  1 
ATOM   553  N N   . VAL A 1 68  ? -1.454  -11.063 7.702   1.00 20.84 ? 68  VAL A N   1 
ATOM   554  C CA  . VAL A 1 68  ? -2.609  -11.446 8.504   1.00 21.14 ? 68  VAL A CA  1 
ATOM   555  C C   . VAL A 1 68  ? -3.065  -10.227 9.301   1.00 22.14 ? 68  VAL A C   1 
ATOM   556  O O   . VAL A 1 68  ? -2.322  -9.233  9.460   1.00 19.94 ? 68  VAL A O   1 
ATOM   557  C CB  . VAL A 1 68  ? -2.285  -12.623 9.446   1.00 22.51 ? 68  VAL A CB  1 
ATOM   558  C CG1 . VAL A 1 68  ? -1.922  -13.862 8.639   1.00 21.11 ? 68  VAL A CG1 1 
ATOM   559  C CG2 . VAL A 1 68  ? -1.189  -12.280 10.468  1.00 22.21 ? 68  VAL A CG2 1 
ATOM   560  N N   . GLY A 1 69  ? -4.299  -10.287 9.776   1.00 21.93 ? 69  GLY A N   1 
ATOM   561  C CA  . GLY A 1 69  ? -4.849  -9.198  10.596  1.00 22.80 ? 69  GLY A CA  1 
ATOM   562  C C   . GLY A 1 69  ? -4.278  -9.243  12.005  1.00 21.91 ? 69  GLY A C   1 
ATOM   563  O O   . GLY A 1 69  ? -3.959  -10.311 12.533  1.00 21.88 ? 69  GLY A O   1 
ATOM   564  N N   . GLY A 1 70  ? -4.130  -8.074  12.609  1.00 21.13 ? 70  GLY A N   1 
ATOM   565  C CA  . GLY A 1 70  ? -3.749  -7.982  14.013  1.00 21.96 ? 70  GLY A CA  1 
ATOM   566  C C   . GLY A 1 70  ? -4.741  -7.103  14.752  1.00 20.48 ? 70  GLY A C   1 
ATOM   567  O O   . GLY A 1 70  ? -5.756  -6.722  14.204  1.00 18.81 ? 70  GLY A O   1 
ATOM   568  N N   . PRO A 1 71  ? -4.426  -6.759  16.006  1.00 21.97 ? 71  PRO A N   1 
ATOM   569  C CA  . PRO A 1 71  ? -5.285  -5.850  16.765  1.00 21.49 ? 71  PRO A CA  1 
ATOM   570  C C   . PRO A 1 71  ? -5.448  -4.478  16.122  1.00 20.57 ? 71  PRO A C   1 
ATOM   571  O O   . PRO A 1 71  ? -4.547  -3.990  15.427  1.00 20.75 ? 71  PRO A O   1 
ATOM   572  C CB  . PRO A 1 71  ? -4.535  -5.692  18.103  1.00 22.34 ? 71  PRO A CB  1 
ATOM   573  C CG  . PRO A 1 71  ? -3.642  -6.888  18.195  1.00 23.05 ? 71  PRO A CG  1 
ATOM   574  C CD  . PRO A 1 71  ? -3.250  -7.201  16.785  1.00 22.53 ? 71  PRO A CD  1 
ATOM   575  N N   . GLU A 1 72  ? -6.589  -3.859  16.377  1.00 21.41 ? 72  GLU A N   1 
ATOM   576  C CA  . GLU A 1 72  ? -6.889  -2.493  15.947  1.00 22.65 ? 72  GLU A CA  1 
ATOM   577  C C   . GLU A 1 72  ? -6.712  -2.229  14.452  1.00 21.08 ? 72  GLU A C   1 
ATOM   578  O O   . GLU A 1 72  ? -6.170  -1.197  14.046  1.00 18.96 ? 72  GLU A O   1 
ATOM   579  C CB  . GLU A 1 72  ? -6.080  -1.475  16.756  1.00 26.00 ? 72  GLU A CB  1 
ATOM   580  C CG  . GLU A 1 72  ? -6.414  -1.442  18.224  1.00 31.30 ? 72  GLU A CG  1 
ATOM   581  C CD  . GLU A 1 72  ? -5.610  -0.361  18.941  1.00 35.17 ? 72  GLU A CD  1 
ATOM   582  O OE1 . GLU A 1 72  ? -4.838  -0.737  19.849  1.00 38.85 ? 72  GLU A OE1 1 
ATOM   583  O OE2 . GLU A 1 72  ? -5.733  0.834   18.551  1.00 35.97 ? 72  GLU A OE2 1 
ATOM   584  N N   . ASN A 1 73  ? -7.247  -3.145  13.649  1.00 20.02 ? 73  ASN A N   1 
ATOM   585  C CA  . ASN A 1 73  ? -7.260  -3.041  12.187  1.00 20.03 ? 73  ASN A CA  1 
ATOM   586  C C   . ASN A 1 73  ? -5.837  -2.942  11.592  1.00 19.43 ? 73  ASN A C   1 
ATOM   587  O O   . ASN A 1 73  ? -5.633  -2.303  10.542  1.00 19.40 ? 73  ASN A O   1 
ATOM   588  C CB  . ASN A 1 73  ? -8.132  -1.866  11.700  1.00 20.19 ? 73  ASN A CB  1 
ATOM   589  C CG  . ASN A 1 73  ? -9.619  -2.046  11.996  1.00 20.35 ? 73  ASN A CG  1 
ATOM   590  O OD1 . ASN A 1 73  ? -10.134 -3.181  12.169  1.00 20.69 ? 73  ASN A OD1 1 
ATOM   591  N ND2 . ASN A 1 73  ? -10.325 -0.926  12.031  1.00 19.08 ? 73  ASN A ND2 1 
ATOM   592  N N   . SER A 1 74  ? -4.880  -3.578  12.268  1.00 18.67 ? 74  SER A N   1 
ATOM   593  C CA  . SER A 1 74  ? -3.525  -3.680  11.767  1.00 19.00 ? 74  SER A CA  1 
ATOM   594  C C   . SER A 1 74  ? -3.390  -4.820  10.747  1.00 19.28 ? 74  SER A C   1 
ATOM   595  O O   . SER A 1 74  ? -4.103  -5.833  10.815  1.00 17.00 ? 74  SER A O   1 
ATOM   596  C CB  . SER A 1 74  ? -2.539  -3.917  12.902  1.00 19.16 ? 74  SER A CB  1 
ATOM   597  O OG  . SER A 1 74  ? -2.819  -5.110  13.606  1.00 19.32 ? 74  SER A OG  1 
ATOM   598  N N   . ALA A 1 75  ? -2.415  -4.658  9.852   1.00 19.13 ? 75  ALA A N   1 
ATOM   599  C CA  . ALA A 1 75  ? -1.979  -5.715  8.961   1.00 19.66 ? 75  ALA A CA  1 
ATOM   600  C C   . ALA A 1 75  ? -0.551  -6.047  9.357   1.00 19.18 ? 75  ALA A C   1 
ATOM   601  O O   . ALA A 1 75  ? 0.293   -5.158  9.451   1.00 18.88 ? 75  ALA A O   1 
ATOM   602  C CB  . ALA A 1 75  ? -2.051  -5.247  7.515   1.00 19.64 ? 75  ALA A CB  1 
ATOM   603  N N   . HIS A 1 76  ? -0.309  -7.322  9.641   1.00 19.34 ? 76  HIS A N   1 
ATOM   604  C CA  . HIS A 1 76  ? 0.976   -7.809  10.080  1.00 19.92 ? 76  HIS A CA  1 
ATOM   605  C C   . HIS A 1 76  ? 1.596   -8.505  8.865   1.00 19.92 ? 76  HIS A C   1 
ATOM   606  O O   . HIS A 1 76  ? 1.140   -9.569  8.465   1.00 19.50 ? 76  HIS A O   1 
ATOM   607  C CB  . HIS A 1 76  ? 0.828   -8.725  11.294  1.00 20.67 ? 76  HIS A CB  1 
ATOM   608  C CG  . HIS A 1 76  ? 0.554   -7.972  12.559  1.00 22.70 ? 76  HIS A CG  1 
ATOM   609  N ND1 . HIS A 1 76  ? 1.411   -7.988  13.645  1.00 26.11 ? 76  HIS A ND1 1 
ATOM   610  C CD2 . HIS A 1 76  ? -0.421  -7.085  12.866  1.00 22.35 ? 76  HIS A CD2 1 
ATOM   611  C CE1 . HIS A 1 76  ? 0.943   -7.178  14.580  1.00 25.46 ? 76  HIS A CE1 1 
ATOM   612  N NE2 . HIS A 1 76  ? -0.168  -6.623  14.134  1.00 22.30 ? 76  HIS A NE2 1 
ATOM   613  N N   . LEU A 1 77  ? 2.599   -7.850  8.285   1.00 18.96 ? 77  LEU A N   1 
ATOM   614  C CA  . LEU A 1 77  ? 3.275   -8.299  7.073   1.00 19.79 ? 77  LEU A CA  1 
ATOM   615  C C   . LEU A 1 77  ? 4.548   -9.073  7.436   1.00 19.71 ? 77  LEU A C   1 
ATOM   616  O O   . LEU A 1 77  ? 5.265   -8.703  8.359   1.00 19.04 ? 77  LEU A O   1 
ATOM   617  C CB  . LEU A 1 77  ? 3.639   -7.104  6.186   1.00 20.20 ? 77  LEU A CB  1 
ATOM   618  C CG  . LEU A 1 77  ? 2.533   -6.627  5.249   1.00 21.15 ? 77  LEU A CG  1 
ATOM   619  C CD1 . LEU A 1 77  ? 1.237   -6.219  5.974   1.00 21.53 ? 77  LEU A CD1 1 
ATOM   620  C CD2 . LEU A 1 77  ? 3.071   -5.491  4.399   1.00 21.37 ? 77  LEU A CD2 1 
ATOM   621  N N   . ASN A 1 78  ? 4.812   -10.132 6.684   1.00 20.02 ? 78  ASN A N   1 
ATOM   622  C CA  . ASN A 1 78  ? 6.023   -10.950 6.807   1.00 20.75 ? 78  ASN A CA  1 
ATOM   623  C C   . ASN A 1 78  ? 6.698   -10.894 5.448   1.00 20.48 ? 78  ASN A C   1 
ATOM   624  O O   . ASN A 1 78  ? 6.266   -11.569 4.498   1.00 19.27 ? 78  ASN A O   1 
ATOM   625  C CB  . ASN A 1 78  ? 5.662   -12.389 7.173   1.00 21.29 ? 78  ASN A CB  1 
ATOM   626  C CG  . ASN A 1 78  ? 6.883   -13.308 7.250   1.00 22.95 ? 78  ASN A CG  1 
ATOM   627  O OD1 . ASN A 1 78  ? 7.422   -13.509 8.332   1.00 23.81 ? 78  ASN A OD1 1 
ATOM   628  N ND2 . ASN A 1 78  ? 7.315   -13.879 6.106   1.00 22.86 ? 78  ASN A ND2 1 
ATOM   629  N N   . GLU A 1 79  ? 7.731   -10.069 5.350   1.00 20.00 ? 79  GLU A N   1 
ATOM   630  C CA  . GLU A 1 79  ? 8.483   -9.913  4.108   1.00 21.54 ? 79  GLU A CA  1 
ATOM   631  C C   . GLU A 1 79  ? 9.104   -11.258 3.730   1.00 20.47 ? 79  GLU A C   1 
ATOM   632  O O   . GLU A 1 79  ? 9.875   -11.827 4.501   1.00 20.71 ? 79  GLU A O   1 
ATOM   633  C CB  . GLU A 1 79  ? 9.550   -8.829  4.261   1.00 24.70 ? 79  GLU A CB  1 
ATOM   634  C CG  . GLU A 1 79  ? 10.001  -8.208  2.951   1.00 28.27 ? 79  GLU A CG  1 
ATOM   635  C CD  . GLU A 1 79  ? 11.008  -9.071  2.186   1.00 32.25 ? 79  GLU A CD  1 
ATOM   636  O OE1 . GLU A 1 79  ? 11.812  -9.773  2.805   1.00 39.34 ? 79  GLU A OE1 1 
ATOM   637  O OE2 . GLU A 1 79  ? 10.998  -9.044  0.958   1.00 39.95 ? 79  GLU A OE2 1 
ATOM   638  N N   . CYS A 1 80  ? 8.752   -11.758 2.551   1.00 18.19 ? 80  CYS A N   1 
ATOM   639  C CA  . CYS A 1 80  ? 8.957   -13.167 2.212   1.00 18.82 ? 80  CYS A CA  1 
ATOM   640  C C   . CYS A 1 80  ? 10.417  -13.629 2.003   1.00 19.56 ? 80  CYS A C   1 
ATOM   641  O O   . CYS A 1 80  ? 10.703  -14.827 2.069   1.00 20.50 ? 80  CYS A O   1 
ATOM   642  C CB  . CYS A 1 80  ? 8.119   -13.522 0.979   1.00 18.20 ? 80  CYS A CB  1 
ATOM   643  S SG  . CYS A 1 80  ? 6.333   -13.435 1.288   1.00 20.20 ? 80  CYS A SG  1 
ATOM   644  N N   . HIS A 1 81  ? 11.298  -12.693 1.704   1.00 21.47 ? 81  HIS A N   1 
ATOM   645  C CA  . HIS A 1 81  ? 12.701  -12.989 1.441   1.00 24.83 ? 81  HIS A CA  1 
ATOM   646  C C   . HIS A 1 81  ? 13.558  -12.951 2.712   1.00 26.54 ? 81  HIS A C   1 
ATOM   647  O O   . HIS A 1 81  ? 14.556  -13.652 2.779   1.00 25.77 ? 81  HIS A O   1 
ATOM   648  C CB  . HIS A 1 81  ? 13.262  -12.045 0.370   1.00 26.07 ? 81  HIS A CB  1 
ATOM   649  C CG  . HIS A 1 81  ? 14.621  -12.441 -0.121  1.00 29.92 ? 81  HIS A CG  1 
ATOM   650  N ND1 . HIS A 1 81  ? 14.890  -13.692 -0.638  1.00 29.10 ? 81  HIS A ND1 1 
ATOM   651  C CD2 . HIS A 1 81  ? 15.791  -11.754 -0.163  1.00 33.15 ? 81  HIS A CD2 1 
ATOM   652  C CE1 . HIS A 1 81  ? 16.165  -13.758 -0.983  1.00 31.46 ? 81  HIS A CE1 1 
ATOM   653  N NE2 . HIS A 1 81  ? 16.737  -12.599 -0.695  1.00 34.10 ? 81  HIS A NE2 1 
ATOM   654  N N   . THR A 1 82  ? 13.141  -12.171 3.711   1.00 28.55 ? 82  THR A N   1 
ATOM   655  C CA  . THR A 1 82  ? 13.891  -11.987 4.976   1.00 31.37 ? 82  THR A CA  1 
ATOM   656  C C   . THR A 1 82  ? 13.208  -12.523 6.219   1.00 31.46 ? 82  THR A C   1 
ATOM   657  O O   . THR A 1 82  ? 13.873  -12.861 7.179   1.00 33.55 ? 82  THR A O   1 
ATOM   658  C CB  . THR A 1 82  ? 14.159  -10.491 5.216   1.00 32.94 ? 82  THR A CB  1 
ATOM   659  O OG1 . THR A 1 82  ? 12.912  -9.775  5.273   1.00 30.79 ? 82  THR A OG1 1 
ATOM   660  C CG2 . THR A 1 82  ? 14.992  -9.931  4.085   1.00 32.74 ? 82  THR A CG2 1 
ATOM   661  N N   . GLY A 1 83  ? 11.881  -12.637 6.207   1.00 30.06 ? 83  GLY A N   1 
ATOM   662  C CA  . GLY A 1 83  ? 11.131  -12.921 7.414   1.00 28.10 ? 83  GLY A CA  1 
ATOM   663  C C   . GLY A 1 83  ? 10.928  -11.697 8.294   1.00 27.01 ? 83  GLY A C   1 
ATOM   664  O O   . GLY A 1 83  ? 10.418  -11.829 9.400   1.00 28.48 ? 83  GLY A O   1 
ATOM   665  N N   . ASP A 1 84  ? 11.287  -10.512 7.813   1.00 26.33 ? 84  ASP A N   1 
ATOM   666  C CA  . ASP A 1 84  ? 11.131  -9.290  8.597   1.00 28.25 ? 84  ASP A CA  1 
ATOM   667  C C   . ASP A 1 84  ? 9.649   -8.908  8.676   1.00 27.49 ? 84  ASP A C   1 
ATOM   668  O O   . ASP A 1 84  ? 8.902   -9.094  7.718   1.00 24.25 ? 84  ASP A O   1 
ATOM   669  C CB  . ASP A 1 84  ? 11.957  -8.147  7.996   1.00 31.52 ? 84  ASP A CB  1 
ATOM   670  C CG  . ASP A 1 84  ? 13.484  -8.392  8.096   1.00 35.78 ? 84  ASP A CG  1 
ATOM   671  O OD1 . ASP A 1 84  ? 13.942  -9.275  8.870   1.00 35.87 ? 84  ASP A OD1 1 
ATOM   672  O OD2 . ASP A 1 84  ? 14.227  -7.684  7.388   1.00 39.44 ? 84  ASP A OD2 1 
ATOM   673  N N   . LYS A 1 85  ? 9.246   -8.410  9.842   1.00 25.66 ? 85  LYS A N   1 
ATOM   674  C CA  . LYS A 1 85  ? 7.843   -8.149  10.164  1.00 25.12 ? 85  LYS A CA  1 
ATOM   675  C C   . LYS A 1 85  ? 7.591   -6.681  10.064  1.00 22.94 ? 85  LYS A C   1 
ATOM   676  O O   . LYS A 1 85  ? 8.439   -5.888  10.432  1.00 22.46 ? 85  LYS A O   1 
ATOM   677  C CB  . LYS A 1 85  ? 7.518   -8.590  11.582  1.00 28.54 ? 85  LYS A CB  1 
ATOM   678  C CG  . LYS A 1 85  ? 7.929   -10.014 11.909  1.00 31.90 ? 85  LYS A CG  1 
ATOM   679  C CD  . LYS A 1 85  ? 7.215   -11.005 11.015  1.00 34.87 ? 85  LYS A CD  1 
ATOM   680  C CE  . LYS A 1 85  ? 7.479   -12.440 11.444  1.00 39.53 ? 85  LYS A CE  1 
ATOM   681  N NZ  . LYS A 1 85  ? 6.371   -13.326 10.975  1.00 42.43 ? 85  LYS A NZ  1 
ATOM   682  N N   . GLN A 1 86  ? 6.423   -6.311  9.568   1.00 21.40 ? 86  GLN A N   1 
ATOM   683  C CA  . GLN A 1 86  ? 6.032   -4.916  9.503   1.00 21.51 ? 86  GLN A CA  1 
ATOM   684  C C   . GLN A 1 86  ? 4.567   -4.812  9.907   1.00 20.08 ? 86  GLN A C   1 
ATOM   685  O O   . GLN A 1 86  ? 3.775   -5.676  9.564   1.00 20.17 ? 86  GLN A O   1 
ATOM   686  C CB  . GLN A 1 86  ? 6.224   -4.357  8.089   1.00 22.26 ? 86  GLN A CB  1 
ATOM   687  C CG  . GLN A 1 86  ? 7.579   -4.621  7.422   1.00 23.12 ? 86  GLN A CG  1 
ATOM   688  C CD  . GLN A 1 86  ? 7.671   -4.024  6.014   1.00 24.67 ? 86  GLN A CD  1 
ATOM   689  O OE1 . GLN A 1 86  ? 6.702   -3.443  5.493   1.00 23.14 ? 86  GLN A OE1 1 
ATOM   690  N NE2 . GLN A 1 86  ? 8.834   -4.173  5.387   1.00 22.99 ? 86  GLN A NE2 1 
ATOM   691  N N   . VAL A 1 87  ? 4.237   -3.768  10.654  1.00 18.56 ? 87  VAL A N   1 
ATOM   692  C CA  . VAL A 1 87  ? 2.886   -3.459  11.093  1.00 19.81 ? 87  VAL A CA  1 
ATOM   693  C C   . VAL A 1 87  ? 2.371   -2.223  10.360  1.00 18.56 ? 87  VAL A C   1 
ATOM   694  O O   . VAL A 1 87  ? 2.954   -1.120  10.456  1.00 18.02 ? 87  VAL A O   1 
ATOM   695  C CB  . VAL A 1 87  ? 2.824   -3.264  12.624  1.00 20.52 ? 87  VAL A CB  1 
ATOM   696  C CG1 . VAL A 1 87  ? 1.400   -2.981  13.065  1.00 20.74 ? 87  VAL A CG1 1 
ATOM   697  C CG2 . VAL A 1 87  ? 3.390   -4.492  13.338  1.00 21.32 ? 87  VAL A CG2 1 
ATOM   698  N N   . TRP A 1 88  ? 1.285   -2.433  9.621   1.00 17.73 ? 88  TRP A N   1 
ATOM   699  C CA  . TRP A 1 88  ? 0.670   -1.431  8.774   1.00 18.80 ? 88  TRP A CA  1 
ATOM   700  C C   . TRP A 1 88  ? -0.756  -1.152  9.215   1.00 18.39 ? 88  TRP A C   1 
ATOM   701  O O   . TRP A 1 88  ? -1.419  -2.037  9.771   1.00 17.42 ? 88  TRP A O   1 
ATOM   702  C CB  . TRP A 1 88  ? 0.639   -1.919  7.305   1.00 18.74 ? 88  TRP A CB  1 
ATOM   703  C CG  . TRP A 1 88  ? 1.985   -1.798  6.685   1.00 18.06 ? 88  TRP A CG  1 
ATOM   704  C CD1 . TRP A 1 88  ? 3.059   -2.628  6.863   1.00 17.99 ? 88  TRP A CD1 1 
ATOM   705  C CD2 . TRP A 1 88  ? 2.416   -0.751  5.833   1.00 17.91 ? 88  TRP A CD2 1 
ATOM   706  N NE1 . TRP A 1 88  ? 4.137   -2.165  6.143   1.00 18.16 ? 88  TRP A NE1 1 
ATOM   707  C CE2 . TRP A 1 88  ? 3.770   -1.011  5.496   1.00 17.94 ? 88  TRP A CE2 1 
ATOM   708  C CE3 . TRP A 1 88  ? 1.789   0.373   5.301   1.00 17.83 ? 88  TRP A CE3 1 
ATOM   709  C CZ2 . TRP A 1 88  ? 4.517   -0.160  4.670   1.00 18.18 ? 88  TRP A CZ2 1 
ATOM   710  C CZ3 . TRP A 1 88  ? 2.532   1.228   4.484   1.00 19.11 ? 88  TRP A CZ3 1 
ATOM   711  C CH2 . TRP A 1 88  ? 3.874   0.947   4.161   1.00 18.54 ? 88  TRP A CH2 1 
ATOM   712  N N   . TYR A 1 89  ? -1.221  0.055   8.916   1.00 18.21 ? 89  TYR A N   1 
ATOM   713  C CA  . TYR A 1 89  ? -2.649  0.403   9.047   1.00 19.70 ? 89  TYR A CA  1 
ATOM   714  C C   . TYR A 1 89  ? -3.097  1.113   7.796   1.00 19.79 ? 89  TYR A C   1 
ATOM   715  O O   . TYR A 1 89  ? -2.257  1.579   7.019   1.00 18.43 ? 89  TYR A O   1 
ATOM   716  C CB  . TYR A 1 89  ? -2.885  1.336   10.227  1.00 19.79 ? 89  TYR A CB  1 
ATOM   717  C CG  . TYR A 1 89  ? -2.409  0.787   11.531  1.00 19.63 ? 89  TYR A CG  1 
ATOM   718  C CD1 . TYR A 1 89  ? -1.107  1.022   11.978  1.00 19.20 ? 89  TYR A CD1 1 
ATOM   719  C CD2 . TYR A 1 89  ? -3.272  0.054   12.345  1.00 20.46 ? 89  TYR A CD2 1 
ATOM   720  C CE1 . TYR A 1 89  ? -0.664  0.497   13.199  1.00 20.28 ? 89  TYR A CE1 1 
ATOM   721  C CE2 . TYR A 1 89  ? -2.861  -0.454  13.554  1.00 19.88 ? 89  TYR A CE2 1 
ATOM   722  C CZ  . TYR A 1 89  ? -1.562  -0.244  13.982  1.00 20.32 ? 89  TYR A CZ  1 
ATOM   723  O OH  . TYR A 1 89  ? -1.187  -0.792  15.169  1.00 19.97 ? 89  TYR A OH  1 
ATOM   724  N N   . PHE A 1 90  ? -4.423  1.184   7.612   1.00 19.01 ? 90  PHE A N   1 
ATOM   725  C CA  . PHE A 1 90  ? -5.033  1.978   6.574   1.00 19.48 ? 90  PHE A CA  1 
ATOM   726  C C   . PHE A 1 90  ? -5.634  3.240   7.124   1.00 20.25 ? 90  PHE A C   1 
ATOM   727  O O   . PHE A 1 90  ? -6.471  3.221   8.035   1.00 17.81 ? 90  PHE A O   1 
ATOM   728  C CB  . PHE A 1 90  ? -6.110  1.189   5.809   1.00 19.89 ? 90  PHE A CB  1 
ATOM   729  C CG  . PHE A 1 90  ? -5.561  0.057   4.996   1.00 20.45 ? 90  PHE A CG  1 
ATOM   730  C CD1 . PHE A 1 90  ? -5.261  -1.159  5.594   1.00 21.28 ? 90  PHE A CD1 1 
ATOM   731  C CD2 . PHE A 1 90  ? -5.344  0.194   3.631   1.00 20.71 ? 90  PHE A CD2 1 
ATOM   732  C CE1 . PHE A 1 90  ? -4.774  -2.229  4.839   1.00 21.59 ? 90  PHE A CE1 1 
ATOM   733  C CE2 . PHE A 1 90  ? -4.823  -0.863  2.880   1.00 19.97 ? 90  PHE A CE2 1 
ATOM   734  C CZ  . PHE A 1 90  ? -4.528  -2.065  3.493   1.00 20.46 ? 90  PHE A CZ  1 
ATOM   735  N N   . GLN A 1 91  ? -5.232  4.356   6.512   1.00 20.79 ? 91  GLN A N   1 
ATOM   736  C CA  . GLN A 1 91  ? -5.841  5.649   6.760   1.00 21.93 ? 91  GLN A CA  1 
ATOM   737  C C   . GLN A 1 91  ? -7.318  5.682   6.313   1.00 21.58 ? 91  GLN A C   1 
ATOM   738  O O   . GLN A 1 91  ? -8.188  6.220   7.004   1.00 20.51 ? 91  GLN A O   1 
ATOM   739  C CB  . GLN A 1 91  ? -5.071  6.718   5.983   1.00 22.57 ? 91  GLN A CB  1 
ATOM   740  C CG  . GLN A 1 91  ? -4.845  7.979   6.727   1.00 23.52 ? 91  GLN A CG  1 
ATOM   741  C CD  . GLN A 1 91  ? -4.026  8.994   5.947   1.00 22.85 ? 91  GLN A CD  1 
ATOM   742  O OE1 . GLN A 1 91  ? -3.256  8.651   5.035   1.00 21.33 ? 91  GLN A OE1 1 
ATOM   743  N NE2 . GLN A 1 91  ? -4.228  10.263  6.277   1.00 22.31 ? 91  GLN A NE2 1 
ATOM   744  N N   . TYR A 1 92  ? -7.568  5.145   5.128   1.00 20.63 ? 92  TYR A N   1 
ATOM   745  C CA  . TYR A 1 92  ? -8.929  4.956   4.606   1.00 20.51 ? 92  TYR A CA  1 
ATOM   746  C C   . TYR A 1 92  ? -8.794  3.961   3.458   1.00 20.55 ? 92  TYR A C   1 
ATOM   747  O O   . TYR A 1 92  ? -7.680  3.784   2.892   1.00 20.29 ? 92  TYR A O   1 
ATOM   748  C CB  . TYR A 1 92  ? -9.536  6.286   4.078   1.00 20.87 ? 92  TYR A CB  1 
ATOM   749  C CG  . TYR A 1 92  ? -9.018  6.574   2.697   1.00 20.73 ? 92  TYR A CG  1 
ATOM   750  C CD1 . TYR A 1 92  ? -7.788  7.185   2.525   1.00 21.09 ? 92  TYR A CD1 1 
ATOM   751  C CD2 . TYR A 1 92  ? -9.693  6.122   1.566   1.00 20.94 ? 92  TYR A CD2 1 
ATOM   752  C CE1 . TYR A 1 92  ? -7.251  7.389   1.268   1.00 20.52 ? 92  TYR A CE1 1 
ATOM   753  C CE2 . TYR A 1 92  ? -9.161  6.315   0.300   1.00 21.19 ? 92  TYR A CE2 1 
ATOM   754  C CZ  . TYR A 1 92  ? -7.934  6.940   0.162   1.00 21.15 ? 92  TYR A CZ  1 
ATOM   755  O OH  . TYR A 1 92  ? -7.371  7.116   -1.073  1.00 21.09 ? 92  TYR A OH  1 
ATOM   756  N N   . THR A 1 93  ? -9.909  3.339   3.086   1.00 19.55 ? 93  THR A N   1 
ATOM   757  C CA  . THR A 1 93  ? -10.004 2.603   1.833   1.00 18.91 ? 93  THR A CA  1 
ATOM   758  C C   . THR A 1 93  ? -11.256 3.073   1.100   1.00 20.11 ? 93  THR A C   1 
ATOM   759  O O   . THR A 1 93  ? -12.219 3.505   1.731   1.00 20.32 ? 93  THR A O   1 
ATOM   760  C CB  . THR A 1 93  ? -10.071 1.078   2.022   1.00 18.89 ? 93  THR A CB  1 
ATOM   761  O OG1 . THR A 1 93  ? -11.305 0.725   2.639   1.00 19.32 ? 93  THR A OG1 1 
ATOM   762  C CG2 . THR A 1 93  ? -8.919  0.567   2.892   1.00 19.35 ? 93  THR A CG2 1 
ATOM   763  N N   . ASN A 1 94  ? -11.204 3.028   -0.226  1.00 19.89 ? 94  ASN A N   1 
ATOM   764  C CA  . ASN A 1 94  ? -12.323 3.366   -1.080  1.00 20.86 ? 94  ASN A CA  1 
ATOM   765  C C   . ASN A 1 94  ? -12.239 2.496   -2.331  1.00 20.87 ? 94  ASN A C   1 
ATOM   766  O O   . ASN A 1 94  ? -11.903 2.944   -3.435  1.00 21.43 ? 94  ASN A O   1 
ATOM   767  C CB  . ASN A 1 94  ? -12.347 4.873   -1.396  1.00 20.97 ? 94  ASN A CB  1 
ATOM   768  C CG  . ASN A 1 94  ? -13.675 5.318   -1.991  1.00 22.73 ? 94  ASN A CG  1 
ATOM   769  O OD1 . ASN A 1 94  ? -14.712 4.723   -1.711  1.00 21.53 ? 94  ASN A OD1 1 
ATOM   770  N ND2 . ASN A 1 94  ? -13.643 6.355   -2.821  1.00 22.29 ? 94  ASN A ND2 1 
ATOM   771  N N   . LEU A 1 95  ? -12.592 1.225   -2.137  1.00 21.58 ? 95  LEU A N   1 
ATOM   772  C CA  . LEU A 1 95  ? -12.420 0.201   -3.167  1.00 20.78 ? 95  LEU A CA  1 
ATOM   773  C C   . LEU A 1 95  ? -13.671 -0.015  -4.000  1.00 21.23 ? 95  LEU A C   1 
ATOM   774  O O   . LEU A 1 95  ? -14.770 0.007   -3.474  1.00 21.02 ? 95  LEU A O   1 
ATOM   775  C CB  . LEU A 1 95  ? -12.047 -1.128  -2.520  1.00 19.90 ? 95  LEU A CB  1 
ATOM   776  C CG  . LEU A 1 95  ? -10.834 -1.153  -1.582  1.00 19.58 ? 95  LEU A CG  1 
ATOM   777  C CD1 . LEU A 1 95  ? -10.489 -2.599  -1.241  1.00 19.73 ? 95  LEU A CD1 1 
ATOM   778  C CD2 . LEU A 1 95  ? -9.668  -0.421  -2.218  1.00 18.99 ? 95  LEU A CD2 1 
ATOM   779  N N   . LEU A 1 96  ? -13.471 -0.237  -5.290  1.00 21.49 ? 96  LEU A N   1 
ATOM   780  C CA  . LEU A 1 96  ? -14.501 -0.755  -6.186  1.00 23.01 ? 96  LEU A CA  1 
ATOM   781  C C   . LEU A 1 96  ? -15.691 0.219   -6.348  1.00 24.27 ? 96  LEU A C   1 
ATOM   782  O O   . LEU A 1 96  ? -16.862 -0.183  -6.317  1.00 24.36 ? 96  LEU A O   1 
ATOM   783  C CB  . LEU A 1 96  ? -14.971 -2.140  -5.733  1.00 23.02 ? 96  LEU A CB  1 
ATOM   784  C CG  . LEU A 1 96  ? -13.901 -3.235  -5.626  1.00 22.80 ? 96  LEU A CG  1 
ATOM   785  C CD1 . LEU A 1 96  ? -14.552 -4.507  -5.105  1.00 22.43 ? 96  LEU A CD1 1 
ATOM   786  C CD2 . LEU A 1 96  ? -13.192 -3.473  -6.952  1.00 23.18 ? 96  LEU A CD2 1 
ATOM   787  N N   . THR A 1 97  ? -15.361 1.488   -6.557  1.00 24.93 ? 97  THR A N   1 
ATOM   788  C CA  . THR A 1 97  ? -16.347 2.516   -6.826  1.00 25.84 ? 97  THR A CA  1 
ATOM   789  C C   . THR A 1 97  ? -16.513 2.608   -8.318  1.00 27.53 ? 97  THR A C   1 
ATOM   790  O O   . THR A 1 97  ? -15.787 1.957   -9.075  1.00 25.31 ? 97  THR A O   1 
ATOM   791  C CB  . THR A 1 97  ? -15.895 3.895   -6.283  1.00 24.81 ? 97  THR A CB  1 
ATOM   792  O OG1 . THR A 1 97  ? -14.833 4.424   -7.100  1.00 24.43 ? 97  THR A OG1 1 
ATOM   793  C CG2 . THR A 1 97  ? -15.439 3.775   -4.853  1.00 24.78 ? 97  THR A CG2 1 
ATOM   794  N N   . ASP A 1 98  ? -17.429 3.475   -8.738  1.00 29.87 ? 98  ASP A N   1 
ATOM   795  C CA  . ASP A 1 98  ? -17.579 3.828   -10.141 1.00 33.93 ? 98  ASP A CA  1 
ATOM   796  C C   . ASP A 1 98  ? -16.327 4.437   -10.736 1.00 31.99 ? 98  ASP A C   1 
ATOM   797  O O   . ASP A 1 98  ? -16.128 4.313   -11.929 1.00 31.22 ? 98  ASP A O   1 
ATOM   798  C CB  . ASP A 1 98  ? -18.760 4.799   -10.349 1.00 41.29 ? 98  ASP A CB  1 
ATOM   799  C CG  . ASP A 1 98  ? -20.119 4.102   -10.297 1.00 45.76 ? 98  ASP A CG  1 
ATOM   800  O OD1 . ASP A 1 98  ? -20.173 2.853   -10.395 1.00 49.14 ? 98  ASP A OD1 1 
ATOM   801  O OD2 . ASP A 1 98  ? -21.143 4.815   -10.173 1.00 54.37 ? 98  ASP A OD2 1 
ATOM   802  N N   . ASN A 1 99  ? -15.483 5.074   -9.917  1.00 30.17 ? 99  ASN A N   1 
ATOM   803  C CA  . ASN A 1 99  ? -14.197 5.583   -10.379 1.00 29.11 ? 99  ASN A CA  1 
ATOM   804  C C   . ASN A 1 99  ? -13.006 4.692   -9.967  1.00 26.59 ? 99  ASN A C   1 
ATOM   805  O O   . ASN A 1 99  ? -11.876 5.174   -9.831  1.00 27.73 ? 99  ASN A O   1 
ATOM   806  C CB  . ASN A 1 99  ? -13.984 7.013   -9.870  1.00 29.53 ? 99  ASN A CB  1 
ATOM   807  C CG  . ASN A 1 99  ? -12.765 7.670   -10.498 1.00 29.77 ? 99  ASN A CG  1 
ATOM   808  O OD1 . ASN A 1 99  ? -12.568 7.550   -11.698 1.00 30.63 ? 99  ASN A OD1 1 
ATOM   809  N ND2 . ASN A 1 99  ? -11.920 8.322   -9.687  1.00 27.78 ? 99  ASN A ND2 1 
ATOM   810  N N   . GLY A 1 100 ? -13.248 3.402   -9.774  1.00 26.28 ? 100 GLY A N   1 
ATOM   811  C CA  . GLY A 1 100 ? -12.199 2.488   -9.355  1.00 24.15 ? 100 GLY A CA  1 
ATOM   812  C C   . GLY A 1 100 ? -11.910 2.495   -7.857  1.00 22.37 ? 100 GLY A C   1 
ATOM   813  O O   . GLY A 1 100 ? -12.768 2.781   -7.018  1.00 21.02 ? 100 GLY A O   1 
ATOM   814  N N   . SER A 1 101 ? -10.667 2.162   -7.533  1.00 20.78 ? 101 SER A N   1 
ATOM   815  C CA  . SER A 1 101 ? -10.250 1.879   -6.179  1.00 19.13 ? 101 SER A CA  1 
ATOM   816  C C   . SER A 1 101 ? -9.069  2.756   -5.760  1.00 18.59 ? 101 SER A C   1 
ATOM   817  O O   . SER A 1 101 ? -8.144  2.975   -6.529  1.00 19.06 ? 101 SER A O   1 
ATOM   818  C CB  . SER A 1 101 ? -9.800  0.430   -6.069  1.00 19.53 ? 101 SER A CB  1 
ATOM   819  O OG  . SER A 1 101 ? -10.847 -0.503  -6.176  1.00 19.84 ? 101 SER A OG  1 
ATOM   820  N N   . SER A 1 102 ? -9.078  3.180   -4.508  1.00 19.02 ? 102 SER A N   1 
ATOM   821  C CA  . SER A 1 102 ? -7.922  3.850   -3.906  1.00 18.66 ? 102 SER A CA  1 
ATOM   822  C C   . SER A 1 102 ? -7.852  3.505   -2.431  1.00 18.50 ? 102 SER A C   1 
ATOM   823  O O   . SER A 1 102 ? -8.842  3.072   -1.818  1.00 17.33 ? 102 SER A O   1 
ATOM   824  C CB  . SER A 1 102 ? -8.018  5.367   -4.074  1.00 18.48 ? 102 SER A CB  1 
ATOM   825  O OG  . SER A 1 102 ? -8.763  5.931   -3.019  1.00 18.74 ? 102 SER A OG  1 
ATOM   826  N N   . TYR A 1 103 ? -6.669  3.671   -1.863  1.00 17.89 ? 103 TYR A N   1 
ATOM   827  C CA  . TYR A 1 103 ? -6.496  3.571   -0.409  1.00 18.93 ? 103 TYR A CA  1 
ATOM   828  C C   . TYR A 1 103 ? -5.171  4.249   -0.070  1.00 18.57 ? 103 TYR A C   1 
ATOM   829  O O   . TYR A 1 103 ? -4.338  4.436   -0.953  1.00 17.05 ? 103 TYR A O   1 
ATOM   830  C CB  . TYR A 1 103 ? -6.521  2.102   0.097   1.00 19.13 ? 103 TYR A CB  1 
ATOM   831  C CG  . TYR A 1 103 ? -5.322  1.249   -0.307  1.00 19.63 ? 103 TYR A CG  1 
ATOM   832  C CD1 . TYR A 1 103 ? -4.089  1.406   0.322   1.00 20.67 ? 103 TYR A CD1 1 
ATOM   833  C CD2 . TYR A 1 103 ? -5.419  0.310   -1.323  1.00 19.79 ? 103 TYR A CD2 1 
ATOM   834  C CE1 . TYR A 1 103 ? -2.996  0.648   -0.045  1.00 21.28 ? 103 TYR A CE1 1 
ATOM   835  C CE2 . TYR A 1 103 ? -4.327  -0.463  -1.702  1.00 20.18 ? 103 TYR A CE2 1 
ATOM   836  C CZ  . TYR A 1 103 ? -3.117  -0.285  -1.069  1.00 20.57 ? 103 TYR A CZ  1 
ATOM   837  O OH  . TYR A 1 103 ? -2.013  -1.028  -1.408  1.00 21.73 ? 103 TYR A OH  1 
ATOM   838  N N   . CYS A 1 104 ? -4.999  4.607   1.199   1.00 19.16 ? 104 CYS A N   1 
ATOM   839  C CA  . CYS A 1 104 ? -3.681  5.017   1.735   1.00 19.84 ? 104 CYS A CA  1 
ATOM   840  C C   . CYS A 1 104 ? -3.396  4.199   2.987   1.00 19.99 ? 104 CYS A C   1 
ATOM   841  O O   . CYS A 1 104 ? -4.256  4.073   3.874   1.00 21.17 ? 104 CYS A O   1 
ATOM   842  C CB  . CYS A 1 104 ? -3.629  6.522   2.034   1.00 20.36 ? 104 CYS A CB  1 
ATOM   843  S SG  . CYS A 1 104 ? -3.709  7.600   0.576   1.00 22.14 ? 104 CYS A SG  1 
ATOM   844  N N   . ALA A 1 105 ? -2.204  3.612   3.030   1.00 19.47 ? 105 ALA A N   1 
ATOM   845  C CA  . ALA A 1 105 ? -1.739  2.804   4.149   1.00 17.87 ? 105 ALA A CA  1 
ATOM   846  C C   . ALA A 1 105 ? -0.421  3.382   4.644   1.00 17.86 ? 105 ALA A C   1 
ATOM   847  O O   . ALA A 1 105 ? 0.254   4.087   3.913   1.00 17.37 ? 105 ALA A O   1 
ATOM   848  C CB  . ALA A 1 105 ? -1.573  1.358   3.725   1.00 17.97 ? 105 ALA A CB  1 
ATOM   849  N N   . TYR A 1 106 ? -0.115  3.145   5.912   1.00 17.54 ? 106 TYR A N   1 
ATOM   850  C CA  . TYR A 1 106 ? 1.042   3.759   6.560   1.00 18.46 ? 106 TYR A CA  1 
ATOM   851  C C   . TYR A 1 106 ? 1.626   2.805   7.587   1.00 18.79 ? 106 TYR A C   1 
ATOM   852  O O   . TYR A 1 106 ? 0.953   1.873   8.052   1.00 18.00 ? 106 TYR A O   1 
ATOM   853  C CB  . TYR A 1 106 ? 0.662   5.103   7.210   1.00 18.76 ? 106 TYR A CB  1 
ATOM   854  C CG  . TYR A 1 106 ? -0.364  4.985   8.319   1.00 18.65 ? 106 TYR A CG  1 
ATOM   855  C CD1 . TYR A 1 106 ? -1.735  5.059   8.048   1.00 19.33 ? 106 TYR A CD1 1 
ATOM   856  C CD2 . TYR A 1 106 ? 0.037   4.783   9.641   1.00 18.57 ? 106 TYR A CD2 1 
ATOM   857  C CE1 . TYR A 1 106 ? -2.684  4.948   9.078   1.00 18.39 ? 106 TYR A CE1 1 
ATOM   858  C CE2 . TYR A 1 106 ? -0.898  4.661   10.664  1.00 18.44 ? 106 TYR A CE2 1 
ATOM   859  C CZ  . TYR A 1 106 ? -2.252  4.749   10.383  1.00 18.12 ? 106 TYR A CZ  1 
ATOM   860  O OH  . TYR A 1 106 ? -3.157  4.619   11.429  1.00 18.81 ? 106 TYR A OH  1 
ATOM   861  N N   . ARG A 1 107 ? 2.889   3.050   7.900   1.00 18.29 ? 107 ARG A N   1 
ATOM   862  C CA  . ARG A 1 107 ? 3.643   2.311   8.872   1.00 19.24 ? 107 ARG A CA  1 
ATOM   863  C C   . ARG A 1 107 ? 4.275   3.359   9.797   1.00 21.23 ? 107 ARG A C   1 
ATOM   864  O O   . ARG A 1 107 ? 4.955   4.296   9.313   1.00 19.51 ? 107 ARG A O   1 
ATOM   865  C CB  . ARG A 1 107 ? 4.723   1.524   8.148   1.00 20.50 ? 107 ARG A CB  1 
ATOM   866  C CG  . ARG A 1 107 ? 5.624   0.677   9.031   1.00 21.37 ? 107 ARG A CG  1 
ATOM   867  C CD  . ARG A 1 107 ? 6.627   -0.106  8.182   1.00 22.10 ? 107 ARG A CD  1 
ATOM   868  N NE  . ARG A 1 107 ? 7.543   -0.812  9.046   1.00 23.32 ? 107 ARG A NE  1 
ATOM   869  C CZ  . ARG A 1 107 ? 8.693   -1.378  8.688   1.00 25.41 ? 107 ARG A CZ  1 
ATOM   870  N NH1 . ARG A 1 107 ? 9.180   -1.273  7.457   1.00 26.51 ? 107 ARG A NH1 1 
ATOM   871  N NH2 . ARG A 1 107 ? 9.389   -2.007  9.620   1.00 25.51 ? 107 ARG A NH2 1 
ATOM   872  N N   . CYS A 1 108 ? 4.025   3.221   11.097  1.00 20.35 ? 108 CYS A N   1 
ATOM   873  C CA  . CYS A 1 108 ? 4.575   4.135   12.102  1.00 21.62 ? 108 CYS A CA  1 
ATOM   874  C C   . CYS A 1 108 ? 5.777   3.523   12.795  1.00 23.09 ? 108 CYS A C   1 
ATOM   875  O O   . CYS A 1 108 ? 5.937   2.308   12.820  1.00 22.85 ? 108 CYS A O   1 
ATOM   876  C CB  . CYS A 1 108 ? 3.549   4.396   13.207  1.00 21.91 ? 108 CYS A CB  1 
ATOM   877  S SG  . CYS A 1 108 ? 1.987   5.132   12.706  1.00 22.24 ? 108 CYS A SG  1 
ATOM   878  N N   . ASN A 1 109 ? 6.595   4.381   13.394  1.00 23.82 ? 109 ASN A N   1 
ATOM   879  C CA  . ASN A 1 109 ? 7.462   3.987   14.496  1.00 24.98 ? 109 ASN A CA  1 
ATOM   880  C C   . ASN A 1 109 ? 7.099   4.947   15.632  1.00 25.20 ? 109 ASN A C   1 
ATOM   881  O O   . ASN A 1 109 ? 7.598   6.060   15.697  1.00 24.23 ? 109 ASN A O   1 
ATOM   882  C CB  . ASN A 1 109 ? 8.937   4.087   14.109  1.00 27.32 ? 109 ASN A CB  1 
ATOM   883  C CG  . ASN A 1 109 ? 9.866   3.475   15.164  1.00 32.94 ? 109 ASN A CG  1 
ATOM   884  O OD1 . ASN A 1 109 ? 9.411   3.031   16.222  1.00 32.61 ? 109 ASN A OD1 1 
ATOM   885  N ND2 . ASN A 1 109 ? 11.183  3.457   14.873  1.00 40.74 ? 109 ASN A ND2 1 
ATOM   886  N N   . GLY A 1 110 ? 6.181   4.534   16.495  1.00 23.92 ? 110 GLY A N   1 
ATOM   887  C CA  . GLY A 1 110 ? 5.638   5.429   17.503  1.00 23.79 ? 110 GLY A CA  1 
ATOM   888  C C   . GLY A 1 110 ? 4.932   6.631   16.891  1.00 24.39 ? 110 GLY A C   1 
ATOM   889  O O   . GLY A 1 110 ? 4.032   6.490   16.043  1.00 24.12 ? 110 GLY A O   1 
ATOM   890  N N   . THR A 1 111 ? 5.361   7.821   17.299  1.00 22.56 ? 111 THR A N   1 
ATOM   891  C CA  . THR A 1 111 ? 4.730   9.052   16.864  1.00 22.60 ? 111 THR A CA  1 
ATOM   892  C C   . THR A 1 111 ? 5.154   9.446   15.462  1.00 21.16 ? 111 THR A C   1 
ATOM   893  O O   . THR A 1 111 ? 4.500   10.273  14.867  1.00 20.59 ? 111 THR A O   1 
ATOM   894  C CB  . THR A 1 111 ? 5.062   10.251  17.792  1.00 24.57 ? 111 THR A CB  1 
ATOM   895  O OG1 . THR A 1 111 ? 6.472   10.451  17.827  1.00 24.42 ? 111 THR A OG1 1 
ATOM   896  C CG2 . THR A 1 111 ? 4.552   10.017  19.200  1.00 26.11 ? 111 THR A CG2 1 
ATOM   897  N N   . GLU A 1 112 ? 6.232   8.870   14.929  1.00 21.64 ? 112 GLU A N   1 
ATOM   898  C CA  . GLU A 1 112 ? 6.660   9.217   13.577  1.00 22.13 ? 112 GLU A CA  1 
ATOM   899  C C   . GLU A 1 112 ? 6.171   8.228   12.521  1.00 20.86 ? 112 GLU A C   1 
ATOM   900  O O   . GLU A 1 112 ? 5.996   7.017   12.772  1.00 18.92 ? 112 GLU A O   1 
ATOM   901  C CB  . GLU A 1 112 ? 8.173   9.423   13.486  1.00 23.88 ? 112 GLU A CB  1 
ATOM   902  C CG  . GLU A 1 112 ? 8.968   8.141   13.457  1.00 26.81 ? 112 GLU A CG  1 
ATOM   903  C CD  . GLU A 1 112 ? 10.440  8.307   13.801  1.00 28.78 ? 112 GLU A CD  1 
ATOM   904  O OE1 . GLU A 1 112 ? 10.879  9.419   14.222  1.00 27.27 ? 112 GLU A OE1 1 
ATOM   905  O OE2 . GLU A 1 112 ? 11.139  7.273   13.631  1.00 32.09 ? 112 GLU A OE2 1 
ATOM   906  N N   . ILE A 1 113 ? 5.935   8.772   11.343  1.00 19.65 ? 113 ILE A N   1 
ATOM   907  C CA  . ILE A 1 113 ? 5.659   7.932   10.177  1.00 21.03 ? 113 ILE A CA  1 
ATOM   908  C C   . ILE A 1 113 ? 6.967   7.540   9.467   1.00 20.47 ? 113 ILE A C   1 
ATOM   909  O O   . ILE A 1 113 ? 7.827   8.391   9.222   1.00 20.82 ? 113 ILE A O   1 
ATOM   910  C CB  . ILE A 1 113 ? 4.657   8.595   9.234   1.00 19.74 ? 113 ILE A CB  1 
ATOM   911  C CG1 . ILE A 1 113 ? 4.210   7.593   8.163   1.00 19.43 ? 113 ILE A CG1 1 
ATOM   912  C CG2 . ILE A 1 113 ? 5.232   9.851   8.591   1.00 20.78 ? 113 ILE A CG2 1 
ATOM   913  C CD1 . ILE A 1 113 ? 2.995   8.055   7.368   1.00 19.85 ? 113 ILE A CD1 1 
ATOM   914  N N   . ILE A 1 114 ? 7.112   6.250   9.159   1.00 19.76 ? 114 ILE A N   1 
ATOM   915  C CA  . ILE A 1 114 ? 8.332   5.737   8.504   1.00 20.51 ? 114 ILE A CA  1 
ATOM   916  C C   . ILE A 1 114 ? 8.148   5.182   7.086   1.00 19.94 ? 114 ILE A C   1 
ATOM   917  O O   . ILE A 1 114 ? 9.123   5.068   6.335   1.00 18.94 ? 114 ILE A O   1 
ATOM   918  C CB  . ILE A 1 114 ? 9.104   4.724   9.374   1.00 20.81 ? 114 ILE A CB  1 
ATOM   919  C CG1 . ILE A 1 114 ? 8.253   3.514   9.748   1.00 22.05 ? 114 ILE A CG1 1 
ATOM   920  C CG2 . ILE A 1 114 ? 9.663   5.415   10.617  1.00 21.80 ? 114 ILE A CG2 1 
ATOM   921  C CD1 . ILE A 1 114 ? 9.081   2.325   10.212  1.00 22.24 ? 114 ILE A CD1 1 
ATOM   922  N N   . GLU A 1 115 ? 6.917   4.855   6.714   1.00 19.29 ? 115 GLU A N   1 
ATOM   923  C CA  . GLU A 1 115 ? 6.601   4.548   5.336   1.00 19.48 ? 115 GLU A CA  1 
ATOM   924  C C   . GLU A 1 115 ? 5.127   4.848   5.063   1.00 18.83 ? 115 GLU A C   1 
ATOM   925  O O   . GLU A 1 115 ? 4.302   4.853   5.986   1.00 18.27 ? 115 GLU A O   1 
ATOM   926  C CB  . GLU A 1 115 ? 6.971   3.092   4.985   1.00 20.16 ? 115 GLU A CB  1 
ATOM   927  C CG  . GLU A 1 115 ? 6.943   2.766   3.485   1.00 20.77 ? 115 GLU A CG  1 
ATOM   928  C CD  . GLU A 1 115 ? 7.884   3.623   2.662   1.00 21.39 ? 115 GLU A CD  1 
ATOM   929  O OE1 . GLU A 1 115 ? 9.066   3.230   2.515   1.00 21.77 ? 115 GLU A OE1 1 
ATOM   930  O OE2 . GLU A 1 115 ? 7.438   4.675   2.129   1.00 20.98 ? 115 GLU A OE2 1 
ATOM   931  N N   . TYR A 1 116 ? 4.838   5.140   3.804   1.00 17.98 ? 116 TYR A N   1 
ATOM   932  C CA  . TYR A 1 116 ? 3.508   5.526   3.350   1.00 18.54 ? 116 TYR A CA  1 
ATOM   933  C C   . TYR A 1 116 ? 3.290   4.952   1.954   1.00 18.51 ? 116 TYR A C   1 
ATOM   934  O O   . TYR A 1 116 ? 4.184   5.031   1.115   1.00 18.03 ? 116 TYR A O   1 
ATOM   935  C CB  . TYR A 1 116 ? 3.432   7.056   3.302   1.00 18.78 ? 116 TYR A CB  1 
ATOM   936  C CG  . TYR A 1 116 ? 2.047   7.656   3.225   1.00 18.82 ? 116 TYR A CG  1 
ATOM   937  C CD1 . TYR A 1 116 ? 1.063   7.348   4.167   1.00 17.81 ? 116 TYR A CD1 1 
ATOM   938  C CD2 . TYR A 1 116 ? 1.734   8.579   2.231   1.00 19.36 ? 116 TYR A CD2 1 
ATOM   939  C CE1 . TYR A 1 116 ? -0.198  7.931   4.104   1.00 18.48 ? 116 TYR A CE1 1 
ATOM   940  C CE2 . TYR A 1 116 ? 0.486   9.159   2.161   1.00 18.83 ? 116 TYR A CE2 1 
ATOM   941  C CZ  . TYR A 1 116 ? -0.476  8.838   3.110   1.00 19.27 ? 116 TYR A CZ  1 
ATOM   942  O OH  . TYR A 1 116 ? -1.707  9.441   3.005   1.00 21.26 ? 116 TYR A OH  1 
ATOM   943  N N   . LYS A 1 117 ? 2.108   4.386   1.716   1.00 17.77 ? 117 LYS A N   1 
ATOM   944  C CA  . LYS A 1 117 ? 1.746   3.834   0.413   1.00 18.11 ? 117 LYS A CA  1 
ATOM   945  C C   . LYS A 1 117 ? 0.281   4.182   0.101   1.00 17.51 ? 117 LYS A C   1 
ATOM   946  O O   . LYS A 1 117 ? -0.633  3.566   0.639   1.00 17.43 ? 117 LYS A O   1 
ATOM   947  C CB  . LYS A 1 117 ? 1.948   2.313   0.416   1.00 18.90 ? 117 LYS A CB  1 
ATOM   948  C CG  . LYS A 1 117 ? 3.394   1.827   0.474   1.00 19.25 ? 117 LYS A CG  1 
ATOM   949  C CD  . LYS A 1 117 ? 3.462   0.338   0.733   1.00 18.96 ? 117 LYS A CD  1 
ATOM   950  C CE  . LYS A 1 117 ? 4.882   -0.173  0.915   1.00 19.96 ? 117 LYS A CE  1 
ATOM   951  N NZ  . LYS A 1 117 ? 4.907   -1.641  1.177   1.00 21.31 ? 117 LYS A NZ  1 
ATOM   952  N N   . CYS A 1 118 ? 0.076   5.217   -0.708  1.00 18.21 ? 118 CYS A N   1 
ATOM   953  C CA  . CYS A 1 118 ? -1.233  5.535   -1.262  1.00 19.11 ? 118 CYS A CA  1 
ATOM   954  C C   . CYS A 1 118 ? -1.308  4.868   -2.623  1.00 19.48 ? 118 CYS A C   1 
ATOM   955  O O   . CYS A 1 118 ? -0.499  5.173   -3.486  1.00 18.77 ? 118 CYS A O   1 
ATOM   956  C CB  . CYS A 1 118 ? -1.420  7.048   -1.428  1.00 20.06 ? 118 CYS A CB  1 
ATOM   957  S SG  . CYS A 1 118 ? -1.704  7.926   0.118   1.00 21.60 ? 118 CYS A SG  1 
ATOM   958  N N   . ALA A 1 119 ? -2.295  3.999   -2.823  1.00 19.32 ? 119 ALA A N   1 
ATOM   959  C CA  . ALA A 1 119 ? -2.427  3.252   -4.072  1.00 19.61 ? 119 ALA A CA  1 
ATOM   960  C C   . ALA A 1 119 ? -3.728  3.604   -4.772  1.00 19.18 ? 119 ALA A C   1 
ATOM   961  O O   . ALA A 1 119 ? -4.722  3.918   -4.114  1.00 19.06 ? 119 ALA A O   1 
ATOM   962  C CB  . ALA A 1 119 ? -2.394  1.754   -3.775  1.00 19.90 ? 119 ALA A CB  1 
ATOM   963  N N   . SER A 1 120 ? -3.741  3.518   -6.096  1.00 18.93 ? 120 SER A N   1 
ATOM   964  C CA  . SER A 1 120 ? -5.009  3.597   -6.826  1.00 19.34 ? 120 SER A CA  1 
ATOM   965  C C   . SER A 1 120 ? -4.930  2.869   -8.137  1.00 19.50 ? 120 SER A C   1 
ATOM   966  O O   . SER A 1 120 ? -3.857  2.462   -8.557  1.00 19.09 ? 120 SER A O   1 
ATOM   967  C CB  . SER A 1 120 ? -5.447  5.045   -7.042  1.00 18.79 ? 120 SER A CB  1 
ATOM   968  O OG  . SER A 1 120 ? -4.960  5.575   -8.248  1.00 19.09 ? 120 SER A OG  1 
ATOM   969  N N   . ASN A 1 121 ? -6.086  2.694   -8.763  1.00 19.45 ? 121 ASN A N   1 
ATOM   970  C CA  . ASN A 1 121 ? -6.135  2.246   -10.146 1.00 20.62 ? 121 ASN A CA  1 
ATOM   971  C C   . ASN A 1 121 ? -6.850  3.282   -11.018 1.00 22.49 ? 121 ASN A C   1 
ATOM   972  O O   . ASN A 1 121 ? -7.323  2.957   -12.119 1.00 23.26 ? 121 ASN A O   1 
ATOM   973  C CB  . ASN A 1 121 ? -6.740  0.849   -10.252 1.00 19.89 ? 121 ASN A CB  1 
ATOM   974  C CG  . ASN A 1 121 ? -8.177  0.772   -9.767  1.00 20.37 ? 121 ASN A CG  1 
ATOM   975  O OD1 . ASN A 1 121 ? -8.862  1.795   -9.599  1.00 19.30 ? 121 ASN A OD1 1 
ATOM   976  N ND2 . ASN A 1 121 ? -8.633  -0.452  -9.493  1.00 20.43 ? 121 ASN A ND2 1 
ATOM   977  N N   . ASN A 1 122 ? -6.897  4.520   -10.529 1.00 23.29 ? 122 ASN A N   1 
ATOM   978  C CA  . ASN A 1 122 ? -7.552  5.632   -11.220 1.00 23.93 ? 122 ASN A CA  1 
ATOM   979  C C   . ASN A 1 122 ? -6.659  6.855   -11.331 1.00 25.72 ? 122 ASN A C   1 
ATOM   980  O O   . ASN A 1 122 ? -7.137  7.997   -11.457 1.00 26.00 ? 122 ASN A O   1 
ATOM   981  C CB  . ASN A 1 122 ? -8.862  5.975   -10.514 1.00 23.14 ? 122 ASN A CB  1 
ATOM   982  C CG  . ASN A 1 122 ? -8.688  6.269   -9.041  1.00 22.69 ? 122 ASN A CG  1 
ATOM   983  O OD1 . ASN A 1 122 ? -7.644  6.799   -8.593  1.00 22.67 ? 122 ASN A OD1 1 
ATOM   984  N ND2 . ASN A 1 122 ? -9.723  5.963   -8.270  1.00 21.76 ? 122 ASN A ND2 1 
ATOM   985  N N   . ASN A 1 123 ? -5.356  6.622   -11.263 1.00 27.76 ? 123 ASN A N   1 
ATOM   986  C CA  . ASN A 1 123 ? -4.370  7.676   -11.393 1.00 27.94 ? 123 ASN A CA  1 
ATOM   987  C C   . ASN A 1 123 ? -4.545  8.804   -10.380 1.00 28.45 ? 123 ASN A C   1 
ATOM   988  O O   . ASN A 1 123 ? -4.371  9.973   -10.694 1.00 25.94 ? 123 ASN A O   1 
ATOM   989  C CB  . ASN A 1 123 ? -4.333  8.201   -12.843 1.00 31.44 ? 123 ASN A CB  1 
ATOM   990  C CG  . ASN A 1 123 ? -3.056  8.952   -13.139 1.00 33.60 ? 123 ASN A CG  1 
ATOM   991  O OD1 . ASN A 1 123 ? -1.997  8.560   -12.673 1.00 32.62 ? 123 ASN A OD1 1 
ATOM   992  N ND2 . ASN A 1 123 ? -3.147  10.036  -13.896 1.00 40.03 ? 123 ASN A ND2 1 
ATOM   993  N N   . GLY A 1 124 ? -4.887  8.447   -9.147  1.00 27.82 ? 124 GLY A N   1 
ATOM   994  C CA  . GLY A 1 124 ? -4.898  9.417   -8.060  1.00 27.18 ? 124 GLY A CA  1 
ATOM   995  C C   . GLY A 1 124 ? -6.039  10.421  -8.077  1.00 26.76 ? 124 GLY A C   1 
ATOM   996  O O   . GLY A 1 124 ? -5.945  11.444  -7.418  1.00 26.91 ? 124 GLY A O   1 
ATOM   997  N N   . THR A 1 125 ? -7.126  10.123  -8.785  1.00 26.81 ? 125 THR A N   1 
ATOM   998  C CA  . THR A 1 125 ? -8.260  11.068  -8.933  1.00 27.36 ? 125 THR A CA  1 
ATOM   999  C C   . THR A 1 125 ? -9.351  10.920  -7.860  1.00 26.89 ? 125 THR A C   1 
ATOM   1000 O O   . THR A 1 125 ? -10.377 11.592  -7.938  1.00 26.78 ? 125 THR A O   1 
ATOM   1001 C CB  . THR A 1 125 ? -8.921  10.913  -10.322 1.00 27.25 ? 125 THR A CB  1 
ATOM   1002 O OG1 . THR A 1 125 ? -9.301  9.547   -10.524 1.00 27.65 ? 125 THR A OG1 1 
ATOM   1003 C CG2 . THR A 1 125 ? -7.949  11.316  -11.422 1.00 28.78 ? 125 THR A CG2 1 
ATOM   1004 N N   . ASP A 1 126 ? -9.188  10.005  -6.904  1.00 25.27 ? 126 ASP A N   1 
ATOM   1005 C CA  . ASP A 1 126 ? -10.114 9.924   -5.768  1.00 25.23 ? 126 ASP A CA  1 
ATOM   1006 C C   . ASP A 1 126 ? -9.798  11.113  -4.823  1.00 25.32 ? 126 ASP A C   1 
ATOM   1007 O O   . ASP A 1 126 ? -8.704  11.176  -4.265  1.00 23.69 ? 126 ASP A O   1 
ATOM   1008 C CB  . ASP A 1 126 ? -9.957  8.570   -5.049  1.00 24.88 ? 126 ASP A CB  1 
ATOM   1009 C CG  . ASP A 1 126 ? -10.995 8.329   -3.955  1.00 26.60 ? 126 ASP A CG  1 
ATOM   1010 O OD1 . ASP A 1 126 ? -11.651 9.302   -3.487  1.00 26.28 ? 126 ASP A OD1 1 
ATOM   1011 O OD2 . ASP A 1 126 ? -11.140 7.134   -3.552  1.00 24.72 ? 126 ASP A OD2 1 
ATOM   1012 N N   . PRO A 1 127 ? -10.762 12.030  -4.609  1.00 27.04 ? 127 PRO A N   1 
ATOM   1013 C CA  . PRO A 1 127 ? -10.511 13.164  -3.697  1.00 27.80 ? 127 PRO A CA  1 
ATOM   1014 C C   . PRO A 1 127 ? -10.086 12.755  -2.288  1.00 26.31 ? 127 PRO A C   1 
ATOM   1015 O O   . PRO A 1 127 ? -9.347  13.493  -1.633  1.00 26.05 ? 127 PRO A O   1 
ATOM   1016 C CB  . PRO A 1 127 ? -11.876 13.888  -3.639  1.00 29.17 ? 127 PRO A CB  1 
ATOM   1017 C CG  . PRO A 1 127 ? -12.616 13.445  -4.842  1.00 29.48 ? 127 PRO A CG  1 
ATOM   1018 C CD  . PRO A 1 127 ? -12.154 12.039  -5.116  1.00 28.94 ? 127 PRO A CD  1 
ATOM   1019 N N   . LEU A 1 128 ? -10.546 11.590  -1.824  1.00 25.43 ? 128 LEU A N   1 
ATOM   1020 C CA  . LEU A 1 128 ? -10.102 11.056  -0.536  1.00 24.70 ? 128 LEU A CA  1 
ATOM   1021 C C   . LEU A 1 128 ? -8.584  10.842  -0.452  1.00 22.61 ? 128 LEU A C   1 
ATOM   1022 O O   . LEU A 1 128 ? -8.010  10.957  0.629   1.00 20.83 ? 128 LEU A O   1 
ATOM   1023 C CB  . LEU A 1 128 ? -10.832 9.752   -0.195  1.00 25.52 ? 128 LEU A CB  1 
ATOM   1024 C CG  . LEU A 1 128 ? -12.337 9.860   0.064   1.00 27.55 ? 128 LEU A CG  1 
ATOM   1025 C CD1 . LEU A 1 128 ? -12.965 8.480   0.232   1.00 28.44 ? 128 LEU A CD1 1 
ATOM   1026 C CD2 . LEU A 1 128 ? -12.639 10.733  1.285   1.00 29.46 ? 128 LEU A CD2 1 
ATOM   1027 N N   . GLN A 1 129 ? -7.947  10.523  -1.577  1.00 22.77 ? 129 GLN A N   1 
ATOM   1028 C CA  . GLN A 1 129 ? -6.514  10.235  -1.600  1.00 22.70 ? 129 GLN A CA  1 
ATOM   1029 C C   . GLN A 1 129 ? -5.671  11.495  -1.372  1.00 23.53 ? 129 GLN A C   1 
ATOM   1030 O O   . GLN A 1 129 ? -4.818  11.507  -0.491  1.00 21.90 ? 129 GLN A O   1 
ATOM   1031 C CB  . GLN A 1 129 ? -6.125  9.564   -2.916  1.00 22.16 ? 129 GLN A CB  1 
ATOM   1032 C CG  . GLN A 1 129 ? -4.713  9.032   -2.932  1.00 22.05 ? 129 GLN A CG  1 
ATOM   1033 C CD  . GLN A 1 129 ? -4.595  7.730   -3.706  1.00 22.28 ? 129 GLN A CD  1 
ATOM   1034 O OE1 . GLN A 1 129 ? -4.586  7.731   -4.939  1.00 22.16 ? 129 GLN A OE1 1 
ATOM   1035 N NE2 . GLN A 1 129 ? -4.526  6.615   -2.987  1.00 19.66 ? 129 GLN A NE2 1 
ATOM   1036 N N   . HIS A 1 130 ? -5.911  12.540  -2.154  1.00 24.65 ? 130 HIS A N   1 
ATOM   1037 C CA  . HIS A 1 130 ? -5.209  13.808  -1.961  1.00 27.95 ? 130 HIS A CA  1 
ATOM   1038 C C   . HIS A 1 130 ? -5.392  14.289  -0.521  1.00 28.22 ? 130 HIS A C   1 
ATOM   1039 O O   . HIS A 1 130 ? -4.445  14.696  0.150   1.00 27.70 ? 130 HIS A O   1 
ATOM   1040 C CB  . HIS A 1 130 ? -5.670  14.894  -2.948  1.00 30.97 ? 130 HIS A CB  1 
ATOM   1041 C CG  . HIS A 1 130 ? -4.812  16.128  -2.911  1.00 36.66 ? 130 HIS A CG  1 
ATOM   1042 N ND1 . HIS A 1 130 ? -5.187  17.283  -2.252  1.00 40.10 ? 130 HIS A ND1 1 
ATOM   1043 C CD2 . HIS A 1 130 ? -3.561  16.359  -3.389  1.00 39.56 ? 130 HIS A CD2 1 
ATOM   1044 C CE1 . HIS A 1 130 ? -4.220  18.180  -2.353  1.00 40.68 ? 130 HIS A CE1 1 
ATOM   1045 N NE2 . HIS A 1 130 ? -3.225  17.647  -3.043  1.00 41.58 ? 130 HIS A NE2 1 
ATOM   1046 N N   . GLN A 1 131 ? -6.619  14.181  -0.042  1.00 28.05 ? 131 GLN A N   1 
ATOM   1047 C CA  . GLN A 1 131 ? -6.976  14.622  1.293   1.00 28.17 ? 131 GLN A CA  1 
ATOM   1048 C C   . GLN A 1 131 ? -6.228  13.834  2.371   1.00 25.53 ? 131 GLN A C   1 
ATOM   1049 O O   . GLN A 1 131 ? -5.682  14.429  3.294   1.00 22.06 ? 131 GLN A O   1 
ATOM   1050 C CB  . GLN A 1 131 ? -8.491  14.515  1.392   1.00 32.44 ? 131 GLN A CB  1 
ATOM   1051 C CG  . GLN A 1 131 ? -9.179  14.846  2.682   1.00 37.61 ? 131 GLN A CG  1 
ATOM   1052 C CD  . GLN A 1 131 ? -10.648 14.403  2.597   1.00 43.11 ? 131 GLN A CD  1 
ATOM   1053 O OE1 . GLN A 1 131 ? -11.343 14.678  1.604   1.00 48.15 ? 131 GLN A OE1 1 
ATOM   1054 N NE2 . GLN A 1 131 ? -11.092 13.653  3.585   1.00 43.05 ? 131 GLN A NE2 1 
ATOM   1055 N N   . ALA A 1 132 ? -6.163  12.508  2.237   1.00 21.71 ? 132 ALA A N   1 
ATOM   1056 C CA  . ALA A 1 132 ? -5.425  11.676  3.194   1.00 22.65 ? 132 ALA A CA  1 
ATOM   1057 C C   . ALA A 1 132 ? -3.928  12.021  3.189   1.00 21.41 ? 132 ALA A C   1 
ATOM   1058 O O   . ALA A 1 132 ? -3.313  12.094  4.246   1.00 20.44 ? 132 ALA A O   1 
ATOM   1059 C CB  . ALA A 1 132 ? -5.625  10.179  2.896   1.00 21.77 ? 132 ALA A CB  1 
ATOM   1060 N N   . MET A 1 133 ? -3.382  12.242  2.000   1.00 21.84 ? 133 MET A N   1 
ATOM   1061 C CA  . MET A 1 133 ? -1.969  12.621  1.835   1.00 23.91 ? 133 MET A CA  1 
ATOM   1062 C C   . MET A 1 133 ? -1.673  13.922  2.581   1.00 23.00 ? 133 MET A C   1 
ATOM   1063 O O   . MET A 1 133 ? -0.650  14.036  3.265   1.00 21.08 ? 133 MET A O   1 
ATOM   1064 C CB  . MET A 1 133 ? -1.626  12.727  0.353   1.00 25.00 ? 133 MET A CB  1 
ATOM   1065 C CG  . MET A 1 133 ? -0.204  13.159  0.029   1.00 28.99 ? 133 MET A CG  1 
ATOM   1066 S SD  . MET A 1 133 ? 0.052   14.940  -0.096  1.00 32.79 ? 133 MET A SD  1 
ATOM   1067 C CE  . MET A 1 133 ? -1.043  15.372  -1.432  1.00 31.43 ? 133 MET A CE  1 
ATOM   1068 N N   . GLU A 1 134 ? -2.587  14.878  2.495   1.00 23.50 ? 134 GLU A N   1 
ATOM   1069 C CA  . GLU A 1 134 ? -2.400  16.168  3.185   1.00 24.95 ? 134 GLU A CA  1 
ATOM   1070 C C   . GLU A 1 134 ? -2.419  16.038  4.698   1.00 24.93 ? 134 GLU A C   1 
ATOM   1071 O O   . GLU A 1 134 ? -1.691  16.755  5.382   1.00 26.16 ? 134 GLU A O   1 
ATOM   1072 C CB  . GLU A 1 134 ? -3.434  17.206  2.711   1.00 26.53 ? 134 GLU A CB  1 
ATOM   1073 C CG  . GLU A 1 134 ? -3.248  17.607  1.247   1.00 28.77 ? 134 GLU A CG  1 
ATOM   1074 C CD  . GLU A 1 134 ? -1.946  18.356  0.962   1.00 33.92 ? 134 GLU A CD  1 
ATOM   1075 O OE1 . GLU A 1 134 ? -1.362  18.981  1.888   1.00 37.04 ? 134 GLU A OE1 1 
ATOM   1076 O OE2 . GLU A 1 134 ? -1.501  18.337  -0.209  1.00 39.06 ? 134 GLU A OE2 1 
ATOM   1077 N N   . VAL A 1 135 ? -3.223  15.112  5.223   1.00 22.31 ? 135 VAL A N   1 
ATOM   1078 C CA  . VAL A 1 135 ? -3.217  14.822  6.640   1.00 22.57 ? 135 VAL A CA  1 
ATOM   1079 C C   . VAL A 1 135 ? -1.935  14.086  7.071   1.00 22.38 ? 135 VAL A C   1 
ATOM   1080 O O   . VAL A 1 135 ? -1.338  14.419  8.121   1.00 20.25 ? 135 VAL A O   1 
ATOM   1081 C CB  . VAL A 1 135 ? -4.461  13.998  7.030   1.00 22.59 ? 135 VAL A CB  1 
ATOM   1082 C CG1 . VAL A 1 135 ? -4.342  13.437  8.429   1.00 21.52 ? 135 VAL A CG1 1 
ATOM   1083 C CG2 . VAL A 1 135 ? -5.712  14.870  6.899   1.00 23.44 ? 135 VAL A CG2 1 
ATOM   1084 N N   . ALA A 1 136 ? -1.546  13.064  6.303   1.00 20.99 ? 136 ALA A N   1 
ATOM   1085 C CA  . ALA A 1 136 ? -0.366  12.260  6.638   1.00 21.72 ? 136 ALA A CA  1 
ATOM   1086 C C   . ALA A 1 136 ? 0.920   13.091  6.661   1.00 21.19 ? 136 ALA A C   1 
ATOM   1087 O O   . ALA A 1 136 ? 1.797   12.844  7.489   1.00 21.61 ? 136 ALA A O   1 
ATOM   1088 C CB  . ALA A 1 136 ? -0.204  11.098  5.668   1.00 22.09 ? 136 ALA A CB  1 
ATOM   1089 N N   . LYS A 1 137 ? 1.029   14.082  5.791   1.00 21.05 ? 137 LYS A N   1 
ATOM   1090 C CA  . LYS A 1 137 ? 2.254   14.889  5.777   1.00 25.29 ? 137 LYS A CA  1 
ATOM   1091 C C   . LYS A 1 137 ? 2.400   15.792  7.003   1.00 24.18 ? 137 LYS A C   1 
ATOM   1092 O O   . LYS A 1 137 ? 3.504   16.275  7.266   1.00 23.11 ? 137 LYS A O   1 
ATOM   1093 C CB  . LYS A 1 137 ? 2.438   15.642  4.467   1.00 29.24 ? 137 LYS A CB  1 
ATOM   1094 C CG  . LYS A 1 137 ? 1.517   16.808  4.226   1.00 36.25 ? 137 LYS A CG  1 
ATOM   1095 C CD  . LYS A 1 137 ? 1.700   17.317  2.785   1.00 42.51 ? 137 LYS A CD  1 
ATOM   1096 C CE  . LYS A 1 137 ? 2.717   18.441  2.685   1.00 46.47 ? 137 LYS A CE  1 
ATOM   1097 N NZ  . LYS A 1 137 ? 2.048   19.761  2.888   1.00 51.19 ? 137 LYS A NZ  1 
ATOM   1098 N N   . THR A 1 138 ? 1.319   15.943  7.784   1.00 22.64 ? 138 THR A N   1 
ATOM   1099 C CA  . THR A 1 138 ? 1.356   16.698  9.034   1.00 23.40 ? 138 THR A CA  1 
ATOM   1100 C C   . THR A 1 138 ? 1.849   15.917  10.252  1.00 22.99 ? 138 THR A C   1 
ATOM   1101 O O   . THR A 1 138 ? 2.149   16.542  11.260  1.00 21.82 ? 138 THR A O   1 
ATOM   1102 C CB  . THR A 1 138 ? -0.016  17.329  9.401   1.00 23.66 ? 138 THR A CB  1 
ATOM   1103 O OG1 . THR A 1 138 ? -0.925  16.318  9.838   1.00 22.97 ? 138 THR A OG1 1 
ATOM   1104 C CG2 . THR A 1 138 ? -0.617  18.067  8.229   1.00 25.36 ? 138 THR A CG2 1 
ATOM   1105 N N   . VAL A 1 139 ? 1.964   14.583  10.182  1.00 22.04 ? 139 VAL A N   1 
ATOM   1106 C CA  . VAL A 1 139 ? 2.537   13.851  11.310  1.00 22.69 ? 139 VAL A CA  1 
ATOM   1107 C C   . VAL A 1 139 ? 4.065   13.947  11.242  1.00 22.95 ? 139 VAL A C   1 
ATOM   1108 O O   . VAL A 1 139 ? 4.604   14.280  10.170  1.00 23.82 ? 139 VAL A O   1 
ATOM   1109 C CB  . VAL A 1 139 ? 2.020   12.398  11.455  1.00 24.42 ? 139 VAL A CB  1 
ATOM   1110 C CG1 . VAL A 1 139 ? 0.520   12.326  11.177  1.00 25.63 ? 139 VAL A CG1 1 
ATOM   1111 C CG2 . VAL A 1 139 ? 2.774   11.404  10.593  1.00 24.69 ? 139 VAL A CG2 1 
ATOM   1112 N N   . PRO A 1 140 ? 4.762   13.698  12.373  1.00 22.06 ? 140 PRO A N   1 
ATOM   1113 C CA  . PRO A 1 140 ? 6.213   13.801  12.365  1.00 22.73 ? 140 PRO A CA  1 
ATOM   1114 C C   . PRO A 1 140 ? 6.852   12.867  11.346  1.00 22.62 ? 140 PRO A C   1 
ATOM   1115 O O   . PRO A 1 140 ? 6.524   11.675  11.306  1.00 22.25 ? 140 PRO A O   1 
ATOM   1116 C CB  . PRO A 1 140 ? 6.604   13.402  13.796  1.00 23.62 ? 140 PRO A CB  1 
ATOM   1117 C CG  . PRO A 1 140 ? 5.441   13.813  14.607  1.00 23.95 ? 140 PRO A CG  1 
ATOM   1118 C CD  . PRO A 1 140 ? 4.259   13.460  13.740  1.00 23.42 ? 140 PRO A CD  1 
ATOM   1119 N N   . ASN A 1 141 ? 7.729   13.442  10.533  1.00 22.05 ? 141 ASN A N   1 
ATOM   1120 C CA  . ASN A 1 141 ? 8.426   12.794  9.423   1.00 21.39 ? 141 ASN A CA  1 
ATOM   1121 C C   . ASN A 1 141 ? 7.550   12.647  8.161   1.00 21.57 ? 141 ASN A C   1 
ATOM   1122 O O   . ASN A 1 141 ? 8.004   12.089  7.165   1.00 20.67 ? 141 ASN A O   1 
ATOM   1123 C CB  . ASN A 1 141 ? 9.053   11.444  9.808   1.00 20.77 ? 141 ASN A CB  1 
ATOM   1124 C CG  . ASN A 1 141 ? 10.229  11.084  8.912   1.00 21.65 ? 141 ASN A CG  1 
ATOM   1125 O OD1 . ASN A 1 141 ? 11.080  11.948  8.628   1.00 21.31 ? 141 ASN A OD1 1 
ATOM   1126 N ND2 . ASN A 1 141 ? 10.261  9.844   8.414   1.00 20.64 ? 141 ASN A ND2 1 
ATOM   1127 N N   . GLY A 1 142 ? 6.321   13.170  8.212   1.00 20.22 ? 142 GLY A N   1 
ATOM   1128 C CA  . GLY A 1 142 ? 5.416   13.209  7.077   1.00 20.26 ? 142 GLY A CA  1 
ATOM   1129 C C   . GLY A 1 142 ? 5.873   14.134  5.950   1.00 19.73 ? 142 GLY A C   1 
ATOM   1130 O O   . GLY A 1 142 ? 5.382   14.040  4.812   1.00 18.46 ? 142 GLY A O   1 
ATOM   1131 N N   . ASP A 1 143 ? 6.802   15.039  6.268   1.00 19.72 ? 143 ASP A N   1 
ATOM   1132 C CA  . ASP A 1 143 ? 7.467   15.884  5.272   1.00 19.53 ? 143 ASP A CA  1 
ATOM   1133 C C   . ASP A 1 143 ? 8.120   15.100  4.140   1.00 18.31 ? 143 ASP A C   1 
ATOM   1134 O O   . ASP A 1 143 ? 8.316   15.627  3.076   1.00 19.03 ? 143 ASP A O   1 
ATOM   1135 C CB  . ASP A 1 143 ? 8.525   16.771  5.969   1.00 20.24 ? 143 ASP A CB  1 
ATOM   1136 C CG  . ASP A 1 143 ? 9.565   15.964  6.693   1.00 19.73 ? 143 ASP A CG  1 
ATOM   1137 O OD1 . ASP A 1 143 ? 9.287   15.523  7.818   1.00 20.41 ? 143 ASP A OD1 1 
ATOM   1138 O OD2 . ASP A 1 143 ? 10.649  15.750  6.138   1.00 21.11 ? 143 ASP A OD2 1 
ATOM   1139 N N   . LYS A 1 144 ? 8.454   13.835  4.368   1.00 19.49 ? 144 LYS A N   1 
ATOM   1140 C CA  . LYS A 1 144 ? 9.070   12.989  3.344   1.00 21.34 ? 144 LYS A CA  1 
ATOM   1141 C C   . LYS A 1 144 ? 8.096   12.515  2.259   1.00 21.84 ? 144 LYS A C   1 
ATOM   1142 O O   . LYS A 1 144 ? 8.529   12.087  1.165   1.00 22.22 ? 144 LYS A O   1 
ATOM   1143 C CB  . LYS A 1 144 ? 9.721   11.775  3.965   1.00 22.41 ? 144 LYS A CB  1 
ATOM   1144 C CG  . LYS A 1 144 ? 10.734  12.039  5.060   1.00 24.97 ? 144 LYS A CG  1 
ATOM   1145 C CD  . LYS A 1 144 ? 11.897  12.882  4.605   1.00 25.95 ? 144 LYS A CD  1 
ATOM   1146 C CE  . LYS A 1 144 ? 12.900  13.022  5.759   1.00 27.88 ? 144 LYS A CE  1 
ATOM   1147 N NZ  . LYS A 1 144 ? 12.390  13.896  6.853   1.00 27.21 ? 144 LYS A NZ  1 
ATOM   1148 N N   . ILE A 1 145 ? 6.800   12.593  2.540   1.00 20.62 ? 145 ILE A N   1 
ATOM   1149 C CA  . ILE A 1 145 ? 5.794   12.035  1.628   1.00 19.32 ? 145 ILE A CA  1 
ATOM   1150 C C   . ILE A 1 145 ? 5.761   12.804  0.322   1.00 19.01 ? 145 ILE A C   1 
ATOM   1151 O O   . ILE A 1 145 ? 5.749   14.037  0.293   1.00 17.94 ? 145 ILE A O   1 
ATOM   1152 C CB  . ILE A 1 145 ? 4.400   11.975  2.299   1.00 19.21 ? 145 ILE A CB  1 
ATOM   1153 C CG1 . ILE A 1 145 ? 4.443   10.900  3.401   1.00 18.95 ? 145 ILE A CG1 1 
ATOM   1154 C CG2 . ILE A 1 145 ? 3.304   11.677  1.273   1.00 18.62 ? 145 ILE A CG2 1 
ATOM   1155 C CD1 . ILE A 1 145 ? 3.331   11.017  4.412   1.00 19.32 ? 145 ILE A CD1 1 
ATOM   1156 N N   . HIS A 1 146 ? 5.736   12.069  -0.779  1.00 18.65 ? 146 HIS A N   1 
ATOM   1157 C CA  . HIS A 1 146 ? 5.866   12.714  -2.061  1.00 19.60 ? 146 HIS A CA  1 
ATOM   1158 C C   . HIS A 1 146 ? 5.279   11.837  -3.143  1.00 20.13 ? 146 HIS A C   1 
ATOM   1159 O O   . HIS A 1 146 ? 5.021   10.652  -2.929  1.00 20.32 ? 146 HIS A O   1 
ATOM   1160 C CB  . HIS A 1 146 ? 7.360   13.000  -2.336  1.00 19.17 ? 146 HIS A CB  1 
ATOM   1161 C CG  . HIS A 1 146 ? 8.201   11.759  -2.464  1.00 18.83 ? 146 HIS A CG  1 
ATOM   1162 N ND1 . HIS A 1 146 ? 8.673   11.051  -1.375  1.00 20.16 ? 146 HIS A ND1 1 
ATOM   1163 C CD2 . HIS A 1 146 ? 8.658   11.106  -3.562  1.00 18.31 ? 146 HIS A CD2 1 
ATOM   1164 C CE1 . HIS A 1 146 ? 9.370   10.010  -1.802  1.00 18.91 ? 146 HIS A CE1 1 
ATOM   1165 N NE2 . HIS A 1 146 ? 9.355   10.008  -3.124  1.00 18.65 ? 146 HIS A NE2 1 
ATOM   1166 N N   . TYR A 1 147 ? 5.131   12.446  -4.315  1.00 21.29 ? 147 TYR A N   1 
ATOM   1167 C CA  . TYR A 1 147 ? 4.581   11.819  -5.501  1.00 21.49 ? 147 TYR A CA  1 
ATOM   1168 C C   . TYR A 1 147 ? 5.451   10.672  -5.978  1.00 21.11 ? 147 TYR A C   1 
ATOM   1169 O O   . TYR A 1 147 ? 6.678   10.806  -6.060  1.00 19.90 ? 147 TYR A O   1 
ATOM   1170 C CB  . TYR A 1 147 ? 4.432   12.862  -6.602  1.00 23.21 ? 147 TYR A CB  1 
ATOM   1171 C CG  . TYR A 1 147 ? 3.728   12.357  -7.843  1.00 23.10 ? 147 TYR A CG  1 
ATOM   1172 C CD1 . TYR A 1 147 ? 2.434   11.846  -7.779  1.00 23.17 ? 147 TYR A CD1 1 
ATOM   1173 C CD2 . TYR A 1 147 ? 4.349   12.425  -9.089  1.00 23.66 ? 147 TYR A CD2 1 
ATOM   1174 C CE1 . TYR A 1 147 ? 1.780   11.395  -8.922  1.00 22.14 ? 147 TYR A CE1 1 
ATOM   1175 C CE2 . TYR A 1 147 ? 3.709   11.974  -10.235 1.00 24.34 ? 147 TYR A CE2 1 
ATOM   1176 C CZ  . TYR A 1 147 ? 2.432   11.464  -10.141 1.00 24.33 ? 147 TYR A CZ  1 
ATOM   1177 O OH  . TYR A 1 147 ? 1.831   11.034  -11.292 1.00 26.02 ? 147 TYR A OH  1 
ATOM   1178 N N   . ALA A 1 148 ? 4.812   9.541   -6.268  1.00 19.79 ? 148 ALA A N   1 
ATOM   1179 C CA  . ALA A 1 148 ? 5.524   8.285   -6.516  1.00 20.26 ? 148 ALA A CA  1 
ATOM   1180 C C   . ALA A 1 148 ? 5.903   8.073   -7.963  1.00 20.44 ? 148 ALA A C   1 
ATOM   1181 O O   . ALA A 1 148 ? 6.675   7.174   -8.249  1.00 19.71 ? 148 ALA A O   1 
ATOM   1182 C CB  . ALA A 1 148 ? 4.681   7.119   -6.053  1.00 20.50 ? 148 ALA A CB  1 
ATOM   1183 N N   . LYS A 1 149 ? 5.349   8.875   -8.878  1.00 22.22 ? 149 LYS A N   1 
ATOM   1184 C CA  . LYS A 1 149 ? 5.461   8.593   -10.312 1.00 24.99 ? 149 LYS A CA  1 
ATOM   1185 C C   . LYS A 1 149 ? 6.100   9.724   -11.106 1.00 27.61 ? 149 LYS A C   1 
ATOM   1186 O O   . LYS A 1 149 ? 5.747   9.953   -12.266 1.00 25.32 ? 149 LYS A O   1 
ATOM   1187 C CB  . LYS A 1 149 ? 4.087   8.239   -10.873 1.00 26.25 ? 149 LYS A CB  1 
ATOM   1188 C CG  . LYS A 1 149 ? 3.588   6.909   -10.342 1.00 28.18 ? 149 LYS A CG  1 
ATOM   1189 C CD  . LYS A 1 149 ? 2.364   6.407   -11.084 1.00 30.23 ? 149 LYS A CD  1 
ATOM   1190 C CE  . LYS A 1 149 ? 1.139   7.192   -10.716 1.00 31.67 ? 149 LYS A CE  1 
ATOM   1191 N NZ  . LYS A 1 149 ? -0.075  6.729   -11.464 1.00 33.01 ? 149 LYS A NZ  1 
ATOM   1192 N N   . SER A 1 150 ? 7.062   10.418  -10.505 1.00 28.06 ? 150 SER A N   1 
ATOM   1193 C CA  . SER A 1 150 ? 7.600   11.599  -11.174 1.00 31.20 ? 150 SER A CA  1 
ATOM   1194 C C   . SER A 1 150 ? 8.650   11.245  -12.242 1.00 31.99 ? 150 SER A C   1 
ATOM   1195 O O   . SER A 1 150 ? 8.751   11.955  -13.249 1.00 34.87 ? 150 SER A O   1 
ATOM   1196 C CB  . SER A 1 150 ? 8.153   12.612  -10.176 1.00 30.86 ? 150 SER A CB  1 
ATOM   1197 O OG  . SER A 1 150 ? 9.510   12.351  -9.964  1.00 31.99 ? 150 SER A OG  1 
ATOM   1198 N N   . ASN A 1 151 ? 9.424   10.177  -12.044 1.00 30.25 ? 151 ASN A N   1 
ATOM   1199 C CA  . ASN A 1 151 ? 10.515  9.876   -12.971 1.00 31.70 ? 151 ASN A CA  1 
ATOM   1200 C C   . ASN A 1 151 ? 10.613  8.391   -13.370 1.00 29.73 ? 151 ASN A C   1 
ATOM   1201 O O   . ASN A 1 151 ? 11.684  7.802   -13.331 1.00 31.19 ? 151 ASN A O   1 
ATOM   1202 C CB  . ASN A 1 151 ? 11.832  10.353  -12.329 1.00 33.98 ? 151 ASN A CB  1 
ATOM   1203 C CG  . ASN A 1 151 ? 12.999  10.305  -13.283 1.00 34.00 ? 151 ASN A CG  1 
ATOM   1204 O OD1 . ASN A 1 151 ? 12.819  10.456  -14.486 1.00 37.05 ? 151 ASN A OD1 1 
ATOM   1205 N ND2 . ASN A 1 151 ? 14.201  10.067  -12.756 1.00 35.95 ? 151 ASN A ND2 1 
ATOM   1206 N N   . CYS A 1 152 ? 9.507   7.794   -13.793 1.00 28.01 ? 152 CYS A N   1 
ATOM   1207 C CA  . CYS A 1 152 ? 9.475   6.335   -13.966 1.00 26.70 ? 152 CYS A CA  1 
ATOM   1208 C C   . CYS A 1 152 ? 10.026  5.926   -15.333 1.00 26.83 ? 152 CYS A C   1 
ATOM   1209 O O   . CYS A 1 152 ? 9.858   6.654   -16.283 1.00 23.69 ? 152 CYS A O   1 
ATOM   1210 C CB  . CYS A 1 152 ? 8.053   5.818   -13.777 1.00 26.45 ? 152 CYS A CB  1 
ATOM   1211 S SG  . CYS A 1 152 ? 7.418   6.160   -12.129 1.00 24.44 ? 152 CYS A SG  1 
ATOM   1212 N N   . PRO A 1 153 ? 10.699  4.766   -15.423 1.00 26.55 ? 153 PRO A N   1 
ATOM   1213 C CA  . PRO A 1 153 ? 11.194  4.304   -16.729 1.00 28.91 ? 153 PRO A CA  1 
ATOM   1214 C C   . PRO A 1 153 ? 10.114  4.194   -17.789 1.00 29.06 ? 153 PRO A C   1 
ATOM   1215 O O   . PRO A 1 153 ? 8.935   4.053   -17.469 1.00 28.73 ? 153 PRO A O   1 
ATOM   1216 C CB  . PRO A 1 153 ? 11.753  2.924   -16.423 1.00 28.04 ? 153 PRO A CB  1 
ATOM   1217 C CG  . PRO A 1 153 ? 12.172  3.010   -14.998 1.00 28.28 ? 153 PRO A CG  1 
ATOM   1218 C CD  . PRO A 1 153 ? 11.139  3.877   -14.338 1.00 27.98 ? 153 PRO A CD  1 
ATOM   1219 N N   . GLU A 1 154 ? 10.519  4.259   -19.047 1.00 32.59 ? 154 GLU A N   1 
ATOM   1220 C CA  . GLU A 1 154 ? 9.570   4.119   -20.156 1.00 35.39 ? 154 GLU A CA  1 
ATOM   1221 C C   . GLU A 1 154 ? 9.026   2.691   -20.178 1.00 30.48 ? 154 GLU A C   1 
ATOM   1222 O O   . GLU A 1 154 ? 9.701   1.759   -19.749 1.00 26.29 ? 154 GLU A O   1 
ATOM   1223 C CB  . GLU A 1 154 ? 10.244  4.418   -21.510 1.00 43.50 ? 154 GLU A CB  1 
ATOM   1224 C CG  . GLU A 1 154 ? 9.343   5.152   -22.506 1.00 51.19 ? 154 GLU A CG  1 
ATOM   1225 C CD  . GLU A 1 154 ? 9.513   6.674   -22.473 1.00 57.42 ? 154 GLU A CD  1 
ATOM   1226 O OE1 . GLU A 1 154 ? 9.587   7.298   -23.558 1.00 61.75 ? 154 GLU A OE1 1 
ATOM   1227 O OE2 . GLU A 1 154 ? 9.587   7.252   -21.367 1.00 59.99 ? 154 GLU A OE2 1 
ATOM   1228 N N   . THR A 1 155 ? 7.806   2.556   -20.667 1.00 29.10 ? 155 THR A N   1 
ATOM   1229 C CA  . THR A 1 155 ? 7.196   1.263   -20.902 1.00 33.00 ? 155 THR A CA  1 
ATOM   1230 C C   . THR A 1 155 ? 7.650   0.635   -22.227 1.00 30.92 ? 155 THR A C   1 
ATOM   1231 O O   . THR A 1 155 ? 8.196   1.325   -23.084 1.00 27.84 ? 155 THR A O   1 
ATOM   1232 C CB  . THR A 1 155 ? 5.678   1.406   -20.900 1.00 35.31 ? 155 THR A CB  1 
ATOM   1233 O OG1 . THR A 1 155 ? 5.308   2.420   -21.831 1.00 36.24 ? 155 THR A OG1 1 
ATOM   1234 C CG2 . THR A 1 155 ? 5.198   1.808   -19.514 1.00 36.79 ? 155 THR A CG2 1 
ATOM   1235 N N   . HIS A 1 156 ? 7.429   -0.676  -22.358 1.00 28.91 ? 156 HIS A N   1 
ATOM   1236 C CA  . HIS A 1 156 ? 7.684   -1.416  -23.589 1.00 27.75 ? 156 HIS A CA  1 
ATOM   1237 C C   . HIS A 1 156 ? 6.487   -2.286  -23.929 1.00 27.17 ? 156 HIS A C   1 
ATOM   1238 O O   . HIS A 1 156 ? 6.624   -3.511  -24.124 1.00 26.25 ? 156 HIS A O   1 
ATOM   1239 C CB  . HIS A 1 156 ? 8.951   -2.267  -23.459 1.00 28.69 ? 156 HIS A CB  1 
ATOM   1240 C CG  . HIS A 1 156 ? 10.196  -1.452  -23.384 1.00 32.82 ? 156 HIS A CG  1 
ATOM   1241 N ND1 . HIS A 1 156 ? 10.771  -1.081  -22.191 1.00 35.14 ? 156 HIS A ND1 1 
ATOM   1242 C CD2 . HIS A 1 156 ? 10.965  -0.913  -24.356 1.00 37.42 ? 156 HIS A CD2 1 
ATOM   1243 C CE1 . HIS A 1 156 ? 11.840  -0.345  -22.427 1.00 37.10 ? 156 HIS A CE1 1 
ATOM   1244 N NE2 . HIS A 1 156 ? 11.984  -0.233  -23.736 1.00 38.28 ? 156 HIS A NE2 1 
ATOM   1245 N N   . GLY A 1 157 ? 5.322   -1.645  -24.012 1.00 24.96 ? 157 GLY A N   1 
ATOM   1246 C CA  . GLY A 1 157 ? 4.107   -2.302  -24.488 1.00 26.93 ? 157 GLY A CA  1 
ATOM   1247 C C   . GLY A 1 157 ? 3.115   -2.725  -23.404 1.00 25.72 ? 157 GLY A C   1 
ATOM   1248 O O   . GLY A 1 157 ? 1.986   -3.068  -23.728 1.00 25.59 ? 157 GLY A O   1 
ATOM   1249 N N   . CYS A 1 158 ? 3.512   -2.702  -22.130 1.00 23.47 ? 158 CYS A N   1 
ATOM   1250 C CA  . CYS A 1 158 ? 2.566   -2.970  -21.045 1.00 23.41 ? 158 CYS A CA  1 
ATOM   1251 C C   . CYS A 1 158 ? 2.135   -1.678  -20.379 1.00 24.05 ? 158 CYS A C   1 
ATOM   1252 O O   . CYS A 1 158 ? 2.561   -0.591  -20.794 1.00 24.12 ? 158 CYS A O   1 
ATOM   1253 C CB  . CYS A 1 158 ? 3.165   -3.952  -20.059 1.00 22.28 ? 158 CYS A CB  1 
ATOM   1254 S SG  . CYS A 1 158 ? 3.765   -5.433  -20.892 1.00 19.99 ? 158 CYS A SG  1 
ATOM   1255 N N   . PHE A 1 159 ? 1.250   -1.792  -19.386 1.00 23.72 ? 159 PHE A N   1 
ATOM   1256 C CA  . PHE A 1 159 ? 0.690   -0.625  -18.709 1.00 23.79 ? 159 PHE A CA  1 
ATOM   1257 C C   . PHE A 1 159 ? 0.949   -0.525  -17.227 1.00 22.67 ? 159 PHE A C   1 
ATOM   1258 O O   . PHE A 1 159 ? 1.017   0.568   -16.706 1.00 22.40 ? 159 PHE A O   1 
ATOM   1259 C CB  . PHE A 1 159 ? -0.814  -0.530  -19.010 1.00 25.52 ? 159 PHE A CB  1 
ATOM   1260 C CG  . PHE A 1 159 ? -1.065  -0.252  -20.447 1.00 27.62 ? 159 PHE A CG  1 
ATOM   1261 C CD1 . PHE A 1 159 ? -1.104  -1.299  -21.371 1.00 27.30 ? 159 PHE A CD1 1 
ATOM   1262 C CD2 . PHE A 1 159 ? -1.091  1.075   -20.912 1.00 27.89 ? 159 PHE A CD2 1 
ATOM   1263 C CE1 . PHE A 1 159 ? -1.250  -1.031  -22.721 1.00 29.03 ? 159 PHE A CE1 1 
ATOM   1264 C CE2 . PHE A 1 159 ? -1.237  1.343   -22.259 1.00 28.57 ? 159 PHE A CE2 1 
ATOM   1265 C CZ  . PHE A 1 159 ? -1.309  0.293   -23.165 1.00 29.22 ? 159 PHE A CZ  1 
ATOM   1266 N N   . ALA A 1 160 ? 1.044   -1.652  -16.536 1.00 20.97 ? 160 ALA A N   1 
ATOM   1267 C CA  . ALA A 1 160 ? 1.329   -1.668  -15.096 1.00 19.10 ? 160 ALA A CA  1 
ATOM   1268 C C   . ALA A 1 160 ? 2.713   -2.239  -14.787 1.00 19.42 ? 160 ALA A C   1 
ATOM   1269 O O   . ALA A 1 160 ? 3.060   -2.413  -13.598 1.00 20.31 ? 160 ALA A O   1 
ATOM   1270 C CB  . ALA A 1 160 ? 0.256   -2.465  -14.373 1.00 18.89 ? 160 ALA A CB  1 
ATOM   1271 N N   . PHE A 1 161 ? 3.490   -2.544  -15.832 1.00 18.48 ? 161 PHE A N   1 
ATOM   1272 C CA  . PHE A 1 161 ? 4.801   -3.177  -15.693 1.00 19.40 ? 161 PHE A CA  1 
ATOM   1273 C C   . PHE A 1 161 ? 5.773   -2.583  -16.718 1.00 20.18 ? 161 PHE A C   1 
ATOM   1274 O O   . PHE A 1 161 ? 5.354   -2.108  -17.784 1.00 22.05 ? 161 PHE A O   1 
ATOM   1275 C CB  . PHE A 1 161 ? 4.684   -4.711  -15.828 1.00 19.25 ? 161 PHE A CB  1 
ATOM   1276 C CG  . PHE A 1 161 ? 3.691   -5.303  -14.893 1.00 17.95 ? 161 PHE A CG  1 
ATOM   1277 C CD1 . PHE A 1 161 ? 4.021   -5.506  -13.569 1.00 18.17 ? 161 PHE A CD1 1 
ATOM   1278 C CD2 . PHE A 1 161 ? 2.373   -5.540  -15.298 1.00 18.98 ? 161 PHE A CD2 1 
ATOM   1279 C CE1 . PHE A 1 161 ? 3.071   -5.980  -12.662 1.00 18.12 ? 161 PHE A CE1 1 
ATOM   1280 C CE2 . PHE A 1 161 ? 1.418   -6.001  -14.394 1.00 18.19 ? 161 PHE A CE2 1 
ATOM   1281 C CZ  . PHE A 1 161 ? 1.782   -6.233  -13.075 1.00 18.08 ? 161 PHE A CZ  1 
ATOM   1282 N N   . TYR A 1 162 ? 7.060   -2.594  -16.392 1.00 19.88 ? 162 TYR A N   1 
ATOM   1283 C CA  . TYR A 1 162 ? 8.085   -1.980  -17.263 1.00 20.54 ? 162 TYR A CA  1 
ATOM   1284 C C   . TYR A 1 162 ? 9.440   -2.642  -17.085 1.00 21.79 ? 162 TYR A C   1 
ATOM   1285 O O   . TYR A 1 162 ? 9.588   -3.588  -16.276 1.00 20.25 ? 162 TYR A O   1 
ATOM   1286 C CB  . TYR A 1 162 ? 8.173   -0.468  -17.010 1.00 21.04 ? 162 TYR A CB  1 
ATOM   1287 C CG  . TYR A 1 162 ? 8.538   -0.095  -15.589 1.00 20.15 ? 162 TYR A CG  1 
ATOM   1288 C CD1 . TYR A 1 162 ? 9.874   -0.140  -15.156 1.00 20.77 ? 162 TYR A CD1 1 
ATOM   1289 C CD2 . TYR A 1 162 ? 7.564   0.326   -14.676 1.00 19.59 ? 162 TYR A CD2 1 
ATOM   1290 C CE1 . TYR A 1 162 ? 10.215  0.192   -13.861 1.00 20.11 ? 162 TYR A CE1 1 
ATOM   1291 C CE2 . TYR A 1 162 ? 7.905   0.674   -13.372 1.00 19.20 ? 162 TYR A CE2 1 
ATOM   1292 C CZ  . TYR A 1 162 ? 9.227   0.608   -12.972 1.00 19.74 ? 162 TYR A CZ  1 
ATOM   1293 O OH  . TYR A 1 162 ? 9.603   0.903   -11.678 1.00 19.05 ? 162 TYR A OH  1 
ATOM   1294 O OXT . TYR A 1 162 ? 10.403  -2.224  -17.759 1.00 22.88 ? 162 TYR A OXT 1 
HETATM 1295 C C   . ACT B 2 .   ? -0.996  -3.303  2.828   1.00 28.14 ? 201 ACT A C   1 
HETATM 1296 O O   . ACT B 2 .   ? -1.934  -4.018  2.348   1.00 25.33 ? 201 ACT A O   1 
HETATM 1297 O OXT . ACT B 2 .   ? -0.114  -2.698  2.147   1.00 24.50 ? 201 ACT A OXT 1 
HETATM 1298 C CH3 . ACT B 2 .   ? -0.936  -3.137  4.319   1.00 28.21 ? 201 ACT A CH3 1 
HETATM 1299 C C   . ACT C 2 .   ? 7.165   -2.306  12.557  1.00 29.00 ? 202 ACT A C   1 
HETATM 1300 O O   . ACT C 2 .   ? 8.385   -2.056  12.541  1.00 37.76 ? 202 ACT A O   1 
HETATM 1301 O OXT . ACT C 2 .   ? 6.663   -3.079  13.363  1.00 38.64 ? 202 ACT A OXT 1 
HETATM 1302 C CH3 . ACT C 2 .   ? 6.307   -1.656  11.577  1.00 25.88 ? 202 ACT A CH3 1 
HETATM 1303 C C1  . NAG D 3 .   ? -1.972  10.844  -14.172 1.00 51.36 ? 203 NAG A C1  1 
HETATM 1304 C C2  . NAG D 3 .   ? -1.896  11.269  -15.632 1.00 58.93 ? 203 NAG A C2  1 
HETATM 1305 C C3  . NAG D 3 .   ? -0.736  12.238  -15.826 1.00 63.00 ? 203 NAG A C3  1 
HETATM 1306 C C4  . NAG D 3 .   ? -0.919  13.456  -14.913 1.00 62.47 ? 203 NAG A C4  1 
HETATM 1307 C C5  . NAG D 3 .   ? -1.028  12.989  -13.462 1.00 59.91 ? 203 NAG A C5  1 
HETATM 1308 C C6  . NAG D 3 .   ? -1.393  14.124  -12.521 1.00 60.50 ? 203 NAG A C6  1 
HETATM 1309 C C7  . NAG D 3 .   ? -2.628  9.581   -17.262 1.00 66.46 ? 203 NAG A C7  1 
HETATM 1310 C C8  . NAG D 3 .   ? -2.258  8.288   -17.937 1.00 68.54 ? 203 NAG A C8  1 
HETATM 1311 N N2  . NAG D 3 .   ? -1.721  10.049  -16.404 1.00 61.34 ? 203 NAG A N2  1 
HETATM 1312 O O3  . NAG D 3 .   ? -0.678  12.600  -17.205 1.00 67.51 ? 203 NAG A O3  1 
HETATM 1313 O O4  . NAG D 3 .   ? 0.171   14.381  -15.043 1.00 66.94 ? 203 NAG A O4  1 
HETATM 1314 O O5  . NAG D 3 .   ? -2.044  11.990  -13.313 1.00 53.09 ? 203 NAG A O5  1 
HETATM 1315 O O6  . NAG D 3 .   ? -1.285  13.637  -11.176 1.00 61.77 ? 203 NAG A O6  1 
HETATM 1316 O O7  . NAG D 3 .   ? -3.682  10.160  -17.505 1.00 66.59 ? 203 NAG A O7  1 
HETATM 1317 C C1  . NAG E 3 .   ? 12.251  2.901   15.706  1.00 49.51 ? 204 NAG A C1  1 
HETATM 1318 C C2  . NAG E 3 .   ? 13.071  1.934   14.857  1.00 53.58 ? 204 NAG A C2  1 
HETATM 1319 C C3  . NAG E 3 .   ? 14.148  1.277   15.704  1.00 56.93 ? 204 NAG A C3  1 
HETATM 1320 C C4  . NAG E 3 .   ? 15.149  2.350   16.106  1.00 57.89 ? 204 NAG A C4  1 
HETATM 1321 C C5  . NAG E 3 .   ? 14.454  3.563   16.736  1.00 57.02 ? 204 NAG A C5  1 
HETATM 1322 C C6  . NAG E 3 .   ? 15.370  4.752   16.479  1.00 56.35 ? 204 NAG A C6  1 
HETATM 1323 C C7  . NAG E 3 .   ? 11.859  0.884   12.995  1.00 56.68 ? 204 NAG A C7  1 
HETATM 1324 C C8  . NAG E 3 .   ? 10.977  -0.270  12.629  1.00 57.79 ? 204 NAG A C8  1 
HETATM 1325 N N2  . NAG E 3 .   ? 12.221  0.913   14.279  1.00 55.39 ? 204 NAG A N2  1 
HETATM 1326 O O3  . NAG E 3 .   ? 14.795  0.246   14.951  1.00 58.05 ? 204 NAG A O3  1 
HETATM 1327 O O4  . NAG E 3 .   ? 16.131  1.840   17.024  1.00 58.86 ? 204 NAG A O4  1 
HETATM 1328 O O5  . NAG E 3 .   ? 13.133  3.900   16.237  1.00 52.92 ? 204 NAG A O5  1 
HETATM 1329 O O6  . NAG E 3 .   ? 14.915  5.861   17.237  1.00 58.94 ? 204 NAG A O6  1 
HETATM 1330 O O7  . NAG E 3 .   ? 12.198  1.715   12.166  1.00 58.57 ? 204 NAG A O7  1 
HETATM 1331 O O   . HOH F 4 .   ? 12.381  1.539   2.126   1.00 46.34 ? 301 HOH A O   1 
HETATM 1332 O O   . HOH F 4 .   ? 9.926   -0.803  -19.993 1.00 37.41 ? 302 HOH A O   1 
HETATM 1333 O O   . HOH F 4 .   ? -2.389  5.086   -8.912  1.00 30.51 ? 303 HOH A O   1 
HETATM 1334 O O   . HOH F 4 .   ? 8.523   4.464   -0.694  1.00 30.51 ? 304 HOH A O   1 
HETATM 1335 O O   . HOH F 4 .   ? 10.176  -10.289 -0.966  1.00 20.38 ? 305 HOH A O   1 
HETATM 1336 O O   . HOH F 4 .   ? -6.536  -20.044 -1.661  1.00 45.48 ? 306 HOH A O   1 
HETATM 1337 O O   . HOH F 4 .   ? -15.053 -11.011 -6.778  1.00 32.69 ? 307 HOH A O   1 
HETATM 1338 O O   . HOH F 4 .   ? -6.895  12.632  -5.121  1.00 33.79 ? 308 HOH A O   1 
HETATM 1339 O O   . HOH F 4 .   ? -0.612  15.688  17.806  1.00 42.34 ? 309 HOH A O   1 
HETATM 1340 O O   . HOH F 4 .   ? -7.137  17.521  -0.710  1.00 42.42 ? 310 HOH A O   1 
HETATM 1341 O O   . HOH F 4 .   ? -0.629  18.717  16.443  1.00 53.92 ? 311 HOH A O   1 
HETATM 1342 O O   . HOH F 4 .   ? 19.143  5.512   -3.821  1.00 37.21 ? 312 HOH A O   1 
HETATM 1343 O O   . HOH F 4 .   ? 8.355   10.207  -7.839  1.00 34.91 ? 313 HOH A O   1 
HETATM 1344 O O   . HOH F 4 .   ? -0.540  10.215  -11.028 1.00 30.70 ? 314 HOH A O   1 
HETATM 1345 O O   . HOH F 4 .   ? -9.711  -14.949 -5.047  1.00 34.40 ? 315 HOH A O   1 
HETATM 1346 O O   . HOH F 4 .   ? 7.554   2.985   -15.635 1.00 43.58 ? 316 HOH A O   1 
HETATM 1347 O O   . HOH F 4 .   ? -2.345  -2.704  16.360  1.00 25.92 ? 317 HOH A O   1 
HETATM 1348 O O   . HOH F 4 .   ? -16.823 -8.221  -0.265  1.00 30.81 ? 318 HOH A O   1 
HETATM 1349 O O   . HOH F 4 .   ? 11.936  13.065  -10.428 1.00 39.19 ? 319 HOH A O   1 
HETATM 1350 O O   . HOH F 4 .   ? -10.682 6.139   7.629   1.00 41.58 ? 320 HOH A O   1 
HETATM 1351 O O   . HOH F 4 .   ? 10.141  1.354   3.917   1.00 21.30 ? 321 HOH A O   1 
HETATM 1352 O O   . HOH F 4 .   ? 5.049   1.223   -24.104 1.00 40.70 ? 322 HOH A O   1 
HETATM 1353 O O   . HOH F 4 .   ? 9.227   -16.926 2.383   1.00 17.26 ? 323 HOH A O   1 
HETATM 1354 O O   . HOH F 4 .   ? 16.771  7.439   18.128  1.00 40.90 ? 324 HOH A O   1 
HETATM 1355 O O   . HOH F 4 .   ? 2.549   -16.857 5.912   1.00 20.15 ? 325 HOH A O   1 
HETATM 1356 O O   . HOH F 4 .   ? -14.221 9.659   -3.300  1.00 31.31 ? 326 HOH A O   1 
HETATM 1357 O O   . HOH F 4 .   ? -12.070 1.031   5.280   1.00 27.12 ? 327 HOH A O   1 
HETATM 1358 O O   . HOH F 4 .   ? 0.745   19.483  -0.891  1.00 47.11 ? 328 HOH A O   1 
HETATM 1359 O O   . HOH F 4 .   ? 8.942   -15.389 9.342   1.00 35.73 ? 329 HOH A O   1 
HETATM 1360 O O   . HOH F 4 .   ? -2.891  -2.396  19.271  1.00 44.71 ? 330 HOH A O   1 
HETATM 1361 O O   . HOH F 4 .   ? -6.160  0.060   9.525   1.00 18.19 ? 331 HOH A O   1 
HETATM 1362 O O   . HOH F 4 .   ? 16.712  -8.520  7.206   1.00 50.76 ? 332 HOH A O   1 
HETATM 1363 O O   . HOH F 4 .   ? -2.892  17.183  11.354  1.00 42.96 ? 333 HOH A O   1 
HETATM 1364 O O   . HOH F 4 .   ? 8.831   -1.017  -4.787  1.00 20.18 ? 334 HOH A O   1 
HETATM 1365 O O   . HOH F 4 .   ? -3.259  -5.640  3.943   1.00 30.82 ? 335 HOH A O   1 
HETATM 1366 O O   . HOH F 4 .   ? -11.009 6.340   -13.466 1.00 40.39 ? 336 HOH A O   1 
HETATM 1367 O O   . HOH F 4 .   ? -6.007  5.827   15.628  1.00 33.45 ? 337 HOH A O   1 
HETATM 1368 O O   . HOH F 4 .   ? -1.992  4.812   13.818  1.00 23.42 ? 338 HOH A O   1 
HETATM 1369 O O   . HOH F 4 .   ? 2.462   4.368   16.447  1.00 26.63 ? 339 HOH A O   1 
HETATM 1370 O O   . HOH F 4 .   ? 2.478   -2.340  2.682   1.00 19.79 ? 340 HOH A O   1 
HETATM 1371 O O   . HOH F 4 .   ? 0.391   -17.723 2.724   1.00 17.89 ? 341 HOH A O   1 
HETATM 1372 O O   . HOH F 4 .   ? -8.420  -3.357  -12.067 1.00 36.23 ? 342 HOH A O   1 
HETATM 1373 O O   . HOH F 4 .   ? 8.053   16.261  10.075  1.00 21.23 ? 343 HOH A O   1 
HETATM 1374 O O   . HOH F 4 .   ? -6.516  16.892  3.932   1.00 39.80 ? 344 HOH A O   1 
HETATM 1375 O O   . HOH F 4 .   ? -10.454 -4.508  9.864   1.00 37.47 ? 345 HOH A O   1 
HETATM 1376 O O   . HOH F 4 .   ? -0.345  -16.064 -1.722  1.00 19.40 ? 346 HOH A O   1 
HETATM 1377 O O   . HOH F 4 .   ? -7.213  8.044   -6.258  1.00 20.16 ? 347 HOH A O   1 
HETATM 1378 O O   . HOH F 4 .   ? 2.281   0.813   -23.066 1.00 42.31 ? 348 HOH A O   1 
HETATM 1379 O O   . HOH F 4 .   ? 14.757  14.134  8.109   1.00 20.66 ? 349 HOH A O   1 
HETATM 1380 O O   . HOH F 4 .   ? 11.798  2.399   -11.235 1.00 26.58 ? 350 HOH A O   1 
HETATM 1381 O O   . HOH F 4 .   ? -4.193  -12.989 12.376  1.00 39.49 ? 351 HOH A O   1 
HETATM 1382 O O   . HOH F 4 .   ? -14.891 -8.132  -4.282  1.00 30.16 ? 352 HOH A O   1 
HETATM 1383 O O   . HOH F 4 .   ? 0.080   -0.506  0.206   1.00 26.82 ? 353 HOH A O   1 
HETATM 1384 O O   . HOH F 4 .   ? 12.994  -7.202  -4.035  1.00 41.41 ? 354 HOH A O   1 
HETATM 1385 O O   . HOH F 4 .   ? 2.845   0.900   12.248  1.00 28.54 ? 355 HOH A O   1 
HETATM 1386 O O   . HOH F 4 .   ? 11.754  8.322   -8.985  1.00 38.91 ? 356 HOH A O   1 
HETATM 1387 O O   . HOH F 4 .   ? 12.003  10.408  1.351   1.00 35.03 ? 357 HOH A O   1 
HETATM 1388 O O   . HOH F 4 .   ? -12.472 -7.738  6.396   1.00 29.17 ? 358 HOH A O   1 
HETATM 1389 O O   . HOH F 4 .   ? -14.266 -0.258  -9.497  1.00 37.25 ? 359 HOH A O   1 
HETATM 1390 O O   . HOH F 4 .   ? -7.420  -17.267 4.621   1.00 18.76 ? 360 HOH A O   1 
HETATM 1391 O O   . HOH F 4 .   ? 4.075   -8.291  13.177  1.00 44.66 ? 361 HOH A O   1 
HETATM 1392 O O   . HOH F 4 .   ? 6.934   -2.241  3.058   1.00 19.43 ? 362 HOH A O   1 
HETATM 1393 O O   . HOH F 4 .   ? 10.612  2.784   6.210   1.00 41.23 ? 363 HOH A O   1 
HETATM 1394 O O   . HOH F 4 .   ? 10.772  11.917  13.125  1.00 20.70 ? 364 HOH A O   1 
HETATM 1395 O O   . HOH F 4 .   ? 7.072   8.986   -14.452 1.00 31.52 ? 365 HOH A O   1 
HETATM 1396 O O   . HOH F 4 .   ? 4.696   0.321   -12.016 1.00 22.57 ? 366 HOH A O   1 
HETATM 1397 O O   . HOH F 4 .   ? 13.574  -1.993  -9.770  1.00 38.12 ? 367 HOH A O   1 
HETATM 1398 O O   . HOH F 4 .   ? 4.853   17.868  5.485   1.00 22.52 ? 368 HOH A O   1 
HETATM 1399 O O   . HOH F 4 .   ? 4.772   17.234  11.701  1.00 32.32 ? 369 HOH A O   1 
HETATM 1400 O O   . HOH F 4 .   ? 7.345   -3.647  -13.607 1.00 19.33 ? 370 HOH A O   1 
HETATM 1401 O O   . HOH F 4 .   ? 4.807   2.162   16.228  1.00 29.28 ? 371 HOH A O   1 
HETATM 1402 O O   . HOH F 4 .   ? -11.091 -3.147  -10.373 1.00 36.80 ? 372 HOH A O   1 
HETATM 1403 O O   . HOH F 4 .   ? 13.116  4.983   -19.662 1.00 51.65 ? 373 HOH A O   1 
HETATM 1404 O O   . HOH F 4 .   ? -4.336  -12.233 -7.515  1.00 22.33 ? 374 HOH A O   1 
HETATM 1405 O O   . HOH F 4 .   ? -6.674  -6.615  11.588  1.00 29.87 ? 375 HOH A O   1 
HETATM 1406 O O   . HOH F 4 .   ? 4.145   -9.384  10.808  1.00 34.70 ? 376 HOH A O   1 
HETATM 1407 O O   . HOH F 4 .   ? 6.497   -1.787  -11.712 1.00 18.16 ? 377 HOH A O   1 
HETATM 1408 O O   . HOH F 4 .   ? 9.638   -3.749  -4.945  1.00 24.36 ? 378 HOH A O   1 
HETATM 1409 O O   . HOH F 4 .   ? 2.948   10.350  -13.757 1.00 40.45 ? 379 HOH A O   1 
HETATM 1410 O O   . HOH F 4 .   ? 4.142   4.181   -8.590  1.00 18.04 ? 380 HOH A O   1 
HETATM 1411 O O   . HOH F 4 .   ? 8.262   -6.047  -16.279 1.00 26.24 ? 381 HOH A O   1 
HETATM 1412 O O   . HOH F 4 .   ? 3.024   -17.119 0.211   1.00 16.37 ? 382 HOH A O   1 
HETATM 1413 O O   . HOH F 4 .   ? -8.575  -5.590  13.949  1.00 30.00 ? 383 HOH A O   1 
HETATM 1414 O O   . HOH F 4 .   ? 11.541  6.213   7.163   1.00 25.74 ? 384 HOH A O   1 
HETATM 1415 O O   . HOH F 4 .   ? 12.926  5.093   -7.243  1.00 27.12 ? 385 HOH A O   1 
HETATM 1416 O O   . HOH F 4 .   ? -11.456 5.365   -5.709  1.00 24.14 ? 386 HOH A O   1 
HETATM 1417 O O   . HOH F 4 .   ? -6.538  -1.537  -12.478 1.00 18.69 ? 387 HOH A O   1 
HETATM 1418 O O   . HOH F 4 .   ? -1.875  3.454   18.178  1.00 43.50 ? 388 HOH A O   1 
HETATM 1419 O O   . HOH F 4 .   ? -11.335 -14.218 -1.291  1.00 30.85 ? 389 HOH A O   1 
HETATM 1420 O O   . HOH F 4 .   ? 11.088  -5.162  6.781   1.00 34.49 ? 390 HOH A O   1 
HETATM 1421 O O   . HOH F 4 .   ? -3.696  1.999   20.134  1.00 48.44 ? 391 HOH A O   1 
HETATM 1422 O O   . HOH F 4 .   ? -8.717  8.981   6.617   1.00 51.61 ? 392 HOH A O   1 
HETATM 1423 O O   . HOH F 4 .   ? -7.126  11.017  13.164  1.00 35.59 ? 393 HOH A O   1 
HETATM 1424 O O   . HOH F 4 .   ? -13.592 0.599   0.606   1.00 22.68 ? 394 HOH A O   1 
HETATM 1425 O O   . HOH F 4 .   ? -9.339  10.983  3.157   1.00 26.67 ? 395 HOH A O   1 
HETATM 1426 O O   . HOH F 4 .   ? -8.094  1.456   17.068  1.00 54.79 ? 396 HOH A O   1 
HETATM 1427 O O   . HOH F 4 .   ? -10.269 -11.465 -9.078  1.00 23.24 ? 397 HOH A O   1 
HETATM 1428 O O   . HOH F 4 .   ? -13.213 2.095   9.034   1.00 31.53 ? 398 HOH A O   1 
HETATM 1429 O O   . HOH F 4 .   ? -0.525  -4.700  16.221  1.00 25.05 ? 399 HOH A O   1 
HETATM 1430 O O   . HOH F 4 .   ? -9.411  4.937   13.721  1.00 43.55 ? 400 HOH A O   1 
HETATM 1431 O O   . HOH F 4 .   ? -15.735 -1.745  -1.348  1.00 39.92 ? 401 HOH A O   1 
HETATM 1432 O O   . HOH F 4 .   ? 13.876  -3.128  -12.813 1.00 34.54 ? 402 HOH A O   1 
HETATM 1433 O O   . HOH F 4 .   ? 8.299   -7.429  -14.253 1.00 42.09 ? 403 HOH A O   1 
HETATM 1434 O O   . HOH F 4 .   ? 10.608  9.971   17.056  1.00 42.47 ? 404 HOH A O   1 
HETATM 1435 O O   . HOH F 4 .   ? 1.555   16.212  -13.259 1.00 48.03 ? 405 HOH A O   1 
HETATM 1436 O O   . HOH F 4 .   ? 2.276   -12.245 8.398   1.00 31.05 ? 406 HOH A O   1 
HETATM 1437 O O   . HOH F 4 .   ? -3.627  4.281   -11.259 1.00 27.64 ? 407 HOH A O   1 
HETATM 1438 O O   . HOH F 4 .   ? 9.533   -3.241  2.720   1.00 20.96 ? 408 HOH A O   1 
HETATM 1439 O O   . HOH F 4 .   ? -2.158  4.719   -13.526 1.00 43.46 ? 409 HOH A O   1 
HETATM 1440 O O   . HOH F 4 .   ? -12.110 3.864   4.996   1.00 23.04 ? 410 HOH A O   1 
HETATM 1441 O O   . HOH F 4 .   ? 11.035  -5.105  9.224   1.00 46.18 ? 411 HOH A O   1 
HETATM 1442 O O   . HOH F 4 .   ? -13.289 -0.913  12.215  1.00 34.94 ? 412 HOH A O   1 
HETATM 1443 O O   . HOH F 4 .   ? 11.750  -2.755  7.262   1.00 43.00 ? 413 HOH A O   1 
HETATM 1444 O O   . HOH F 4 .   ? 11.175  -8.351  12.106  1.00 32.72 ? 414 HOH A O   1 
HETATM 1445 O O   . HOH F 4 .   ? -12.439 7.641   -6.838  1.00 32.98 ? 415 HOH A O   1 
HETATM 1446 O O   . HOH F 4 .   ? -11.545 -1.004  -9.181  1.00 28.46 ? 416 HOH A O   1 
HETATM 1447 O O   . HOH F 4 .   ? 8.041   -0.232  4.878   1.00 24.27 ? 417 HOH A O   1 
HETATM 1448 O O   . HOH F 4 .   ? 0.418   -18.026 -0.011  1.00 20.26 ? 418 HOH A O   1 
HETATM 1449 O O   . HOH F 4 .   ? 9.206   8.482   -9.546  1.00 38.13 ? 419 HOH A O   1 
HETATM 1450 O O   . HOH F 4 .   ? 8.774   11.822  16.368  1.00 48.60 ? 420 HOH A O   1 
HETATM 1451 O O   . HOH F 4 .   ? 12.734  -6.760  4.780   1.00 43.27 ? 421 HOH A O   1 
HETATM 1452 O O   . HOH F 4 .   ? 10.039  6.952   17.335  1.00 40.68 ? 422 HOH A O   1 
HETATM 1453 O O   . HOH F 4 .   ? 3.939   0.965   -14.575 1.00 31.07 ? 423 HOH A O   1 
HETATM 1454 O O   . HOH F 4 .   ? -7.048  10.902  7.359   1.00 27.46 ? 424 HOH A O   1 
HETATM 1455 O O   . HOH F 4 .   ? 6.059   15.399  -4.525  1.00 33.06 ? 425 HOH A O   1 
HETATM 1456 O O   . HOH F 4 .   ? 7.334   7.543   19.682  1.00 44.37 ? 426 HOH A O   1 
HETATM 1457 O O   . HOH F 4 .   ? 0.437   18.373  13.121  1.00 42.03 ? 427 HOH A O   1 
HETATM 1458 O O   . HOH F 4 .   ? -6.945  9.512   17.172  1.00 48.81 ? 428 HOH A O   1 
HETATM 1459 O O   . HOH F 4 .   ? -9.333  14.593  6.010   1.00 47.63 ? 429 HOH A O   1 
HETATM 1460 O O   . HOH F 4 .   ? 15.130  2.097   -4.118  1.00 53.79 ? 430 HOH A O   1 
HETATM 1461 O O   . HOH F 4 .   ? 16.997  9.928   -14.238 1.00 56.32 ? 431 HOH A O   1 
HETATM 1462 O O   . HOH F 4 .   ? -1.962  12.205  -7.619  1.00 44.27 ? 432 HOH A O   1 
HETATM 1463 O O   . HOH F 4 .   ? 5.543   17.094  2.335   1.00 42.05 ? 433 HOH A O   1 
HETATM 1464 O O   . HOH F 4 .   ? -19.566 4.301   -6.446  1.00 40.72 ? 434 HOH A O   1 
HETATM 1465 O O   . HOH F 4 .   ? 13.425  8.949   16.270  1.00 38.79 ? 435 HOH A O   1 
HETATM 1466 O O   . HOH F 4 .   ? 7.712   -1.906  -26.816 1.00 41.57 ? 436 HOH A O   1 
HETATM 1467 O O   . HOH F 4 .   ? 3.311   -11.938 10.598  1.00 39.73 ? 437 HOH A O   1 
HETATM 1468 O O   . HOH F 4 .   ? 13.286  15.534  3.980   1.00 51.84 ? 438 HOH A O   1 
HETATM 1469 O O   . HOH F 4 .   ? 20.078  -12.033 -0.134  1.00 50.69 ? 439 HOH A O   1 
HETATM 1470 O O   . HOH F 4 .   ? -6.383  -27.238 0.078   1.00 47.57 ? 440 HOH A O   1 
HETATM 1471 O O   . HOH F 4 .   ? -2.456  14.683  22.259  1.00 53.77 ? 441 HOH A O   1 
HETATM 1472 O O   . HOH F 4 .   ? -8.021  12.324  5.277   1.00 34.87 ? 442 HOH A O   1 
HETATM 1473 O O   . HOH F 4 .   ? 3.957   3.104   -11.320 1.00 22.98 ? 443 HOH A O   1 
HETATM 1474 O O   . HOH F 4 .   ? 14.679  3.929   1.976   1.00 51.88 ? 444 HOH A O   1 
HETATM 1475 O O   . HOH F 4 .   ? -14.678 -3.889  6.102   1.00 41.67 ? 445 HOH A O   1 
HETATM 1476 O O   . HOH F 4 .   ? 1.186   8.487   -14.653 1.00 47.72 ? 446 HOH A O   1 
HETATM 1477 O O   . HOH F 4 .   ? 4.720   7.269   -14.743 1.00 41.06 ? 447 HOH A O   1 
HETATM 1478 O O   . HOH F 4 .   ? -16.310 -0.594  -11.859 1.00 40.85 ? 448 HOH A O   1 
HETATM 1479 O O   . HOH F 4 .   ? 11.992  4.478   -9.561  1.00 31.48 ? 449 HOH A O   1 
HETATM 1480 O O   . HOH F 4 .   ? 12.697  3.536   -23.395 1.00 50.28 ? 450 HOH A O   1 
HETATM 1481 O O   . HOH F 4 .   ? 0.192   3.333   15.209  1.00 30.38 ? 451 HOH A O   1 
HETATM 1482 O O   . HOH F 4 .   ? 12.241  2.057   8.236   1.00 40.86 ? 452 HOH A O   1 
HETATM 1483 O O   . HOH F 4 .   ? 2.823   0.841   14.886  1.00 38.17 ? 453 HOH A O   1 
HETATM 1484 O O   . HOH F 4 .   ? 4.176   4.947   -13.665 1.00 36.81 ? 454 HOH A O   1 
HETATM 1485 O O   . HOH F 4 .   ? 8.760   16.488  13.122  1.00 32.81 ? 455 HOH A O   1 
HETATM 1486 O O   . HOH F 4 .   ? -0.144  -6.317  18.263  1.00 46.68 ? 456 HOH A O   1 
HETATM 1487 O O   . HOH F 4 .   ? -5.660  -5.969  2.483   1.00 20.80 ? 457 HOH A O   1 
HETATM 1488 O O   . HOH F 4 .   ? -6.876  18.290  1.623   1.00 45.47 ? 458 HOH A O   1 
HETATM 1489 O O   . HOH F 4 .   ? 1.935   -14.879 7.822   1.00 26.31 ? 459 HOH A O   1 
HETATM 1490 O O   . HOH F 4 .   ? -10.835 9.419   4.640   1.00 31.77 ? 460 HOH A O   1 
HETATM 1491 O O   . HOH F 4 .   ? 11.354  -1.360  3.178   1.00 34.93 ? 461 HOH A O   1 
HETATM 1492 O O   . HOH F 4 .   ? 12.276  -4.025  -4.922  1.00 31.54 ? 462 HOH A O   1 
HETATM 1493 O O   . HOH F 4 .   ? 2.538   3.649   19.049  1.00 44.69 ? 463 HOH A O   1 
HETATM 1494 O O   . HOH F 4 .   ? 5.729   -7.273  14.421  1.00 35.22 ? 464 HOH A O   1 
HETATM 1495 O O   . HOH F 4 .   ? 5.467   18.456  0.182   1.00 46.28 ? 465 HOH A O   1 
HETATM 1496 O O   . HOH F 4 .   ? 1.979   -3.468  16.855  1.00 42.07 ? 466 HOH A O   1 
HETATM 1497 O O   . HOH F 4 .   ? 12.839  4.759   8.877   1.00 32.00 ? 467 HOH A O   1 
HETATM 1498 O O   . HOH F 4 .   ? 0.855   -15.963 10.128  1.00 30.89 ? 468 HOH A O   1 
HETATM 1499 O O   . HOH F 4 .   ? -12.788 7.885   4.173   1.00 34.56 ? 469 HOH A O   1 
HETATM 1500 O O   . HOH F 4 .   ? -7.723  12.226  9.589   1.00 32.16 ? 470 HOH A O   1 
# 
